data_3GG6
# 
_entry.id   3GG6 
# 
_audit_conform.dict_name       mmcif_pdbx.dic 
_audit_conform.dict_version    5.378 
_audit_conform.dict_location   http://mmcif.pdb.org/dictionaries/ascii/mmcif_pdbx.dic 
# 
loop_
_database_2.database_id 
_database_2.database_code 
_database_2.pdbx_database_accession 
_database_2.pdbx_DOI 
PDB   3GG6         pdb_00003gg6 10.2210/pdb3gg6/pdb 
RCSB  RCSB051818   ?            ?                   
WWPDB D_1000051818 ?            ?                   
# 
_pdbx_database_status.status_code                     REL 
_pdbx_database_status.entry_id                        3GG6 
_pdbx_database_status.recvd_initial_deposition_date   2009-02-27 
_pdbx_database_status.deposit_site                    RCSB 
_pdbx_database_status.process_site                    RCSB 
_pdbx_database_status.status_code_sf                  REL 
_pdbx_database_status.status_code_mr                  ? 
_pdbx_database_status.SG_entry                        Y 
_pdbx_database_status.pdb_format_compatible           Y 
_pdbx_database_status.status_code_cs                  ? 
_pdbx_database_status.status_code_nmr_data            ? 
_pdbx_database_status.methods_development_category    ? 
# 
loop_
_audit_author.name 
_audit_author.pdbx_ordinal 
'Tresaugues, L.'                       1  
'Siponen, M.I.'                        2  
'Lehtio, L.'                           3  
'Arrowsmith, C.H.'                     4  
'Berglund, H.'                         5  
'Bountra, C.'                          6  
'Collins, R.'                          7  
'Dahlgren, L.G.'                       8  
'Edwards, A.M.'                        9  
'Flodin, S.'                           10 
'Flores, A.'                           11 
'Graslund, S.'                         12 
'Hammarstrom, M.'                      13 
'Johansson, A.'                        14 
'Johansson, I.'                        15 
'Karlberg, T.'                         16 
'Kotenyova, T.'                        17 
'Moche, M.'                            18 
'Nilsson, M.E.'                        19 
'Nyman, T.'                            20 
'Persson, C.'                          21 
'Sagemark, J.'                         22 
'Schueler, H.'                         23 
'Thorsell, A.G.'                       24 
'Van Den Berg, S.'                     25 
'Weigelt, J.'                          26 
'Welin, M.'                            27 
'Wisniewska, M.'                       28 
'Nordlund, P.'                         29 
'Structural Genomics Consortium (SGC)' 30 
# 
_citation.id                        primary 
_citation.title                     'Crystal structure of the NUDIX domain of human NUDT18' 
_citation.journal_abbrev            'To be Published' 
_citation.journal_volume            ? 
_citation.page_first                ? 
_citation.page_last                 ? 
_citation.year                      ? 
_citation.journal_id_ASTM           ? 
_citation.country                   ? 
_citation.journal_id_ISSN           ? 
_citation.journal_id_CSD            0353 
_citation.book_publisher            ? 
_citation.pdbx_database_id_PubMed   ? 
_citation.pdbx_database_id_DOI      ? 
# 
loop_
_citation_author.citation_id 
_citation_author.name 
_citation_author.ordinal 
_citation_author.identifier_ORCID 
primary 'Tresaugues, L.'   1  ? 
primary 'Siponen, M.I.'    2  ? 
primary 'Lehtio, L.'       3  ? 
primary 'Arrowsmith, C.H.' 4  ? 
primary 'Berglund, H.'     5  ? 
primary 'Bountra, C.'      6  ? 
primary 'Collins, R.'      7  ? 
primary 'Dahlgren, L.G.'   8  ? 
primary 'Edwards, A.M.'    9  ? 
primary 'Flodin, S.'       10 ? 
primary 'Flores, A.'       11 ? 
primary 'Graslund, S.'     12 ? 
primary 'Hammarstrom, M.'  13 ? 
primary 'Johansson, A.'    14 ? 
primary 'Johansson, I.'    15 ? 
primary 'Karlberg, T.'     16 ? 
primary 'Kotenyova, T.'    17 ? 
primary 'Moche, M.'        18 ? 
primary 'Nilsson, M.E.'    19 ? 
primary 'Nyman, T.'        20 ? 
primary 'Persson, C.'      21 ? 
primary 'Sagemark, J.'     22 ? 
primary 'Schueler, H.'     23 ? 
primary 'Thorsell, A.G.'   24 ? 
primary 'Van Den Berg, S.' 25 ? 
primary 'Weigelt, J.'      26 ? 
primary 'Welin, M.'        27 ? 
primary 'Wisniewska, M.'   28 ? 
primary 'Nordlund, P.'     29 ? 
# 
_cell.entry_id           3GG6 
_cell.length_a           31.660 
_cell.length_b           60.130 
_cell.length_c           76.090 
_cell.angle_alpha        90.00 
_cell.angle_beta         90.00 
_cell.angle_gamma        90.00 
_cell.Z_PDB              4 
_cell.pdbx_unique_axis   ? 
_cell.length_a_esd       ? 
_cell.length_b_esd       ? 
_cell.length_c_esd       ? 
_cell.angle_alpha_esd    ? 
_cell.angle_beta_esd     ? 
_cell.angle_gamma_esd    ? 
# 
_symmetry.entry_id                         3GG6 
_symmetry.space_group_name_H-M             'P 21 21 21' 
_symmetry.pdbx_full_space_group_name_H-M   ? 
_symmetry.cell_setting                     ? 
_symmetry.Int_Tables_number                19 
_symmetry.space_group_name_Hall            ? 
# 
loop_
_entity.id 
_entity.type 
_entity.src_method 
_entity.pdbx_description 
_entity.formula_weight 
_entity.pdbx_number_of_molecules 
_entity.pdbx_ec 
_entity.pdbx_mutation 
_entity.pdbx_fragment 
_entity.details 
1 polymer man 'Nucleoside diphosphate-linked moiety X motif 18' 17501.084 1   3.6.1.- ? 'Nudix hydrolase domain' ? 
2 water   nat water                                             18.015    133 ?       ? ?                        ? 
# 
_entity_name_com.entity_id   1 
_entity_name_com.name        'Nudix motif 18' 
# 
_entity_poly.entity_id                      1 
_entity_poly.type                           'polypeptide(L)' 
_entity_poly.nstd_linkage                   no 
_entity_poly.nstd_monomer                   no 
_entity_poly.pdbx_seq_one_letter_code       
;SMSAPAGEPPAPVRLRKNVCYVVLAVFLSEQDEVLLIQEAKRECRGSWYLPAGRMEPGETIVEALQREVKEEAGLHCEPE
TLLSVEERGPSWVRFVFLARPTGGILKTSKEADAESLQAAWYPRTSLPTPLRAHDILHLVELAAQYRQQARHPLIL
;
_entity_poly.pdbx_seq_one_letter_code_can   
;SMSAPAGEPPAPVRLRKNVCYVVLAVFLSEQDEVLLIQEAKRECRGSWYLPAGRMEPGETIVEALQREVKEEAGLHCEPE
TLLSVEERGPSWVRFVFLARPTGGILKTSKEADAESLQAAWYPRTSLPTPLRAHDILHLVELAAQYRQQARHPLIL
;
_entity_poly.pdbx_strand_id                 A 
_entity_poly.pdbx_target_identifier         ? 
# 
loop_
_entity_poly_seq.entity_id 
_entity_poly_seq.num 
_entity_poly_seq.mon_id 
_entity_poly_seq.hetero 
1 1   SER n 
1 2   MET n 
1 3   SER n 
1 4   ALA n 
1 5   PRO n 
1 6   ALA n 
1 7   GLY n 
1 8   GLU n 
1 9   PRO n 
1 10  PRO n 
1 11  ALA n 
1 12  PRO n 
1 13  VAL n 
1 14  ARG n 
1 15  LEU n 
1 16  ARG n 
1 17  LYS n 
1 18  ASN n 
1 19  VAL n 
1 20  CYS n 
1 21  TYR n 
1 22  VAL n 
1 23  VAL n 
1 24  LEU n 
1 25  ALA n 
1 26  VAL n 
1 27  PHE n 
1 28  LEU n 
1 29  SER n 
1 30  GLU n 
1 31  GLN n 
1 32  ASP n 
1 33  GLU n 
1 34  VAL n 
1 35  LEU n 
1 36  LEU n 
1 37  ILE n 
1 38  GLN n 
1 39  GLU n 
1 40  ALA n 
1 41  LYS n 
1 42  ARG n 
1 43  GLU n 
1 44  CYS n 
1 45  ARG n 
1 46  GLY n 
1 47  SER n 
1 48  TRP n 
1 49  TYR n 
1 50  LEU n 
1 51  PRO n 
1 52  ALA n 
1 53  GLY n 
1 54  ARG n 
1 55  MET n 
1 56  GLU n 
1 57  PRO n 
1 58  GLY n 
1 59  GLU n 
1 60  THR n 
1 61  ILE n 
1 62  VAL n 
1 63  GLU n 
1 64  ALA n 
1 65  LEU n 
1 66  GLN n 
1 67  ARG n 
1 68  GLU n 
1 69  VAL n 
1 70  LYS n 
1 71  GLU n 
1 72  GLU n 
1 73  ALA n 
1 74  GLY n 
1 75  LEU n 
1 76  HIS n 
1 77  CYS n 
1 78  GLU n 
1 79  PRO n 
1 80  GLU n 
1 81  THR n 
1 82  LEU n 
1 83  LEU n 
1 84  SER n 
1 85  VAL n 
1 86  GLU n 
1 87  GLU n 
1 88  ARG n 
1 89  GLY n 
1 90  PRO n 
1 91  SER n 
1 92  TRP n 
1 93  VAL n 
1 94  ARG n 
1 95  PHE n 
1 96  VAL n 
1 97  PHE n 
1 98  LEU n 
1 99  ALA n 
1 100 ARG n 
1 101 PRO n 
1 102 THR n 
1 103 GLY n 
1 104 GLY n 
1 105 ILE n 
1 106 LEU n 
1 107 LYS n 
1 108 THR n 
1 109 SER n 
1 110 LYS n 
1 111 GLU n 
1 112 ALA n 
1 113 ASP n 
1 114 ALA n 
1 115 GLU n 
1 116 SER n 
1 117 LEU n 
1 118 GLN n 
1 119 ALA n 
1 120 ALA n 
1 121 TRP n 
1 122 TYR n 
1 123 PRO n 
1 124 ARG n 
1 125 THR n 
1 126 SER n 
1 127 LEU n 
1 128 PRO n 
1 129 THR n 
1 130 PRO n 
1 131 LEU n 
1 132 ARG n 
1 133 ALA n 
1 134 HIS n 
1 135 ASP n 
1 136 ILE n 
1 137 LEU n 
1 138 HIS n 
1 139 LEU n 
1 140 VAL n 
1 141 GLU n 
1 142 LEU n 
1 143 ALA n 
1 144 ALA n 
1 145 GLN n 
1 146 TYR n 
1 147 ARG n 
1 148 GLN n 
1 149 GLN n 
1 150 ALA n 
1 151 ARG n 
1 152 HIS n 
1 153 PRO n 
1 154 LEU n 
1 155 ILE n 
1 156 LEU n 
# 
_entity_src_gen.entity_id                          1 
_entity_src_gen.pdbx_src_id                        1 
_entity_src_gen.pdbx_alt_source_flag               sample 
_entity_src_gen.pdbx_seq_type                      ? 
_entity_src_gen.pdbx_beg_seq_num                   ? 
_entity_src_gen.pdbx_end_seq_num                   ? 
_entity_src_gen.gene_src_common_name               human 
_entity_src_gen.gene_src_genus                     ? 
_entity_src_gen.pdbx_gene_src_gene                 NUDT18 
_entity_src_gen.gene_src_species                   ? 
_entity_src_gen.gene_src_strain                    ? 
_entity_src_gen.gene_src_tissue                    ? 
_entity_src_gen.gene_src_tissue_fraction           ? 
_entity_src_gen.gene_src_details                   ? 
_entity_src_gen.pdbx_gene_src_fragment             ? 
_entity_src_gen.pdbx_gene_src_scientific_name      'Homo sapiens' 
_entity_src_gen.pdbx_gene_src_ncbi_taxonomy_id     9606 
_entity_src_gen.pdbx_gene_src_variant              ? 
_entity_src_gen.pdbx_gene_src_cell_line            ? 
_entity_src_gen.pdbx_gene_src_atcc                 ? 
_entity_src_gen.pdbx_gene_src_organ                ? 
_entity_src_gen.pdbx_gene_src_organelle            ? 
_entity_src_gen.pdbx_gene_src_cell                 ? 
_entity_src_gen.pdbx_gene_src_cellular_location    ? 
_entity_src_gen.host_org_common_name               ? 
_entity_src_gen.pdbx_host_org_scientific_name      'Escherichia coli' 
_entity_src_gen.pdbx_host_org_ncbi_taxonomy_id     562 
_entity_src_gen.host_org_genus                     ? 
_entity_src_gen.pdbx_host_org_gene                 ? 
_entity_src_gen.pdbx_host_org_organ                ? 
_entity_src_gen.host_org_species                   ? 
_entity_src_gen.pdbx_host_org_tissue               ? 
_entity_src_gen.pdbx_host_org_tissue_fraction      ? 
_entity_src_gen.pdbx_host_org_strain               'BL21 DE3' 
_entity_src_gen.pdbx_host_org_variant              ? 
_entity_src_gen.pdbx_host_org_cell_line            ? 
_entity_src_gen.pdbx_host_org_atcc                 ? 
_entity_src_gen.pdbx_host_org_culture_collection   ? 
_entity_src_gen.pdbx_host_org_cell                 ? 
_entity_src_gen.pdbx_host_org_organelle            ? 
_entity_src_gen.pdbx_host_org_cellular_location    ? 
_entity_src_gen.pdbx_host_org_vector_type          PLASMID 
_entity_src_gen.pdbx_host_org_vector               ? 
_entity_src_gen.host_org_details                   ? 
_entity_src_gen.expression_system_id               ? 
_entity_src_gen.plasmid_name                       pNIC-BSA4 
_entity_src_gen.plasmid_details                    ? 
_entity_src_gen.pdbx_description                   ? 
# 
_struct_ref.id                         1 
_struct_ref.db_name                    UNP 
_struct_ref.db_code                    NUD18_HUMAN 
_struct_ref.pdbx_db_accession          Q6ZVK8 
_struct_ref.entity_id                  1 
_struct_ref.pdbx_seq_one_letter_code   
;SAPAGEPPAPVRLRKNVCYVVLAVFLSEQDEVLLIQEAKRECRGSWYLPAGRMEPGETIVEALQREVKEEAGLHCEPETL
LSVEERGPSWVRFVFLARPTGGILKTSKEADAESLQAAWYPRTSLPTPLRAHDILHLVELAAQYRQQARHPLIL
;
_struct_ref.pdbx_align_begin           26 
_struct_ref.pdbx_db_isoform            ? 
# 
_struct_ref_seq.align_id                      1 
_struct_ref_seq.ref_id                        1 
_struct_ref_seq.pdbx_PDB_id_code              3GG6 
_struct_ref_seq.pdbx_strand_id                A 
_struct_ref_seq.seq_align_beg                 3 
_struct_ref_seq.pdbx_seq_align_beg_ins_code   ? 
_struct_ref_seq.seq_align_end                 156 
_struct_ref_seq.pdbx_seq_align_end_ins_code   ? 
_struct_ref_seq.pdbx_db_accession             Q6ZVK8 
_struct_ref_seq.db_align_beg                  26 
_struct_ref_seq.pdbx_db_align_beg_ins_code    ? 
_struct_ref_seq.db_align_end                  179 
_struct_ref_seq.pdbx_db_align_end_ins_code    ? 
_struct_ref_seq.pdbx_auth_seq_align_beg       26 
_struct_ref_seq.pdbx_auth_seq_align_end       179 
# 
loop_
_struct_ref_seq_dif.align_id 
_struct_ref_seq_dif.pdbx_pdb_id_code 
_struct_ref_seq_dif.mon_id 
_struct_ref_seq_dif.pdbx_pdb_strand_id 
_struct_ref_seq_dif.seq_num 
_struct_ref_seq_dif.pdbx_pdb_ins_code 
_struct_ref_seq_dif.pdbx_seq_db_name 
_struct_ref_seq_dif.pdbx_seq_db_accession_code 
_struct_ref_seq_dif.db_mon_id 
_struct_ref_seq_dif.pdbx_seq_db_seq_num 
_struct_ref_seq_dif.details 
_struct_ref_seq_dif.pdbx_auth_seq_num 
_struct_ref_seq_dif.pdbx_ordinal 
1 3GG6 SER A 1 ? UNP Q6ZVK8 ? ? 'expression tag' 24 1 
1 3GG6 MET A 2 ? UNP Q6ZVK8 ? ? 'expression tag' 25 2 
# 
loop_
_chem_comp.id 
_chem_comp.type 
_chem_comp.mon_nstd_flag 
_chem_comp.name 
_chem_comp.pdbx_synonyms 
_chem_comp.formula 
_chem_comp.formula_weight 
ALA 'L-peptide linking' y ALANINE         ? 'C3 H7 N O2'     89.093  
ARG 'L-peptide linking' y ARGININE        ? 'C6 H15 N4 O2 1' 175.209 
ASN 'L-peptide linking' y ASPARAGINE      ? 'C4 H8 N2 O3'    132.118 
ASP 'L-peptide linking' y 'ASPARTIC ACID' ? 'C4 H7 N O4'     133.103 
CYS 'L-peptide linking' y CYSTEINE        ? 'C3 H7 N O2 S'   121.158 
GLN 'L-peptide linking' y GLUTAMINE       ? 'C5 H10 N2 O3'   146.144 
GLU 'L-peptide linking' y 'GLUTAMIC ACID' ? 'C5 H9 N O4'     147.129 
GLY 'peptide linking'   y GLYCINE         ? 'C2 H5 N O2'     75.067  
HIS 'L-peptide linking' y HISTIDINE       ? 'C6 H10 N3 O2 1' 156.162 
HOH non-polymer         . WATER           ? 'H2 O'           18.015  
ILE 'L-peptide linking' y ISOLEUCINE      ? 'C6 H13 N O2'    131.173 
LEU 'L-peptide linking' y LEUCINE         ? 'C6 H13 N O2'    131.173 
LYS 'L-peptide linking' y LYSINE          ? 'C6 H15 N2 O2 1' 147.195 
MET 'L-peptide linking' y METHIONINE      ? 'C5 H11 N O2 S'  149.211 
PHE 'L-peptide linking' y PHENYLALANINE   ? 'C9 H11 N O2'    165.189 
PRO 'L-peptide linking' y PROLINE         ? 'C5 H9 N O2'     115.130 
SER 'L-peptide linking' y SERINE          ? 'C3 H7 N O3'     105.093 
THR 'L-peptide linking' y THREONINE       ? 'C4 H9 N O3'     119.119 
TRP 'L-peptide linking' y TRYPTOPHAN      ? 'C11 H12 N2 O2'  204.225 
TYR 'L-peptide linking' y TYROSINE        ? 'C9 H11 N O3'    181.189 
VAL 'L-peptide linking' y VALINE          ? 'C5 H11 N O2'    117.146 
# 
_exptl.entry_id          3GG6 
_exptl.method            'X-RAY DIFFRACTION' 
_exptl.crystals_number   1 
# 
_exptl_crystal.id                    1 
_exptl_crystal.density_meas          ? 
_exptl_crystal.density_Matthews      2.07 
_exptl_crystal.density_percent_sol   40.56 
_exptl_crystal.description           ? 
_exptl_crystal.F_000                 ? 
_exptl_crystal.preparation           ? 
# 
_exptl_crystal_grow.crystal_id      1 
_exptl_crystal_grow.method          ? 
_exptl_crystal_grow.temp            293 
_exptl_crystal_grow.temp_details    ? 
_exptl_crystal_grow.pH              5.5 
_exptl_crystal_grow.pdbx_pH_range   ? 
_exptl_crystal_grow.pdbx_details    
'Tri-sodium citrate dihydrate 0.1M pH 5.5, PEG3000 20% w/v, 2mM 2  deoxyguanosine, VAPOR DIFFUSION, SITTING DROP, temperature 293K' 
# 
_diffrn.id                     1 
_diffrn.ambient_temp           173 
_diffrn.ambient_temp_details   ? 
_diffrn.crystal_id             1 
# 
_diffrn_detector.diffrn_id              1 
_diffrn_detector.detector               CCD 
_diffrn_detector.type                   'ADSC QUANTUM Q315r' 
_diffrn_detector.pdbx_collection_date   2008-12-11 
_diffrn_detector.details                MIRRORS 
# 
_diffrn_radiation.diffrn_id                        1 
_diffrn_radiation.wavelength_id                    1 
_diffrn_radiation.pdbx_monochromatic_or_laue_m_l   M 
_diffrn_radiation.monochromator                    'SI(111)' 
_diffrn_radiation.pdbx_diffrn_protocol             'SINGLE WAVELENGTH' 
_diffrn_radiation.pdbx_scattering_type             x-ray 
# 
_diffrn_radiation_wavelength.id           1 
_diffrn_radiation_wavelength.wavelength   0.98003 
_diffrn_radiation_wavelength.wt           1.0 
# 
_diffrn_source.diffrn_id                   1 
_diffrn_source.source                      SYNCHROTRON 
_diffrn_source.type                        'DIAMOND BEAMLINE I03' 
_diffrn_source.pdbx_synchrotron_site       Diamond 
_diffrn_source.pdbx_synchrotron_beamline   I03 
_diffrn_source.pdbx_wavelength             0.98003 
_diffrn_source.pdbx_wavelength_list        ? 
# 
_reflns.entry_id                     3GG6 
_reflns.observed_criterion_sigma_I   -3.000 
_reflns.observed_criterion_sigma_F   ? 
_reflns.d_resolution_low             25.000 
_reflns.d_resolution_high            2.100 
_reflns.number_obs                   8985 
_reflns.number_all                   ? 
_reflns.percent_possible_obs         99.8 
_reflns.pdbx_Rmerge_I_obs            0.16100 
_reflns.pdbx_Rsym_value              ? 
_reflns.pdbx_netI_over_sigmaI        ? 
_reflns.B_iso_Wilson_estimate        15.99 
_reflns.pdbx_redundancy              7.880 
_reflns.R_free_details               ? 
_reflns.limit_h_max                  ? 
_reflns.limit_h_min                  ? 
_reflns.limit_k_max                  ? 
_reflns.limit_k_min                  ? 
_reflns.limit_l_max                  ? 
_reflns.limit_l_min                  ? 
_reflns.observed_criterion_F_max     ? 
_reflns.observed_criterion_F_min     ? 
_reflns.pdbx_chi_squared             ? 
_reflns.pdbx_scaling_rejects         ? 
_reflns.pdbx_diffrn_id               1 
_reflns.pdbx_ordinal                 1 
# 
_reflns_shell.d_res_high             2.10 
_reflns_shell.d_res_low              2.15 
_reflns_shell.percent_possible_all   99.8 
_reflns_shell.Rmerge_I_obs           0.55700 
_reflns_shell.pdbx_Rsym_value        ? 
_reflns_shell.meanI_over_sigI_obs    4.100 
_reflns_shell.pdbx_redundancy        5.22 
_reflns_shell.percent_possible_obs   ? 
_reflns_shell.number_unique_all      ? 
_reflns_shell.number_measured_all    ? 
_reflns_shell.number_measured_obs    ? 
_reflns_shell.number_unique_obs      ? 
_reflns_shell.pdbx_chi_squared       ? 
_reflns_shell.pdbx_diffrn_id         ? 
_reflns_shell.pdbx_ordinal           1 
# 
_refine.entry_id                                 3GG6 
_refine.ls_number_reflns_obs                     8945 
_refine.ls_number_reflns_all                     8945 
_refine.pdbx_ls_sigma_I                          ? 
_refine.pdbx_ls_sigma_F                          2.00 
_refine.pdbx_data_cutoff_high_absF               ? 
_refine.pdbx_data_cutoff_low_absF                ? 
_refine.pdbx_data_cutoff_high_rms_absF           ? 
_refine.ls_d_res_low                             21.801 
_refine.ls_d_res_high                            2.100 
_refine.ls_percent_reflns_obs                    99.93 
_refine.ls_R_factor_obs                          0.1699 
_refine.ls_R_factor_all                          ? 
_refine.ls_R_factor_R_work                       0.1636 
_refine.ls_R_factor_R_free                       0.2256 
_refine.ls_R_factor_R_free_error                 ? 
_refine.ls_R_factor_R_free_error_details         ? 
_refine.ls_percent_reflns_R_free                 10.03 
_refine.ls_number_reflns_R_free                  897 
_refine.ls_number_parameters                     ? 
_refine.ls_number_restraints                     ? 
_refine.occupancy_min                            ? 
_refine.occupancy_max                            ? 
_refine.correlation_coeff_Fo_to_Fc               ? 
_refine.correlation_coeff_Fo_to_Fc_free          ? 
_refine.B_iso_mean                               ? 
_refine.aniso_B[1][1]                            ? 
_refine.aniso_B[2][2]                            ? 
_refine.aniso_B[3][3]                            ? 
_refine.aniso_B[1][2]                            ? 
_refine.aniso_B[1][3]                            ? 
_refine.aniso_B[2][3]                            ? 
_refine.solvent_model_details                    'FLAT BULK SOLVENT MODEL' 
_refine.solvent_model_param_ksol                 0.425 
_refine.solvent_model_param_bsol                 52.688 
_refine.pdbx_solvent_vdw_probe_radii             1.11 
_refine.pdbx_solvent_ion_probe_radii             ? 
_refine.pdbx_solvent_shrinkage_radii             0.90 
_refine.pdbx_ls_cross_valid_method               ? 
_refine.details                                  ? 
_refine.pdbx_starting_model                      'PDB ENTRY 2B0V' 
_refine.pdbx_method_to_determine_struct          'MOLECULAR REPLACEMENT' 
_refine.pdbx_isotropic_thermal_model             ? 
_refine.pdbx_stereochemistry_target_values       ML 
_refine.pdbx_stereochem_target_val_spec_case     ? 
_refine.pdbx_R_Free_selection_details            ? 
_refine.pdbx_overall_ESU_R                       ? 
_refine.pdbx_overall_ESU_R_Free                  ? 
_refine.overall_SU_ML                            0.12 
_refine.pdbx_overall_phase_error                 19.40 
_refine.overall_SU_B                             ? 
_refine.pdbx_refine_id                           'X-RAY DIFFRACTION' 
_refine.ls_redundancy_reflns_obs                 ? 
_refine.B_iso_min                                ? 
_refine.B_iso_max                                ? 
_refine.overall_SU_R_Cruickshank_DPI             ? 
_refine.overall_SU_R_free                        ? 
_refine.ls_wR_factor_R_free                      ? 
_refine.ls_wR_factor_R_work                      ? 
_refine.overall_FOM_free_R_set                   ? 
_refine.overall_FOM_work_R_set                   ? 
_refine.pdbx_diffrn_id                           1 
_refine.pdbx_TLS_residual_ADP_flag               ? 
_refine.pdbx_overall_SU_R_free_Cruickshank_DPI   ? 
_refine.pdbx_overall_SU_R_Blow_DPI               ? 
_refine.pdbx_overall_SU_R_free_Blow_DPI          ? 
# 
_refine_hist.pdbx_refine_id                   'X-RAY DIFFRACTION' 
_refine_hist.cycle_id                         LAST 
_refine_hist.pdbx_number_atoms_protein        1168 
_refine_hist.pdbx_number_atoms_nucleic_acid   0 
_refine_hist.pdbx_number_atoms_ligand         0 
_refine_hist.number_atoms_solvent             133 
_refine_hist.number_atoms_total               1301 
_refine_hist.d_res_high                       2.100 
_refine_hist.d_res_low                        21.801 
# 
loop_
_refine_ls_restr.type 
_refine_ls_restr.dev_ideal 
_refine_ls_restr.dev_ideal_target 
_refine_ls_restr.weight 
_refine_ls_restr.number 
_refine_ls_restr.pdbx_refine_id 
_refine_ls_restr.pdbx_restraint_function 
f_bond_d           0.022  ? ? 1197 'X-RAY DIFFRACTION' ? 
f_angle_d          1.816  ? ? 1631 'X-RAY DIFFRACTION' ? 
f_dihedral_angle_d 17.226 ? ? 454  'X-RAY DIFFRACTION' ? 
f_chiral_restr     0.117  ? ? 184  'X-RAY DIFFRACTION' ? 
f_plane_restr      0.009  ? ? 211  'X-RAY DIFFRACTION' ? 
# 
loop_
_refine_ls_shell.pdbx_total_number_of_bins_used 
_refine_ls_shell.d_res_high 
_refine_ls_shell.d_res_low 
_refine_ls_shell.number_reflns_R_work 
_refine_ls_shell.R_factor_R_work 
_refine_ls_shell.percent_reflns_obs 
_refine_ls_shell.R_factor_R_free 
_refine_ls_shell.R_factor_R_free_error 
_refine_ls_shell.percent_reflns_R_free 
_refine_ls_shell.number_reflns_R_free 
_refine_ls_shell.number_reflns_all 
_refine_ls_shell.R_factor_all 
_refine_ls_shell.pdbx_refine_id 
_refine_ls_shell.redundancy_reflns_obs 
_refine_ls_shell.number_reflns_obs 
. 2.1000 2.2315  1304 0.1685 100.00 0.2487 . . 145 . . 'X-RAY DIFFRACTION' . . 
. 2.2315 2.4035  1311 0.1599 100.00 0.2499 . . 145 . . 'X-RAY DIFFRACTION' . . 
. 2.4035 2.6451  1330 0.1609 100.00 0.2377 . . 148 . . 'X-RAY DIFFRACTION' . . 
. 2.6451 3.0269  1326 0.1553 100.00 0.2107 . . 148 . . 'X-RAY DIFFRACTION' . . 
. 3.0269 3.8103  1352 0.1481 100.00 0.2308 . . 151 . . 'X-RAY DIFFRACTION' . . 
. 3.8103 21.8024 1425 0.1712 100.00 0.1893 . . 160 . . 'X-RAY DIFFRACTION' . . 
# 
_struct.entry_id                  3GG6 
_struct.title                     'Crystal structure of the NUDIX domain of human NUDT18' 
_struct.pdbx_model_details        ? 
_struct.pdbx_CASP_flag            N 
_struct.pdbx_model_type_details   ? 
# 
_struct_keywords.entry_id        3GG6 
_struct_keywords.pdbx_keywords   HYDROLASE 
_struct_keywords.text            
;NUDIX, NUDT18, NXR1, NUCLEOTIDE HYDROLASE, HYDROLASE, STRUCTURAL GENOMICS, STRUCTURAL GENOMICS CONSORTIUM, SGC, SGC STOCKHOLM, Alternative splicing, Magnesium, Manganese, Metal-binding
;
# 
loop_
_struct_asym.id 
_struct_asym.pdbx_blank_PDB_chainid_flag 
_struct_asym.pdbx_modified 
_struct_asym.entity_id 
_struct_asym.details 
A N N 1 ? 
B N N 2 ? 
# 
_struct_biol.id        1 
_struct_biol.details   ? 
# 
loop_
_struct_conf.conf_type_id 
_struct_conf.id 
_struct_conf.pdbx_PDB_helix_id 
_struct_conf.beg_label_comp_id 
_struct_conf.beg_label_asym_id 
_struct_conf.beg_label_seq_id 
_struct_conf.pdbx_beg_PDB_ins_code 
_struct_conf.end_label_comp_id 
_struct_conf.end_label_asym_id 
_struct_conf.end_label_seq_id 
_struct_conf.pdbx_end_PDB_ins_code 
_struct_conf.beg_auth_comp_id 
_struct_conf.beg_auth_asym_id 
_struct_conf.beg_auth_seq_id 
_struct_conf.end_auth_comp_id 
_struct_conf.end_auth_asym_id 
_struct_conf.end_auth_seq_id 
_struct_conf.pdbx_PDB_helix_class 
_struct_conf.details 
_struct_conf.pdbx_PDB_helix_length 
HELX_P HELX_P1 1 THR A 60  ? GLY A 74  ? THR A 83  GLY A 97  1 ? 15 
HELX_P HELX_P2 2 THR A 108 ? ALA A 112 ? THR A 131 ALA A 135 5 ? 5  
HELX_P HELX_P3 3 ASP A 135 ? HIS A 152 ? ASP A 158 HIS A 175 1 ? 18 
# 
_struct_conf_type.id          HELX_P 
_struct_conf_type.criteria    ? 
_struct_conf_type.reference   ? 
# 
loop_
_struct_mon_prot_cis.pdbx_id 
_struct_mon_prot_cis.label_comp_id 
_struct_mon_prot_cis.label_seq_id 
_struct_mon_prot_cis.label_asym_id 
_struct_mon_prot_cis.label_alt_id 
_struct_mon_prot_cis.pdbx_PDB_ins_code 
_struct_mon_prot_cis.auth_comp_id 
_struct_mon_prot_cis.auth_seq_id 
_struct_mon_prot_cis.auth_asym_id 
_struct_mon_prot_cis.pdbx_label_comp_id_2 
_struct_mon_prot_cis.pdbx_label_seq_id_2 
_struct_mon_prot_cis.pdbx_label_asym_id_2 
_struct_mon_prot_cis.pdbx_PDB_ins_code_2 
_struct_mon_prot_cis.pdbx_auth_comp_id_2 
_struct_mon_prot_cis.pdbx_auth_seq_id_2 
_struct_mon_prot_cis.pdbx_auth_asym_id_2 
_struct_mon_prot_cis.pdbx_PDB_model_num 
_struct_mon_prot_cis.pdbx_omega_angle 
1 THR 129 A . ? THR 152 A PRO 130 A ? PRO 153 A 1 -3.42 
2 THR 129 A . ? THR 152 A PRO 130 A ? PRO 153 A 1 -7.02 
# 
loop_
_struct_sheet.id 
_struct_sheet.type 
_struct_sheet.number_strands 
_struct_sheet.details 
A ? 4 ? 
B ? 3 ? 
# 
loop_
_struct_sheet_order.sheet_id 
_struct_sheet_order.range_id_1 
_struct_sheet_order.range_id_2 
_struct_sheet_order.offset 
_struct_sheet_order.sense 
A 1 2 ? anti-parallel 
A 2 3 ? parallel      
A 3 4 ? anti-parallel 
B 1 2 ? anti-parallel 
B 2 3 ? anti-parallel 
# 
loop_
_struct_sheet_range.sheet_id 
_struct_sheet_range.id 
_struct_sheet_range.beg_label_comp_id 
_struct_sheet_range.beg_label_asym_id 
_struct_sheet_range.beg_label_seq_id 
_struct_sheet_range.pdbx_beg_PDB_ins_code 
_struct_sheet_range.end_label_comp_id 
_struct_sheet_range.end_label_asym_id 
_struct_sheet_range.end_label_seq_id 
_struct_sheet_range.pdbx_end_PDB_ins_code 
_struct_sheet_range.beg_auth_comp_id 
_struct_sheet_range.beg_auth_asym_id 
_struct_sheet_range.beg_auth_seq_id 
_struct_sheet_range.end_auth_comp_id 
_struct_sheet_range.end_auth_asym_id 
_struct_sheet_range.end_auth_seq_id 
A 1 ALA A 52  ? ARG A 54  ? ALA A 75  ARG A 77  
A 2 CYS A 20  ? VAL A 26  ? CYS A 43  VAL A 49  
A 3 TRP A 92  ? GLY A 104 ? TRP A 115 GLY A 127 
A 4 LEU A 75  ? GLU A 87  ? LEU A 98  GLU A 110 
B 1 TRP A 48  ? TYR A 49  ? TRP A 71  TYR A 72  
B 2 GLU A 33  ? GLN A 38  ? GLU A 56  GLN A 61  
B 3 GLN A 118 ? PRO A 123 ? GLN A 141 PRO A 146 
# 
loop_
_pdbx_struct_sheet_hbond.sheet_id 
_pdbx_struct_sheet_hbond.range_id_1 
_pdbx_struct_sheet_hbond.range_id_2 
_pdbx_struct_sheet_hbond.range_1_label_atom_id 
_pdbx_struct_sheet_hbond.range_1_label_comp_id 
_pdbx_struct_sheet_hbond.range_1_label_asym_id 
_pdbx_struct_sheet_hbond.range_1_label_seq_id 
_pdbx_struct_sheet_hbond.range_1_PDB_ins_code 
_pdbx_struct_sheet_hbond.range_1_auth_atom_id 
_pdbx_struct_sheet_hbond.range_1_auth_comp_id 
_pdbx_struct_sheet_hbond.range_1_auth_asym_id 
_pdbx_struct_sheet_hbond.range_1_auth_seq_id 
_pdbx_struct_sheet_hbond.range_2_label_atom_id 
_pdbx_struct_sheet_hbond.range_2_label_comp_id 
_pdbx_struct_sheet_hbond.range_2_label_asym_id 
_pdbx_struct_sheet_hbond.range_2_label_seq_id 
_pdbx_struct_sheet_hbond.range_2_PDB_ins_code 
_pdbx_struct_sheet_hbond.range_2_auth_atom_id 
_pdbx_struct_sheet_hbond.range_2_auth_comp_id 
_pdbx_struct_sheet_hbond.range_2_auth_asym_id 
_pdbx_struct_sheet_hbond.range_2_auth_seq_id 
A 1 2 O GLY A 53 ? O GLY A 76  N VAL A 23  ? N VAL A 46  
A 2 3 N VAL A 22 ? N VAL A 45  O VAL A 93  ? O VAL A 116 
A 3 4 O LEU A 98 ? O LEU A 121 N GLU A 80  ? N GLU A 103 
B 1 2 O TYR A 49 ? O TYR A 72  N ILE A 37  ? N ILE A 60  
B 2 3 N VAL A 34 ? N VAL A 57  O TYR A 122 ? O TYR A 145 
# 
_atom_sites.entry_id                    3GG6 
_atom_sites.fract_transf_matrix[1][1]   -0.01421992 
_atom_sites.fract_transf_matrix[1][2]   0.00101010 
_atom_sites.fract_transf_matrix[1][3]   -0.02818597 
_atom_sites.fract_transf_matrix[2][1]   0.01220106 
_atom_sites.fract_transf_matrix[2][2]   -0.00925428 
_atom_sites.fract_transf_matrix[2][3]   -0.00648712 
_atom_sites.fract_transf_matrix[3][1]   -0.00668959 
_atom_sites.fract_transf_matrix[3][2]   -0.01091137 
_atom_sites.fract_transf_matrix[3][3]   0.00298389 
_atom_sites.fract_transf_vector[1]      0.834375 
_atom_sites.fract_transf_vector[2]      0.944754 
_atom_sites.fract_transf_vector[3]      0.228150 
# 
loop_
_atom_type.symbol 
C 
N 
O 
S 
# 
loop_
_atom_site.group_PDB 
_atom_site.id 
_atom_site.type_symbol 
_atom_site.label_atom_id 
_atom_site.label_alt_id 
_atom_site.label_comp_id 
_atom_site.label_asym_id 
_atom_site.label_entity_id 
_atom_site.label_seq_id 
_atom_site.pdbx_PDB_ins_code 
_atom_site.Cartn_x 
_atom_site.Cartn_y 
_atom_site.Cartn_z 
_atom_site.occupancy 
_atom_site.B_iso_or_equiv 
_atom_site.pdbx_formal_charge 
_atom_site.auth_seq_id 
_atom_site.auth_comp_id 
_atom_site.auth_asym_id 
_atom_site.auth_atom_id 
_atom_site.pdbx_PDB_model_num 
ATOM   1    N N   . VAL A 1 13  ? -0.051  -13.559 15.994  1.00 46.56 ? 36  VAL A N   1 
ATOM   2    C CA  . VAL A 1 13  ? -0.828  -14.114 14.924  1.00 46.81 ? 36  VAL A CA  1 
ATOM   3    C C   . VAL A 1 13  ? -2.275  -14.477 15.337  1.00 31.12 ? 36  VAL A C   1 
ATOM   4    O O   . VAL A 1 13  ? -2.987  -15.051 14.571  1.00 35.50 ? 36  VAL A O   1 
ATOM   5    C CB  . VAL A 1 13  ? -0.172  -15.342 14.389  1.00 43.60 ? 36  VAL A CB  1 
ATOM   6    C CG1 . VAL A 1 13  ? 1.169   -15.055 13.763  1.00 41.36 ? 36  VAL A CG1 1 
ATOM   7    C CG2 . VAL A 1 13  ? -0.138  -16.380 15.430  1.00 43.21 ? 36  VAL A CG2 1 
ATOM   8    N N   . ARG A 1 14  ? -2.696  -14.127 16.535  1.00 24.44 ? 37  ARG A N   1 
ATOM   9    C CA  . ARG A 1 14  ? -4.082  -14.261 16.917  1.00 21.06 ? 37  ARG A CA  1 
ATOM   10   C C   . ARG A 1 14  ? -4.843  -12.935 16.809  1.00 29.02 ? 37  ARG A C   1 
ATOM   11   O O   . ARG A 1 14  ? -4.414  -11.937 17.325  1.00 24.81 ? 37  ARG A O   1 
ATOM   12   C CB  . ARG A 1 14  ? -4.235  -14.873 18.300  1.00 36.40 ? 37  ARG A CB  1 
ATOM   13   C CG  . ARG A 1 14  ? -3.796  -16.291 18.384  1.00 40.40 ? 37  ARG A CG  1 
ATOM   14   C CD  . ARG A 1 14  ? -3.997  -16.925 19.771  1.00 60.95 ? 37  ARG A CD  1 
ATOM   15   N NE  . ARG A 1 14  ? -3.514  -18.296 19.911  1.00 60.97 ? 37  ARG A NE  1 
ATOM   16   C CZ  . ARG A 1 14  ? -3.507  -18.944 21.072  1.00 64.00 ? 37  ARG A CZ  1 
ATOM   17   N NH1 . ARG A 1 14  ? -3.968  -18.324 22.149  1.00 60.22 ? 37  ARG A NH1 1 
ATOM   18   N NH2 . ARG A 1 14  ? -3.045  -20.187 21.167  1.00 65.88 ? 37  ARG A NH2 1 
ATOM   19   N N   . LEU A 1 15  ? -5.965  -12.939 16.129  1.00 17.39 ? 38  LEU A N   1 
ATOM   20   C CA  . LEU A 1 15  ? -6.752  -11.775 15.914  1.00 17.70 ? 38  LEU A CA  1 
ATOM   21   C C   . LEU A 1 15  ? -8.075  -11.809 16.640  1.00 31.06 ? 38  LEU A C   1 
ATOM   22   O O   . LEU A 1 15  ? -8.680  -12.843 16.729  1.00 35.49 ? 38  LEU A O   1 
ATOM   23   C CB  . LEU A 1 15  ? -6.997  -11.571 14.426  1.00 18.01 ? 38  LEU A CB  1 
ATOM   24   C CG  . LEU A 1 15  ? -5.860  -11.708 13.435  1.00 17.93 ? 38  LEU A CG  1 
ATOM   25   C CD1 . LEU A 1 15  ? -6.383  -11.557 12.034  1.00 14.71 ? 38  LEU A CD1 1 
ATOM   26   C CD2 . LEU A 1 15  ? -4.793  -10.717 13.742  1.00 18.50 ? 38  LEU A CD2 1 
ATOM   27   N N   . ARG A 1 16  ? -8.515  -10.676 17.168  1.00 27.93 ? 39  ARG A N   1 
ATOM   28   C CA  . ARG A 1 16  ? -9.840  -10.576 17.811  1.00 25.37 ? 39  ARG A CA  1 
ATOM   29   C C   . ARG A 1 16  ? -10.971 -10.536 16.802  1.00 29.82 ? 39  ARG A C   1 
ATOM   30   O O   . ARG A 1 16  ? -10.877 -9.851  15.758  1.00 28.65 ? 39  ARG A O   1 
ATOM   31   C CB  . ARG A 1 16  ? -9.914  -9.359  18.722  1.00 29.09 ? 39  ARG A CB  1 
ATOM   32   C CG  . ARG A 1 16  ? -9.307  -9.608  20.131  1.00 38.96 ? 39  ARG A CG  1 
ATOM   33   C CD  . ARG A 1 16  ? -9.302  -8.334  20.974  1.00 34.48 ? 39  ARG A CD  1 
ATOM   34   N NE  . ARG A 1 16  ? -8.400  -7.363  20.375  1.00 34.02 ? 39  ARG A NE  1 
ATOM   35   C CZ  . ARG A 1 16  ? -8.510  -6.038  20.472  1.00 45.27 ? 39  ARG A CZ  1 
ATOM   36   N NH1 . ARG A 1 16  ? -9.501  -5.482  21.171  1.00 42.51 ? 39  ARG A NH1 1 
ATOM   37   N NH2 . ARG A 1 16  ? -7.618  -5.266  19.868  1.00 29.67 ? 39  ARG A NH2 1 
ATOM   38   N N   . LYS A 1 17  ? -12.059 -11.224 17.151  1.00 26.04 ? 40  LYS A N   1 
ATOM   39   C CA  . LYS A 1 17  ? -13.178 -11.488 16.244  1.00 37.62 ? 40  LYS A CA  1 
ATOM   40   C C   . LYS A 1 17  ? -13.845 -10.223 15.734  1.00 40.58 ? 40  LYS A C   1 
ATOM   41   O O   . LYS A 1 17  ? -14.258 -10.160 14.577  1.00 39.84 ? 40  LYS A O   1 
ATOM   42   C CB  . LYS A 1 17  ? -14.266 -12.328 16.945  1.00 39.91 ? 40  LYS A CB  1 
ATOM   43   C CG  . LYS A 1 17  ? -13.869 -13.739 17.296  1.00 63.51 ? 40  LYS A CG  1 
ATOM   44   C CD  . LYS A 1 17  ? -15.072 -14.489 17.895  1.00 86.71 ? 40  LYS A CD  1 
ATOM   45   C CE  . LYS A 1 17  ? -14.778 -16.000 18.172  1.00 76.43 ? 40  LYS A CE  1 
ATOM   46   N NZ  . LYS A 1 17  ? -13.832 -16.257 19.329  1.00 70.83 ? 40  LYS A NZ  1 
ATOM   47   N N   . ASN A 1 18  ? -13.990 -9.215  16.585  1.00 27.83 ? 41  ASN A N   1 
ATOM   48   C CA  . ASN A 1 18  ? -14.679 -8.028  16.129  1.00 36.58 ? 41  ASN A CA  1 
ATOM   49   C C   . ASN A 1 18  ? -13.701 -6.860  15.887  1.00 32.52 ? 41  ASN A C   1 
ATOM   50   O O   . ASN A 1 18  ? -14.064 -5.706  15.943  1.00 21.88 ? 41  ASN A O   1 
ATOM   51   C CB  . ASN A 1 18  ? -15.844 -7.666  17.081  1.00 45.46 ? 41  ASN A CB  1 
ATOM   52   C CG  . ASN A 1 18  ? -17.026 -8.677  17.006  1.00 56.86 ? 41  ASN A CG  1 
ATOM   53   O OD1 . ASN A 1 18  ? -17.591 -8.936  15.926  1.00 46.77 ? 41  ASN A OD1 1 
ATOM   54   N ND2 . ASN A 1 18  ? -17.408 -9.226  18.164  1.00 43.91 ? 41  ASN A ND2 1 
ATOM   55   N N   . VAL A 1 19  ? -12.454 -7.190  15.588  1.00 22.15 ? 42  VAL A N   1 
ATOM   56   C CA  . VAL A 1 19  ? -11.511 -6.176  15.139  1.00 19.90 ? 42  VAL A CA  1 
ATOM   57   C C   . VAL A 1 19  ? -11.116 -6.357  13.678  1.00 18.67 ? 42  VAL A C   1 
ATOM   58   O O   . VAL A 1 19  ? -10.866 -7.466  13.215  1.00 18.57 ? 42  VAL A O   1 
ATOM   59   C CB  . VAL A 1 19  ? -10.298 -6.098  16.049  1.00 21.00 ? 42  VAL A CB  1 
ATOM   60   C CG1 . VAL A 1 19  ? -9.335  -4.983  15.613  1.00 10.94 ? 42  VAL A CG1 1 
ATOM   61   C CG2 . VAL A 1 19  ? -10.777 -5.885  17.506  1.00 17.35 ? 42  VAL A CG2 1 
ATOM   62   N N   . CYS A 1 20  ? -11.106 -5.251  12.962  1.00 16.29 ? 43  CYS A N   1 
ATOM   63   C CA  . CYS A 1 20  ? -10.628 -5.204  11.570  1.00 16.49 ? 43  CYS A CA  1 
ATOM   64   C C   . CYS A 1 20  ? -9.145  -4.770  11.504  1.00 14.86 ? 43  CYS A C   1 
ATOM   65   O O   . CYS A 1 20  ? -8.777  -3.661  11.951  1.00 12.35 ? 43  CYS A O   1 
ATOM   66   C CB  . CYS A 1 20  ? -11.513 -4.261  10.770  1.00 14.66 ? 43  CYS A CB  1 
ATOM   67   S SG  . CYS A 1 20  ? -11.046 -4.176  9.055   1.00 17.87 ? 43  CYS A SG  1 
ATOM   68   N N   . TYR A 1 21  ? -8.290  -5.661  11.005  1.00 11.77 ? 44  TYR A N   1 
ATOM   69   C CA  . TYR A 1 21  ? -6.850  -5.364  10.919  1.00 11.29 ? 44  TYR A CA  1 
ATOM   70   C C   . TYR A 1 21  ? -6.424  -5.203  9.452   1.00 10.20 ? 44  TYR A C   1 
ATOM   71   O O   . TYR A 1 21  ? -6.583  -6.112  8.649   1.00 10.10 ? 44  TYR A O   1 
ATOM   72   C CB  . TYR A 1 21  ? -6.008  -6.457  11.555  1.00 8.98  ? 44  TYR A CB  1 
ATOM   73   C CG  . TYR A 1 21  ? -6.347  -6.852  12.976  1.00 14.30 ? 44  TYR A CG  1 
ATOM   74   C CD1 . TYR A 1 21  ? -5.580  -6.386  14.060  1.00 11.91 ? 44  TYR A CD1 1 
ATOM   75   C CD2 . TYR A 1 21  ? -7.429  -7.718  13.249  1.00 14.51 ? 44  TYR A CD2 1 
ATOM   76   C CE1 . TYR A 1 21  ? -5.888  -6.773  15.371  1.00 17.00 ? 44  TYR A CE1 1 
ATOM   77   C CE2 . TYR A 1 21  ? -7.741  -8.083  14.538  1.00 15.35 ? 44  TYR A CE2 1 
ATOM   78   C CZ  . TYR A 1 21  ? -6.947  -7.649  15.596  1.00 15.10 ? 44  TYR A CZ  1 
ATOM   79   O OH  . TYR A 1 21  ? -7.287  -8.033  16.881  1.00 14.58 ? 44  TYR A OH  1 
ATOM   80   N N   . VAL A 1 22  ? -5.889  -4.039  9.113   1.00 8.24  ? 45  VAL A N   1 
ATOM   81   C CA  . VAL A 1 22  ? -5.582  -3.721  7.736   1.00 8.36  ? 45  VAL A CA  1 
ATOM   82   C C   . VAL A 1 22  ? -4.069  -3.543  7.583   1.00 7.63  ? 45  VAL A C   1 
ATOM   83   O O   . VAL A 1 22  ? -3.383  -3.040  8.502   1.00 7.90  ? 45  VAL A O   1 
ATOM   84   C CB  . VAL A 1 22  ? -6.345  -2.467  7.332   1.00 13.06 ? 45  VAL A CB  1 
ATOM   85   C CG1 . VAL A 1 22  ? -6.011  -2.015  5.867   1.00 8.76  ? 45  VAL A CG1 1 
ATOM   86   C CG2 . VAL A 1 22  ? -7.877  -2.651  7.558   1.00 8.91  ? 45  VAL A CG2 1 
ATOM   87   N N   . VAL A 1 23  ? -3.550  -3.951  6.422   1.00 3.30  ? 46  VAL A N   1 
ATOM   88   C CA  . VAL A 1 23  ? -2.182  -3.701  6.043   1.00 4.17  ? 46  VAL A CA  1 
ATOM   89   C C   . VAL A 1 23  ? -2.232  -2.864  4.775   1.00 7.88  ? 46  VAL A C   1 
ATOM   90   O O   . VAL A 1 23  ? -3.171  -3.029  3.966   1.00 12.74 ? 46  VAL A O   1 
ATOM   91   C CB  . VAL A 1 23  ? -1.398  -4.997  5.838   1.00 5.04  ? 46  VAL A CB  1 
ATOM   92   C CG1 . VAL A 1 23  ? -1.283  -5.683  7.116   1.00 4.68  ? 46  VAL A CG1 1 
ATOM   93   C CG2 . VAL A 1 23  ? -2.145  -5.901  4.931   1.00 7.20  ? 46  VAL A CG2 1 
ATOM   94   N N   . LEU A 1 24  ? -1.261  -1.966  4.604   1.00 5.93  ? 47  LEU A N   1 
ATOM   95   C CA  . LEU A 1 24  ? -1.173  -1.052  3.414   1.00 9.10  ? 47  LEU A CA  1 
ATOM   96   C C   . LEU A 1 24  ? 0.268   -0.903  3.035   1.00 7.89  ? 47  LEU A C   1 
ATOM   97   O O   . LEU A 1 24  ? 1.148   -0.814  3.927   1.00 7.05  ? 47  LEU A O   1 
ATOM   98   C CB  . LEU A 1 24  ? -1.826  0.284   3.734   1.00 4.49  ? 47  LEU A CB  1 
ATOM   99   C CG  . LEU A 1 24  ? -1.916  1.322   2.624   1.00 8.66  ? 47  LEU A CG  1 
ATOM   100  C CD1 . LEU A 1 24  ? -3.128  2.290   2.745   1.00 4.55  ? 47  LEU A CD1 1 
ATOM   101  C CD2 . LEU A 1 24  ? -0.600  2.069   2.526   1.00 5.00  ? 47  LEU A CD2 1 
ATOM   102  N N   . ALA A 1 25  ? 0.546   -0.956  1.730   1.00 7.28  ? 48  ALA A N   1 
ATOM   103  C CA  . ALA A 1 25  ? 1.911   -0.832  1.243   1.00 8.84  ? 48  ALA A CA  1 
ATOM   104  C C   . ALA A 1 25  ? 2.126   0.470   0.515   1.00 10.39 ? 48  ALA A C   1 
ATOM   105  O O   . ALA A 1 25  ? 1.428   0.734   -0.479  1.00 8.54  ? 48  ALA A O   1 
ATOM   106  C CB  . ALA A 1 25  ? 2.296   -1.974  0.334   1.00 6.90  ? 48  ALA A CB  1 
ATOM   107  N N   . VAL A 1 26  ? 3.110   1.249   0.984   1.00 4.10  ? 49  VAL A N   1 
ATOM   108  C CA  . VAL A 1 26  ? 3.584   2.377   0.249   1.00 7.25  ? 49  VAL A CA  1 
ATOM   109  C C   . VAL A 1 26  ? 4.878   2.015   -0.446  1.00 8.94  ? 49  VAL A C   1 
ATOM   110  O O   . VAL A 1 26  ? 5.836   1.641   0.220   1.00 9.89  ? 49  VAL A O   1 
ATOM   111  C CB  . VAL A 1 26  ? 3.840   3.578   1.180   1.00 8.79  ? 49  VAL A CB  1 
ATOM   112  C CG1 . VAL A 1 26  ? 4.259   4.829   0.335   1.00 5.18  ? 49  VAL A CG1 1 
ATOM   113  C CG2 . VAL A 1 26  ? 2.628   3.828   2.002   1.00 6.96  ? 49  VAL A CG2 1 
ATOM   114  N N   . PHE A 1 27  ? 4.901   2.067   -1.766  1.00 7.12  ? 50  PHE A N   1 
ATOM   115  C CA  . PHE A 1 27  ? 6.139   1.859   -2.536  1.00 7.36  ? 50  PHE A CA  1 
ATOM   116  C C   . PHE A 1 27  ? 6.548   3.249   -2.997  1.00 9.69  ? 50  PHE A C   1 
ATOM   117  O O   . PHE A 1 27  ? 5.696   4.051   -3.364  1.00 11.45 ? 50  PHE A O   1 
ATOM   118  C CB  . PHE A 1 27  ? 5.920   0.973   -3.774  1.00 6.56  ? 50  PHE A CB  1 
ATOM   119  C CG  . PHE A 1 27  ? 5.652   -0.480  -3.466  1.00 7.26  ? 50  PHE A CG  1 
ATOM   120  C CD1 . PHE A 1 27  ? 6.635   -1.435  -3.632  1.00 8.02  ? 50  PHE A CD1 1 
ATOM   121  C CD2 . PHE A 1 27  ? 4.408   -0.890  -3.005  1.00 4.79  ? 50  PHE A CD2 1 
ATOM   122  C CE1 . PHE A 1 27  ? 6.386   -2.780  -3.325  1.00 5.39  ? 50  PHE A CE1 1 
ATOM   123  C CE2 . PHE A 1 27  ? 4.147   -2.232  -2.704  1.00 7.32  ? 50  PHE A CE2 1 
ATOM   124  C CZ  . PHE A 1 27  ? 5.142   -3.179  -2.878  1.00 6.01  ? 50  PHE A CZ  1 
ATOM   125  N N   . LEU A 1 28  ? 7.807   3.599   -2.838  1.00 10.86 ? 51  LEU A N   1 
ATOM   126  C CA  . LEU A 1 28  ? 8.307   4.835   -3.421  1.00 10.05 ? 51  LEU A CA  1 
ATOM   127  C C   . LEU A 1 28  ? 9.666   4.491   -3.982  1.00 10.07 ? 51  LEU A C   1 
ATOM   128  O O   . LEU A 1 28  ? 10.617  4.234   -3.222  1.00 7.65  ? 51  LEU A O   1 
ATOM   129  C CB  . LEU A 1 28  ? 8.399   5.980   -2.402  1.00 8.61  ? 51  LEU A CB  1 
ATOM   130  C CG  . LEU A 1 28  ? 8.920   7.328   -2.902  1.00 10.90 ? 51  LEU A CG  1 
ATOM   131  C CD1 . LEU A 1 28  ? 8.072   7.937   -3.998  1.00 3.91  ? 51  LEU A CD1 1 
ATOM   132  C CD2 . LEU A 1 28  ? 9.057   8.279   -1.750  1.00 11.76 ? 51  LEU A CD2 1 
ATOM   133  N N   . SER A 1 29  ? 9.730   4.438   -5.307  1.00 10.23 ? 52  SER A N   1 
ATOM   134  C CA  . SER A 1 29  ? 10.960  4.032   -6.029  1.00 11.99 ? 52  SER A CA  1 
ATOM   135  C C   . SER A 1 29  ? 12.071  5.102   -6.021  1.00 17.53 ? 52  SER A C   1 
ATOM   136  O O   . SER A 1 29  ? 11.869  6.276   -5.662  1.00 12.52 ? 52  SER A O   1 
ATOM   137  C CB  . SER A 1 29  ? 10.632  3.681   -7.485  1.00 10.99 ? 52  SER A CB  1 
ATOM   138  O OG  . SER A 1 29  ? 10.334  4.831   -8.280  1.00 13.51 ? 52  SER A OG  1 
ATOM   139  N N   . GLU A 1 30  ? 13.235  4.658   -6.465  1.00 14.68 ? 53  GLU A N   1 
ATOM   140  C CA  . GLU A 1 30  ? 14.403  5.477   -6.672  1.00 21.30 ? 53  GLU A CA  1 
ATOM   141  C C   . GLU A 1 30  ? 14.090  6.564   -7.705  1.00 20.30 ? 53  GLU A C   1 
ATOM   142  O O   . GLU A 1 30  ? 14.746  7.608   -7.715  1.00 21.17 ? 53  GLU A O   1 
ATOM   143  C CB  . GLU A 1 30  ? 15.523  4.514   -7.164  1.00 22.25 ? 53  GLU A CB  1 
ATOM   144  C CG  . GLU A 1 30  ? 16.891  5.100   -7.484  1.00 44.19 ? 53  GLU A CG  1 
ATOM   145  C CD  . GLU A 1 30  ? 17.904  4.016   -8.027  1.00 80.79 ? 53  GLU A CD  1 
ATOM   146  O OE1 . GLU A 1 30  ? 18.172  2.992   -7.331  1.00 55.44 ? 53  GLU A OE1 1 
ATOM   147  O OE2 . GLU A 1 30  ? 18.430  4.196   -9.156  1.00 75.32 ? 53  GLU A OE2 1 
ATOM   148  N N   . GLN A 1 31  ? 13.102  6.347   -8.577  1.00 8.58  ? 54  GLN A N   1 
ATOM   149  C CA  . GLN A 1 31  ? 12.658  7.401   -9.497  1.00 12.07 ? 54  GLN A CA  1 
ATOM   150  C C   . GLN A 1 31  ? 11.496  8.280   -8.940  1.00 13.00 ? 54  GLN A C   1 
ATOM   151  O O   . GLN A 1 31  ? 10.821  8.982   -9.694  1.00 13.75 ? 54  GLN A O   1 
ATOM   152  C CB  . GLN A 1 31  ? 12.203  6.804   -10.830 1.00 11.68 ? 54  GLN A CB  1 
ATOM   153  C CG  . GLN A 1 31  ? 13.272  6.025   -11.670 1.00 21.20 ? 54  GLN A CG  1 
ATOM   154  C CD  . GLN A 1 31  ? 13.887  4.731   -11.021 1.00 45.81 ? 54  GLN A CD  1 
ATOM   155  O OE1 . GLN A 1 31  ? 15.112  4.510   -11.127 1.00 52.34 ? 54  GLN A OE1 1 
ATOM   156  N NE2 . GLN A 1 31  ? 13.050  3.857   -10.408 1.00 34.75 ? 54  GLN A NE2 1 
ATOM   157  N N   . ASP A 1 32  ? 11.267  8.210   -7.635  1.00 9.55  ? 55  ASP A N   1 
ATOM   158  C CA  . ASP A 1 32  ? 10.201  8.974   -6.947  1.00 12.95 ? 55  ASP A CA  1 
ATOM   159  C C   . ASP A 1 32  ? 8.789   8.639   -7.484  1.00 14.41 ? 55  ASP A C   1 
ATOM   160  O O   . ASP A 1 32  ? 7.875   9.476   -7.524  1.00 11.46 ? 55  ASP A O   1 
ATOM   161  C CB  . ASP A 1 32  ? 10.520  10.491  -6.955  1.00 8.45  ? 55  ASP A CB  1 
ATOM   162  C CG  . ASP A 1 32  ? 9.718   11.290  -5.924  1.00 12.08 ? 55  ASP A CG  1 
ATOM   163  O OD1 . ASP A 1 32  ? 9.589   10.870  -4.728  1.00 9.62  ? 55  ASP A OD1 1 
ATOM   164  O OD2 . ASP A 1 32  ? 9.219   12.362  -6.325  1.00 10.66 ? 55  ASP A OD2 1 
ATOM   165  N N   . GLU A 1 33  ? 8.619   7.387   -7.845  1.00 5.96  ? 56  GLU A N   1 
ATOM   166  C CA  . GLU A 1 33  ? 7.297   6.898   -8.273  1.00 8.71  ? 56  GLU A CA  1 
ATOM   167  C C   . GLU A 1 33  ? 6.611   6.061   -7.228  1.00 8.75  ? 56  GLU A C   1 
ATOM   168  O O   . GLU A 1 33  ? 7.267   5.349   -6.466  1.00 8.62  ? 56  GLU A O   1 
ATOM   169  C CB  . GLU A 1 33  ? 7.424   6.133   -9.580  1.00 10.01 ? 56  GLU A CB  1 
ATOM   170  C CG  . GLU A 1 33  ? 7.947   7.051   -10.664 1.00 16.21 ? 56  GLU A CG  1 
ATOM   171  C CD  . GLU A 1 33  ? 7.708   6.486   -11.965 1.00 27.77 ? 56  GLU A CD  1 
ATOM   172  O OE1 . GLU A 1 33  ? 8.123   5.322   -12.127 1.00 29.02 ? 56  GLU A OE1 1 
ATOM   173  O OE2 . GLU A 1 33  ? 7.066   7.175   -12.780 1.00 27.84 ? 56  GLU A OE2 1 
ATOM   174  N N   . VAL A 1 34  ? 5.285   6.198   -7.160  1.00 9.53  ? 57  VAL A N   1 
ATOM   175  C CA  . VAL A 1 34  ? 4.455   5.456   -6.181  1.00 11.21 ? 57  VAL A CA  1 
ATOM   176  C C   . VAL A 1 34  ? 3.648   4.454   -6.913  1.00 8.07  ? 57  VAL A C   1 
ATOM   177  O O   . VAL A 1 34  ? 3.155   4.759   -8.004  1.00 7.96  ? 57  VAL A O   1 
ATOM   178  C CB  . VAL A 1 34  ? 3.501   6.445   -5.445  1.00 10.65 ? 57  VAL A CB  1 
ATOM   179  C CG1 . VAL A 1 34  ? 2.513   5.725   -4.611  1.00 8.21  ? 57  VAL A CG1 1 
ATOM   180  C CG2 . VAL A 1 34  ? 4.317   7.440   -4.584  1.00 9.58  ? 57  VAL A CG2 1 
ATOM   181  N N   . LEU A 1 35  ? 3.481   3.267   -6.323  1.00 7.60  ? 58  LEU A N   1 
ATOM   182  C CA  . LEU A 1 35  ? 2.671   2.161   -6.921  1.00 6.24  ? 58  LEU A CA  1 
ATOM   183  C C   . LEU A 1 35  ? 1.236   2.283   -6.429  1.00 12.13 ? 58  LEU A C   1 
ATOM   184  O O   . LEU A 1 35  ? 0.963   2.198   -5.226  1.00 9.11  ? 58  LEU A O   1 
ATOM   185  C CB  . LEU A 1 35  ? 3.225   0.767   -6.592  1.00 6.64  ? 58  LEU A CB  1 
ATOM   186  C CG  . LEU A 1 35  ? 2.439   -0.449  -7.083  1.00 12.54 ? 58  LEU A CG  1 
ATOM   187  C CD1 . LEU A 1 35  ? 2.455   -0.562  -8.584  1.00 6.78  ? 58  LEU A CD1 1 
ATOM   188  C CD2 . LEU A 1 35  ? 2.963   -1.742  -6.436  1.00 6.69  ? 58  LEU A CD2 1 
ATOM   189  N N   . LEU A 1 36  ? 0.353   2.504   -7.358  1.00 7.78  ? 59  LEU A N   1 
ATOM   190  C CA  . LEU A 1 36  ? -1.018  2.616   -7.066  1.00 10.10 ? 59  LEU A CA  1 
ATOM   191  C C   . LEU A 1 36  ? -1.830  1.562   -7.801  1.00 8.01  ? 59  LEU A C   1 
ATOM   192  O O   . LEU A 1 36  ? -1.415  1.003   -8.772  1.00 5.21  ? 59  LEU A O   1 
ATOM   193  C CB  . LEU A 1 36  ? -1.557  4.023   -7.342  1.00 6.54  ? 59  LEU A CB  1 
ATOM   194  C CG  . LEU A 1 36  ? -1.008  5.259   -6.632  1.00 5.55  ? 59  LEU A CG  1 
ATOM   195  C CD1 . LEU A 1 36  ? -0.013  5.920   -7.508  1.00 6.01  ? 59  LEU A CD1 1 
ATOM   196  C CD2 . LEU A 1 36  ? -2.021  6.238   -6.211  1.00 4.88  ? 59  LEU A CD2 1 
ATOM   197  N N   . ILE A 1 37  ? -2.985  1.328   -7.246  1.00 7.93  ? 60  ILE A N   1 
ATOM   198  C CA  . ILE A 1 37  ? -3.926  0.441   -7.795  1.00 8.18  ? 60  ILE A CA  1 
ATOM   199  C C   . ILE A 1 37  ? -5.268  1.099   -8.081  1.00 11.15 ? 60  ILE A C   1 
ATOM   200  O O   . ILE A 1 37  ? -5.719  1.952   -7.384  1.00 10.16 ? 60  ILE A O   1 
ATOM   201  C CB  . ILE A 1 37  ? -4.049  -0.916  -7.017  1.00 15.93 ? 60  ILE A CB  1 
ATOM   202  C CG1 . ILE A 1 37  ? -4.803  -0.727  -5.753  1.00 11.29 ? 60  ILE A CG1 1 
ATOM   203  C CG2 . ILE A 1 37  ? -2.704  -1.657  -6.796  1.00 13.39 ? 60  ILE A CG2 1 
ATOM   204  C CD1 . ILE A 1 37  ? -6.138  -0.956  -5.980  1.00 22.52 ? 60  ILE A CD1 1 
ATOM   205  N N   . GLN A 1 38  ? -5.844  0.694   -9.174  1.00 7.12  ? 61  GLN A N   1 
ATOM   206  C CA  . GLN A 1 38  ? -7.136  1.148   -9.573  1.00 9.84  ? 61  GLN A CA  1 
ATOM   207  C C   . GLN A 1 38  ? -8.253  0.142   -9.132  1.00 10.29 ? 61  GLN A C   1 
ATOM   208  O O   . GLN A 1 38  ? -8.354  -0.982  -9.612  1.00 8.83  ? 61  GLN A O   1 
ATOM   209  C CB  . GLN A 1 38  ? -7.199  1.593   -11.034 1.00 12.75 ? 61  GLN A CB  1 
ATOM   210  C CG  . GLN A 1 38  ? -8.446  2.291   -11.345 1.00 12.76 ? 61  GLN A CG  1 
ATOM   211  C CD  . GLN A 1 38  ? -8.628  2.750   -12.774 1.00 19.34 ? 61  GLN A CD  1 
ATOM   212  O OE1 . GLN A 1 38  ? -8.039  2.249   -13.665 1.00 13.19 ? 61  GLN A OE1 1 
ATOM   213  N NE2 . GLN A 1 38  ? -9.461  3.726   -12.944 1.00 12.63 ? 61  GLN A NE2 1 
ATOM   214  N N   . GLU A 1 39  ? -9.027  0.622   -8.178  1.00 6.04  ? 62  GLU A N   1 
ATOM   215  C CA  . GLU A 1 39  ? -9.970  -0.211  -7.479  1.00 7.95  ? 62  GLU A CA  1 
ATOM   216  C C   . GLU A 1 39  ? -11.053 -0.797  -8.359  1.00 8.71  ? 62  GLU A C   1 
ATOM   217  O O   . GLU A 1 39  ? -11.690 -0.112  -9.165  1.00 9.85  ? 62  GLU A O   1 
ATOM   218  C CB  . GLU A 1 39  ? -10.595 0.579   -6.351  1.00 5.79  ? 62  GLU A CB  1 
ATOM   219  C CG  . GLU A 1 39  ? -9.565  1.101   -5.304  1.00 10.54 ? 62  GLU A CG  1 
ATOM   220  C CD  . GLU A 1 39  ? -9.164  0.053   -4.264  1.00 15.85 ? 62  GLU A CD  1 
ATOM   221  O OE1 . GLU A 1 39  ? -9.447  -1.131  -4.477  1.00 15.91 ? 62  GLU A OE1 1 
ATOM   222  O OE2 . GLU A 1 39  ? -8.584  0.433   -3.220  1.00 14.26 ? 62  GLU A OE2 1 
ATOM   223  N N   . ALA A 1 40  ? -11.249 -2.087  -8.195  1.00 8.12  ? 63  ALA A N   1 
ATOM   224  C CA  . ALA A 1 40  ? -12.361 -2.754  -8.852  1.00 16.18 ? 63  ALA A CA  1 
ATOM   225  C C   . ALA A 1 40  ? -13.554 -2.824  -7.892  1.00 12.98 ? 63  ALA A C   1 
ATOM   226  O O   . ALA A 1 40  ? -14.635 -3.022  -8.361  1.00 19.54 ? 63  ALA A O   1 
ATOM   227  C CB  . ALA A 1 40  ? -11.976 -4.149  -9.355  1.00 12.47 ? 63  ALA A CB  1 
ATOM   228  N N   . LYS A 1 41  ? -13.349 -2.633  -6.583  1.00 18.57 ? 64  LYS A N   1 
ATOM   229  C CA  . LYS A 1 41  ? -14.439 -2.775  -5.554  1.00 21.48 ? 64  LYS A CA  1 
ATOM   230  C C   . LYS A 1 41  ? -15.655 -1.894  -5.904  1.00 25.07 ? 64  LYS A C   1 
ATOM   231  O O   . LYS A 1 41  ? -15.492 -0.725  -6.217  1.00 19.21 ? 64  LYS A O   1 
ATOM   232  C CB  . LYS A 1 41  ? -14.005 -2.237  -4.171  1.00 19.86 ? 64  LYS A CB  1 
ATOM   233  C CG  . LYS A 1 41  ? -12.970 -3.000  -3.430  1.00 25.07 ? 64  LYS A CG  1 
ATOM   234  C CD  . LYS A 1 41  ? -12.499 -2.197  -2.229  1.00 28.72 ? 64  LYS A CD  1 
ATOM   235  C CE  . LYS A 1 41  ? -11.441 -2.992  -1.448  1.00 43.24 ? 64  LYS A CE  1 
ATOM   236  N NZ  . LYS A 1 41  ? -10.316 -3.286  -2.396  1.00 45.03 ? 64  LYS A NZ  1 
ATOM   237  N N   . ARG A 1 42  ? -16.864 -2.423  -5.744  1.00 21.95 ? 65  ARG A N   1 
ATOM   238  C CA  . ARG A 1 42  ? -18.031 -1.677  -6.084  1.00 22.31 ? 65  ARG A CA  1 
ATOM   239  C C   . ARG A 1 42  ? -18.184 -0.438  -5.212  1.00 17.57 ? 65  ARG A C   1 
ATOM   240  O O   . ARG A 1 42  ? -18.878 0.436   -5.566  1.00 18.39 ? 65  ARG A O   1 
ATOM   241  C CB  . ARG A 1 42  ? -19.277 -2.566  -5.944  1.00 23.72 ? 65  ARG A CB  1 
ATOM   242  C CG  . ARG A 1 42  ? -19.609 -2.876  -4.480  1.00 26.06 ? 65  ARG A CG  1 
ATOM   243  C CD  . ARG A 1 42  ? -20.763 -3.873  -4.375  1.00 42.45 ? 65  ARG A CD  1 
ATOM   244  N NE  . ARG A 1 42  ? -20.441 -5.201  -4.897  1.00 29.71 ? 65  ARG A NE  1 
ATOM   245  C CZ  . ARG A 1 42  ? -21.139 -6.264  -4.533  1.00 57.44 ? 65  ARG A CZ  1 
ATOM   246  N NH1 . ARG A 1 42  ? -22.119 -6.089  -3.667  1.00 50.90 ? 65  ARG A NH1 1 
ATOM   247  N NH2 . ARG A 1 42  ? -20.862 -7.477  -4.973  1.00 37.37 ? 65  ARG A NH2 1 
ATOM   248  N N   . GLU A 1 43  ? -17.558 -0.376  -4.069  1.00 12.73 ? 66  GLU A N   1 
ATOM   249  C CA  . GLU A 1 43  ? -17.777 0.741   -3.168  1.00 24.28 ? 66  GLU A CA  1 
ATOM   250  C C   . GLU A 1 43  ? -16.904 1.966   -3.456  1.00 19.49 ? 66  GLU A C   1 
ATOM   251  O O   . GLU A 1 43  ? -17.031 2.964   -2.767  1.00 16.98 ? 66  GLU A O   1 
ATOM   252  C CB  . GLU A 1 43  ? -17.488 0.297   -1.717  1.00 28.25 ? 66  GLU A CB  1 
ATOM   253  C CG  . GLU A 1 43  ? -18.441 -0.752  -1.156  1.00 44.06 ? 66  GLU A CG  1 
ATOM   254  C CD  . GLU A 1 43  ? -18.011 -2.198  -1.455  1.00 33.73 ? 66  GLU A CD  1 
ATOM   255  O OE1 . GLU A 1 43  ? -16.911 -2.372  -2.025  1.00 34.19 ? 66  GLU A OE1 1 
ATOM   256  O OE2 . GLU A 1 43  ? -18.780 -3.148  -1.130  1.00 39.70 ? 66  GLU A OE2 1 
ATOM   257  N N   . CYS A 1 44  ? -15.959 1.848   -4.401  1.00 17.09 ? 67  CYS A N   1 
ATOM   258  C CA  . CYS A 1 44  ? -15.110 2.977   -4.827  1.00 17.97 ? 67  CYS A CA  1 
ATOM   259  C C   . CYS A 1 44  ? -14.560 2.669   -6.225  1.00 16.10 ? 67  CYS A C   1 
ATOM   260  O O   . CYS A 1 44  ? -13.380 2.850   -6.499  1.00 13.68 ? 67  CYS A O   1 
ATOM   261  C CB  . CYS A 1 44  ? -13.944 3.209   -3.858  1.00 14.76 ? 67  CYS A CB  1 
ATOM   262  S SG  . CYS A 1 44  ? -13.061 1.691   -3.457  1.00 14.10 ? 67  CYS A SG  1 
ATOM   263  N N   . ARG A 1 45  ? -15.436 2.233   -7.113  1.00 14.14 ? 68  ARG A N   1 
ATOM   264  C CA  . ARG A 1 45  ? -14.990 1.685   -8.396  1.00 16.82 ? 68  ARG A CA  1 
ATOM   265  C C   . ARG A 1 45  ? -14.249 2.672   -9.282  1.00 11.89 ? 68  ARG A C   1 
ATOM   266  O O   . ARG A 1 45  ? -14.698 3.770   -9.531  1.00 12.97 ? 68  ARG A O   1 
ATOM   267  C CB  . ARG A 1 45  ? -16.177 1.088   -9.132  1.00 16.70 ? 68  ARG A CB  1 
ATOM   268  C CG  . ARG A 1 45  ? -15.767 -0.139  -9.771  1.00 29.60 ? 68  ARG A CG  1 
ATOM   269  C CD  . ARG A 1 45  ? -16.673 -0.492  -10.878 1.00 21.16 ? 68  ARG A CD  1 
ATOM   270  N NE  . ARG A 1 45  ? -17.958 -1.056  -10.471 1.00 27.02 ? 68  ARG A NE  1 
ATOM   271  C CZ  . ARG A 1 45  ? -18.183 -2.311  -10.113 1.00 18.83 ? 68  ARG A CZ  1 
ATOM   272  N NH1 . ARG A 1 45  ? -17.203 -3.165  -9.995  1.00 18.88 ? 68  ARG A NH1 1 
ATOM   273  N NH2 . ARG A 1 45  ? -19.415 -2.684  -9.864  1.00 14.12 ? 68  ARG A NH2 1 
ATOM   274  N N   . GLY A 1 46  ? -13.072 2.290   -9.741  1.00 11.59 ? 69  GLY A N   1 
ATOM   275  C CA  . GLY A 1 46  ? -12.285 3.173   -10.556 1.00 7.81  ? 69  GLY A CA  1 
ATOM   276  C C   . GLY A 1 46  ? -11.474 4.244   -9.838  1.00 11.09 ? 69  GLY A C   1 
ATOM   277  O O   . GLY A 1 46  ? -10.690 4.983   -10.459 1.00 9.16  ? 69  GLY A O   1 
ATOM   278  N N   . SER A 1 47  ? -11.671 4.402   -8.539  1.00 5.37  ? 70  SER A N   1 
ATOM   279  C CA  . SER A 1 47  ? -10.809 5.334   -7.839  1.00 11.61 ? 70  SER A CA  1 
ATOM   280  C C   . SER A 1 47  ? -9.417  4.680   -7.682  1.00 9.12  ? 70  SER A C   1 
ATOM   281  O O   . SER A 1 47  ? -9.263  3.487   -7.871  1.00 9.04  ? 70  SER A O   1 
ATOM   282  C CB  . SER A 1 47  ? -11.419 5.708   -6.491  1.00 10.64 ? 70  SER A CB  1 
ATOM   283  O OG  . SER A 1 47  ? -11.393 4.544   -5.668  1.00 11.27 ? 70  SER A OG  1 
ATOM   284  N N   . TRP A 1 48  ? -8.436  5.463   -7.280  1.00 10.16 ? 71  TRP A N   1 
ATOM   285  C CA  . TRP A 1 48  ? -7.060  5.023   -7.168  1.00 8.39  ? 71  TRP A CA  1 
ATOM   286  C C   . TRP A 1 48  ? -6.638  5.000   -5.680  1.00 12.58 ? 71  TRP A C   1 
ATOM   287  O O   . TRP A 1 48  ? -6.944  5.939   -4.902  1.00 7.36  ? 71  TRP A O   1 
ATOM   288  C CB  . TRP A 1 48  ? -6.142  5.975   -7.940  1.00 4.15  ? 71  TRP A CB  1 
ATOM   289  C CG  . TRP A 1 48  ? -6.198  5.805   -9.448  1.00 10.05 ? 71  TRP A CG  1 
ATOM   290  C CD1 . TRP A 1 48  ? -7.008  6.483   -10.326 1.00 10.39 ? 71  TRP A CD1 1 
ATOM   291  C CD2 . TRP A 1 48  ? -5.412  4.908   -10.243 1.00 13.80 ? 71  TRP A CD2 1 
ATOM   292  N NE1 . TRP A 1 48  ? -6.805  6.047   -11.620 1.00 12.98 ? 71  TRP A NE1 1 
ATOM   293  C CE2 . TRP A 1 48  ? -5.813  5.098   -11.612 1.00 18.63 ? 71  TRP A CE2 1 
ATOM   294  C CE3 . TRP A 1 48  ? -4.401  3.987   -9.948  1.00 6.22  ? 71  TRP A CE3 1 
ATOM   295  C CZ2 . TRP A 1 48  ? -5.250  4.387   -12.664 1.00 10.45 ? 71  TRP A CZ2 1 
ATOM   296  C CZ3 . TRP A 1 48  ? -3.795  3.305   -11.003 1.00 7.39  ? 71  TRP A CZ3 1 
ATOM   297  C CH2 . TRP A 1 48  ? -4.238  3.498   -12.355 1.00 10.56 ? 71  TRP A CH2 1 
ATOM   298  N N   . TYR A 1 49  ? -5.921  3.952   -5.288  1.00 8.63  ? 72  TYR A N   1 
ATOM   299  C CA  . TYR A 1 49  ? -5.412  3.879   -3.944  1.00 7.08  ? 72  TYR A CA  1 
ATOM   300  C C   . TYR A 1 49  ? -4.055  3.149   -3.928  1.00 8.76  ? 72  TYR A C   1 
ATOM   301  O O   . TYR A 1 49  ? -3.518  2.768   -5.010  1.00 11.10 ? 72  TYR A O   1 
ATOM   302  C CB  . TYR A 1 49  ? -6.467  3.209   -3.049  1.00 7.22  ? 72  TYR A CB  1 
ATOM   303  C CG  . TYR A 1 49  ? -6.482  3.659   -1.616  1.00 12.23 ? 72  TYR A CG  1 
ATOM   304  C CD1 . TYR A 1 49  ? -6.567  4.999   -1.291  1.00 7.11  ? 72  TYR A CD1 1 
ATOM   305  C CD2 . TYR A 1 49  ? -6.475  2.740   -0.584  1.00 10.03 ? 72  TYR A CD2 1 
ATOM   306  C CE1 . TYR A 1 49  ? -6.577  5.403   0.008   1.00 9.53  ? 72  TYR A CE1 1 
ATOM   307  C CE2 . TYR A 1 49  ? -6.474  3.144   0.738   1.00 6.95  ? 72  TYR A CE2 1 
ATOM   308  C CZ  . TYR A 1 49  ? -6.533  4.465   1.026   1.00 12.18 ? 72  TYR A CZ  1 
ATOM   309  O OH  . TYR A 1 49  ? -6.551  4.896   2.346   1.00 11.37 ? 72  TYR A OH  1 
ATOM   310  N N   . LEU A 1 50  ? -3.547  2.889   -2.718  1.00 5.44  ? 73  LEU A N   1 
ATOM   311  C CA  . LEU A 1 50  ? -2.399  2.029   -2.539  1.00 9.91  ? 73  LEU A CA  1 
ATOM   312  C C   . LEU A 1 50  ? -2.811  0.569   -2.254  1.00 7.18  ? 73  LEU A C   1 
ATOM   313  O O   . LEU A 1 50  ? -3.934  0.331   -1.811  1.00 9.06  ? 73  LEU A O   1 
ATOM   314  C CB  . LEU A 1 50  ? -1.546  2.548   -1.404  1.00 7.52  ? 73  LEU A CB  1 
ATOM   315  C CG  . LEU A 1 50  ? -1.172  4.015   -1.540  1.00 10.12 ? 73  LEU A CG  1 
ATOM   316  C CD1 . LEU A 1 50  ? -0.327  4.504   -0.333  1.00 8.85  ? 73  LEU A CD1 1 
ATOM   317  C CD2 . LEU A 1 50  ? -0.454  4.306   -2.874  1.00 6.89  ? 73  LEU A CD2 1 
ATOM   318  N N   . PRO A 1 51  ? -1.907  -0.404  -2.490  1.00 6.11  ? 74  PRO A N   1 
ATOM   319  C CA  . PRO A 1 51  ? -2.289  -1.763  -2.199  1.00 8.47  ? 74  PRO A CA  1 
ATOM   320  C C   . PRO A 1 51  ? -2.548  -1.921  -0.733  1.00 9.59  ? 74  PRO A C   1 
ATOM   321  O O   . PRO A 1 51  ? -1.701  -1.524  0.131   1.00 6.43  ? 74  PRO A O   1 
ATOM   322  C CB  . PRO A 1 51  ? -1.072  -2.614  -2.648  1.00 8.39  ? 74  PRO A CB  1 
ATOM   323  C CG  . PRO A 1 51  ? -0.304  -1.715  -3.540  1.00 7.87  ? 74  PRO A CG  1 
ATOM   324  C CD  . PRO A 1 51  ? -0.504  -0.346  -2.919  1.00 8.19  ? 74  PRO A CD  1 
ATOM   325  N N   . ALA A 1 52  ? -3.724  -2.453  -0.459  1.00 6.33  ? 75  ALA A N   1 
ATOM   326  C CA  . ALA A 1 52  ? -4.207  -2.600  0.916   1.00 8.09  ? 75  ALA A CA  1 
ATOM   327  C C   . ALA A 1 52  ? -5.290  -3.628  1.084   1.00 12.54 ? 75  ALA A C   1 
ATOM   328  O O   . ALA A 1 52  ? -6.051  -3.898  0.153   1.00 10.82 ? 75  ALA A O   1 
ATOM   329  C CB  . ALA A 1 52  ? -4.776  -1.247  1.407   1.00 8.22  ? 75  ALA A CB  1 
ATOM   330  N N   . GLY A 1 53  ? -5.445  -4.141  2.297   1.00 8.40  ? 76  GLY A N   1 
ATOM   331  C CA  . GLY A 1 53  ? -6.608  -4.982  2.603   1.00 8.20  ? 76  GLY A CA  1 
ATOM   332  C C   . GLY A 1 53  ? -6.541  -5.593  4.005   1.00 8.43  ? 76  GLY A C   1 
ATOM   333  O O   . GLY A 1 53  ? -5.626  -5.325  4.818   1.00 4.98  ? 76  GLY A O   1 
ATOM   334  N N   . ARG A 1 54  ? -7.490  -6.470  4.271   1.00 6.32  ? 77  ARG A N   1 
ATOM   335  C CA  . ARG A 1 54  ? -7.677  -7.059  5.607   1.00 9.01  ? 77  ARG A CA  1 
ATOM   336  C C   . ARG A 1 54  ? -6.827  -8.319  5.870   1.00 11.21 ? 77  ARG A C   1 
ATOM   337  O O   . ARG A 1 54  ? -6.773  -9.248  5.046   1.00 8.03  ? 77  ARG A O   1 
ATOM   338  C CB  . ARG A 1 54  ? -9.171  -7.334  5.731   1.00 13.42 ? 77  ARG A CB  1 
ATOM   339  C CG  . ARG A 1 54  ? -9.615  -7.779  7.055   1.00 31.39 ? 77  ARG A CG  1 
ATOM   340  C CD  . ARG A 1 54  ? -11.116 -7.409  7.324   1.00 22.37 ? 77  ARG A CD  1 
ATOM   341  N NE  . ARG A 1 54  ? -11.502 -8.061  8.568   1.00 32.63 ? 77  ARG A NE  1 
ATOM   342  C CZ  . ARG A 1 54  ? -12.673 -7.907  9.173   1.00 34.99 ? 77  ARG A CZ  1 
ATOM   343  N NH1 . ARG A 1 54  ? -13.592 -7.125  8.650   1.00 39.73 ? 77  ARG A NH1 1 
ATOM   344  N NH2 . ARG A 1 54  ? -12.910 -8.517  10.309  1.00 41.30 ? 77  ARG A NH2 1 
ATOM   345  N N   . MET A 1 55  ? -6.134  -8.342  7.014   1.00 7.48  ? 78  MET A N   1 
ATOM   346  C CA  . MET A 1 55  ? -5.483  -9.534  7.487   1.00 11.49 ? 78  MET A CA  1 
ATOM   347  C C   . MET A 1 55  ? -6.477  -10.643 7.728   1.00 19.45 ? 78  MET A C   1 
ATOM   348  O O   . MET A 1 55  ? -7.603  -10.376 8.167   1.00 11.91 ? 78  MET A O   1 
ATOM   349  C CB  . MET A 1 55  ? -4.789  -9.293  8.820   1.00 11.30 ? 78  MET A CB  1 
ATOM   350  C CG  . MET A 1 55  ? -3.556  -8.582  8.723   1.00 17.03 ? 78  MET A CG  1 
ATOM   351  S SD  . MET A 1 55  ? -2.703  -8.432  10.283  1.00 16.97 ? 78  MET A SD  1 
ATOM   352  C CE  . MET A 1 55  ? -2.159  -10.084 10.493  1.00 11.24 ? 78  MET A CE  1 
ATOM   353  N N   . GLU A 1 56  ? -6.027  -11.876 7.458   1.00 14.55 ? 79  GLU A N   1 
ATOM   354  C CA  . GLU A 1 56  ? -6.774  -13.113 7.707   1.00 14.71 ? 79  GLU A CA  1 
ATOM   355  C C   . GLU A 1 56  ? -6.158  -13.856 8.866   1.00 13.16 ? 79  GLU A C   1 
ATOM   356  O O   . GLU A 1 56  ? -4.958  -13.786 9.101   1.00 12.58 ? 79  GLU A O   1 
ATOM   357  C CB  . GLU A 1 56  ? -6.823  -14.005 6.457   1.00 12.72 ? 79  GLU A CB  1 
ATOM   358  C CG  . GLU A 1 56  ? -7.740  -13.420 5.403   1.00 19.10 ? 79  GLU A CG  1 
ATOM   359  C CD  . GLU A 1 56  ? -7.488  -13.920 3.951   1.00 42.62 ? 79  GLU A CD  1 
ATOM   360  O OE1 . GLU A 1 56  ? -6.701  -14.867 3.732   1.00 31.90 ? 79  GLU A OE1 1 
ATOM   361  O OE2 . GLU A 1 56  ? -8.091  -13.335 3.013   1.00 42.78 ? 79  GLU A OE2 1 
ATOM   362  N N   . PRO A 1 57  ? -6.981  -14.582 9.622   1.00 18.29 ? 80  PRO A N   1 
ATOM   363  C CA  . PRO A 1 57  ? -6.363  -15.372 10.710  1.00 13.72 ? 80  PRO A CA  1 
ATOM   364  C C   . PRO A 1 57  ? -5.378  -16.431 10.175  1.00 15.98 ? 80  PRO A C   1 
ATOM   365  O O   . PRO A 1 57  ? -5.556  -16.983 9.081   1.00 16.47 ? 80  PRO A O   1 
ATOM   366  C CB  . PRO A 1 57  ? -7.583  -16.011 11.410  1.00 21.52 ? 80  PRO A CB  1 
ATOM   367  C CG  . PRO A 1 57  ? -8.737  -15.009 11.119  1.00 25.78 ? 80  PRO A CG  1 
ATOM   368  C CD  . PRO A 1 57  ? -8.463  -14.602 9.682   1.00 19.14 ? 80  PRO A CD  1 
ATOM   369  N N   . GLY A 1 58  ? -4.329  -16.681 10.941  1.00 15.33 ? 81  GLY A N   1 
ATOM   370  C CA  . GLY A 1 58  ? -3.283  -17.591 10.551  1.00 15.80 ? 81  GLY A CA  1 
ATOM   371  C C   . GLY A 1 58  ? -2.174  -16.958 9.709   1.00 30.24 ? 81  GLY A C   1 
ATOM   372  O O   . GLY A 1 58  ? -1.160  -17.629 9.437   1.00 23.26 ? 81  GLY A O   1 
ATOM   373  N N   . GLU A 1 59  ? -2.319  -15.703 9.272   1.00 10.48 ? 82  GLU A N   1 
ATOM   374  C CA  . GLU A 1 59  ? -1.224  -15.100 8.573   1.00 16.29 ? 82  GLU A CA  1 
ATOM   375  C C   . GLU A 1 59  ? -0.429  -14.165 9.486   1.00 15.15 ? 82  GLU A C   1 
ATOM   376  O O   . GLU A 1 59  ? -0.962  -13.658 10.440  1.00 8.83  ? 82  GLU A O   1 
ATOM   377  C CB  . GLU A 1 59  ? -1.663  -14.484 7.226   1.00 17.48 ? 82  GLU A CB  1 
ATOM   378  C CG  . GLU A 1 59  ? -2.445  -13.233 7.243   1.00 17.45 ? 82  GLU A CG  1 
ATOM   379  C CD  . GLU A 1 59  ? -3.122  -12.973 5.878   1.00 15.54 ? 82  GLU A CD  1 
ATOM   380  O OE1 . GLU A 1 59  ? -2.724  -13.521 4.828   1.00 11.58 ? 82  GLU A OE1 1 
ATOM   381  O OE2 . GLU A 1 59  ? -4.038  -12.167 5.836   1.00 12.43 ? 82  GLU A OE2 1 
ATOM   382  N N   . THR A 1 60  ? 0.872   -14.016 9.254   1.00 10.48 ? 83  THR A N   1 
ATOM   383  C CA  . THR A 1 60  ? 1.619   -12.979 9.959   1.00 10.67 ? 83  THR A CA  1 
ATOM   384  C C   . THR A 1 60  ? 1.266   -11.639 9.306   1.00 11.87 ? 83  THR A C   1 
ATOM   385  O O   . THR A 1 60  ? 0.705   -11.608 8.216   1.00 5.76  ? 83  THR A O   1 
ATOM   386  C CB  . THR A 1 60  ? 3.121   -13.137 9.821   1.00 12.33 ? 83  THR A CB  1 
ATOM   387  O OG1 . THR A 1 60  ? 3.493   -12.997 8.436   1.00 10.27 ? 83  THR A OG1 1 
ATOM   388  C CG2 . THR A 1 60  ? 3.585   -14.476 10.355  1.00 13.62 ? 83  THR A CG2 1 
ATOM   389  N N   . ILE A 1 61  ? 1.578   -10.538 9.992   1.00 8.06  ? 84  ILE A N   1 
ATOM   390  C CA  . ILE A 1 61  ? 1.266   -9.223  9.454   1.00 12.14 ? 84  ILE A CA  1 
ATOM   391  C C   . ILE A 1 61  ? 1.934   -9.029  8.084   1.00 7.85  ? 84  ILE A C   1 
ATOM   392  O O   . ILE A 1 61  ? 1.289   -8.506  7.168   1.00 5.51  ? 84  ILE A O   1 
ATOM   393  C CB  . ILE A 1 61  ? 1.638   -8.106  10.468  1.00 13.65 ? 84  ILE A CB  1 
ATOM   394  C CG1 . ILE A 1 61  ? 0.768   -8.197  11.736  1.00 8.41  ? 84  ILE A CG1 1 
ATOM   395  C CG2 . ILE A 1 61  ? 1.458   -6.729  9.903   1.00 7.69  ? 84  ILE A CG2 1 
ATOM   396  C CD1 . ILE A 1 61  ? 1.396   -7.354  12.864  1.00 5.84  ? 84  ILE A CD1 1 
ATOM   397  N N   . VAL A 1 62  ? 3.208   -9.456  7.949   1.00 7.73  ? 85  VAL A N   1 
ATOM   398  C CA  . VAL A 1 62  ? 3.984   -9.275  6.713   1.00 6.13  ? 85  VAL A CA  1 
ATOM   399  C C   . VAL A 1 62  ? 3.470   -10.222 5.602   1.00 10.75 ? 85  VAL A C   1 
ATOM   400  O O   . VAL A 1 62  ? 3.448   -9.802  4.414   1.00 7.84  ? 85  VAL A O   1 
ATOM   401  C CB  . VAL A 1 62  ? 5.513   -9.413  6.979   1.00 5.90  ? 85  VAL A CB  1 
ATOM   402  C CG1 . VAL A 1 62  ? 6.347   -9.423  5.731   1.00 8.48  ? 85  VAL A CG1 1 
ATOM   403  C CG2 . VAL A 1 62  ? 6.008   -8.195  7.803   1.00 10.39 ? 85  VAL A CG2 1 
ATOM   404  N N   . GLU A 1 63  ? 3.030   -11.433 5.971   1.00 4.83  ? 86  GLU A N   1 
ATOM   405  C CA  . GLU A 1 63  ? 2.321   -12.337 4.993   1.00 10.60 ? 86  GLU A CA  1 
ATOM   406  C C   . GLU A 1 63  ? 1.057   -11.687 4.419   1.00 7.65  ? 86  GLU A C   1 
ATOM   407  O O   . GLU A 1 63  ? 0.805   -11.807 3.241   1.00 8.11  ? 86  GLU A O   1 
ATOM   408  C CB  . GLU A 1 63  ? 1.990   -13.691 5.599   1.00 5.91  ? 86  GLU A CB  1 
ATOM   409  C CG  . GLU A 1 63  ? 3.206   -14.538 5.771   1.00 13.25 ? 86  GLU A CG  1 
ATOM   410  C CD  . GLU A 1 63  ? 2.974   -15.816 6.590   1.00 15.16 ? 86  GLU A CD  1 
ATOM   411  O OE1 . GLU A 1 63  ? 1.907   -16.029 7.187   1.00 16.19 ? 86  GLU A OE1 1 
ATOM   412  O OE2 . GLU A 1 63  ? 3.882   -16.644 6.557   1.00 19.73 ? 86  GLU A OE2 1 
ATOM   413  N N   . ALA A 1 64  ? 0.278   -10.983 5.254   1.00 4.69  ? 87  ALA A N   1 
ATOM   414  C CA  . ALA A 1 64  ? -0.883  -10.282 4.775   1.00 5.62  ? 87  ALA A CA  1 
ATOM   415  C C   . ALA A 1 64  ? -0.515  -9.204  3.780   1.00 5.86  ? 87  ALA A C   1 
ATOM   416  O O   . ALA A 1 64  ? -1.148  -9.059  2.747   1.00 7.51  ? 87  ALA A O   1 
ATOM   417  C CB  . ALA A 1 64  ? -1.642  -9.663  5.930   1.00 4.82  ? 87  ALA A CB  1 
ATOM   418  N N   . LEU A 1 65  ? 0.486   -8.407  4.136   1.00 5.83  ? 88  LEU A N   1 
ATOM   419  C CA  . LEU A 1 65  ? 0.957   -7.330  3.289   1.00 5.48  ? 88  LEU A CA  1 
ATOM   420  C C   . LEU A 1 65  ? 1.353   -7.873  1.900   1.00 5.56  ? 88  LEU A C   1 
ATOM   421  O O   . LEU A 1 65  ? 0.956   -7.322  0.863   1.00 5.30  ? 88  LEU A O   1 
ATOM   422  C CB  . LEU A 1 65  ? 2.167   -6.670  3.961   1.00 5.05  ? 88  LEU A CB  1 
ATOM   423  C CG  . LEU A 1 65  ? 2.860   -5.565  3.206   1.00 7.96  ? 88  LEU A CG  1 
ATOM   424  C CD1 . LEU A 1 65  ? 1.987   -4.321  3.246   1.00 9.00  ? 88  LEU A CD1 1 
ATOM   425  C CD2 . LEU A 1 65  ? 4.222   -5.268  3.831   1.00 8.52  ? 88  LEU A CD2 1 
ATOM   426  N N   . GLN A 1 66  ? 2.171   -8.920  1.892   1.00 4.81  ? 89  GLN A N   1 
ATOM   427  C CA  . GLN A 1 66  ? 2.659   -9.555  0.656   1.00 8.53  ? 89  GLN A CA  1 
ATOM   428  C C   . GLN A 1 66  ? 1.525   -10.150 -0.174  1.00 7.89  ? 89  GLN A C   1 
ATOM   429  O O   . GLN A 1 66  ? 1.502   -10.035 -1.384  1.00 6.61  ? 89  GLN A O   1 
ATOM   430  C CB  . GLN A 1 66  ? 3.664   -10.663 0.990   1.00 7.28  ? 89  GLN A CB  1 
ATOM   431  C CG  . GLN A 1 66  ? 4.961   -10.131 1.538   1.00 9.75  ? 89  GLN A CG  1 
ATOM   432  C CD  . GLN A 1 66  ? 5.878   -11.220 2.090   1.00 16.64 ? 89  GLN A CD  1 
ATOM   433  O OE1 . GLN A 1 66  ? 5.412   -12.172 2.719   1.00 14.00 ? 89  GLN A OE1 1 
ATOM   434  N NE2 . GLN A 1 66  ? 7.189   -11.049 1.896   1.00 13.00 ? 89  GLN A NE2 1 
ATOM   435  N N   . ARG A 1 67  ? 0.543   -10.731 0.488   1.00 6.91  ? 90  ARG A N   1 
ATOM   436  C CA  . ARG A 1 67  ? -0.589  -11.316 -0.223  1.00 7.70  ? 90  ARG A CA  1 
ATOM   437  C C   . ARG A 1 67  ? -1.365  -10.179 -0.928  1.00 9.49  ? 90  ARG A C   1 
ATOM   438  O O   . ARG A 1 67  ? -1.725  -10.283 -2.084  1.00 11.48 ? 90  ARG A O   1 
ATOM   439  C CB  . ARG A 1 67  ? -1.504  -12.120 0.748   1.00 5.53  ? 90  ARG A CB  1 
ATOM   440  C CG  . ARG A 1 67  ? -2.862  -12.623 0.094   1.00 6.39  ? 90  ARG A CG  1 
ATOM   441  C CD  . ARG A 1 67  ? -3.734  -13.400 1.031   1.00 12.51 ? 90  ARG A CD  1 
ATOM   442  N NE  . ARG A 1 67  ? -4.003  -12.717 2.303   1.00 8.73  ? 90  ARG A NE  1 
ATOM   443  C CZ  . ARG A 1 67  ? -4.831  -11.695 2.467   1.00 13.51 ? 90  ARG A CZ  1 
ATOM   444  N NH1 . ARG A 1 67  ? -5.433  -11.168 1.418   1.00 11.45 ? 90  ARG A NH1 1 
ATOM   445  N NH2 . ARG A 1 67  ? -5.020  -11.162 3.695   1.00 8.35  ? 90  ARG A NH2 1 
ATOM   446  N N   . GLU A 1 68  ? -1.683  -9.110  -0.197  1.00 9.42  ? 91  GLU A N   1 
ATOM   447  C CA  . GLU A 1 68  ? -2.477  -8.028  -0.759  1.00 9.35  ? 91  GLU A CA  1 
ATOM   448  C C   . GLU A 1 68  ? -1.720  -7.387  -1.961  1.00 8.90  ? 91  GLU A C   1 
ATOM   449  O O   . GLU A 1 68  ? -2.309  -7.018  -3.007  1.00 7.73  ? 91  GLU A O   1 
ATOM   450  C CB  . GLU A 1 68  ? -2.752  -6.999  0.319   1.00 9.43  ? 91  GLU A CB  1 
ATOM   451  C CG  . GLU A 1 68  ? -3.643  -7.396  1.435   1.00 10.81 ? 91  GLU A CG  1 
ATOM   452  C CD  . GLU A 1 68  ? -5.085  -7.613  1.003   1.00 13.38 ? 91  GLU A CD  1 
ATOM   453  O OE1 . GLU A 1 68  ? -5.415  -7.243  -0.122  1.00 18.40 ? 91  GLU A OE1 1 
ATOM   454  O OE2 . GLU A 1 68  ? -5.877  -8.172  1.790   1.00 16.17 ? 91  GLU A OE2 1 
ATOM   455  N N   . VAL A 1 69  ? -0.398  -7.253  -1.827  1.00 7.03  ? 92  VAL A N   1 
ATOM   456  C CA  . VAL A 1 69  ? 0.383   -6.664  -2.891  1.00 4.20  ? 92  VAL A CA  1 
ATOM   457  C C   . VAL A 1 69  ? 0.334   -7.566  -4.094  1.00 5.88  ? 92  VAL A C   1 
ATOM   458  O O   . VAL A 1 69  ? 0.184   -7.105  -5.188  1.00 5.00  ? 92  VAL A O   1 
ATOM   459  C CB  . VAL A 1 69  ? 1.842   -6.424  -2.454  1.00 9.00  ? 92  VAL A CB  1 
ATOM   460  C CG1 . VAL A 1 69  ? 2.750   -6.073  -3.645  1.00 3.28  ? 92  VAL A CG1 1 
ATOM   461  C CG2 . VAL A 1 69  ? 1.839   -5.345  -1.425  1.00 3.60  ? 92  VAL A CG2 1 
ATOM   462  N N   . LYS A 1 70  ? 0.464   -8.855  -3.884  1.00 5.48  ? 93  LYS A N   1 
ATOM   463  C CA  . LYS A 1 70  ? 0.461   -9.836  -4.975  1.00 8.71  ? 93  LYS A CA  1 
ATOM   464  C C   . LYS A 1 70  ? -0.920  -9.876  -5.636  1.00 10.26 ? 93  LYS A C   1 
ATOM   465  O O   . LYS A 1 70  ? -1.005  -9.843  -6.850  1.00 7.17  ? 93  LYS A O   1 
ATOM   466  C CB  . LYS A 1 70  ? 0.807   -11.225 -4.455  1.00 11.55 ? 93  LYS A CB  1 
ATOM   467  C CG  . LYS A 1 70  ? 0.847   -12.257 -5.582  1.00 23.66 ? 93  LYS A CG  1 
ATOM   468  C CD  . LYS A 1 70  ? 1.699   -13.483 -5.229  1.00 46.47 ? 93  LYS A CD  1 
ATOM   469  C CE  . LYS A 1 70  ? 2.113   -14.228 -6.537  1.00 47.78 ? 93  LYS A CE  1 
ATOM   470  N NZ  . LYS A 1 70  ? 2.836   -13.296 -7.495  1.00 34.73 ? 93  LYS A NZ  1 
ATOM   471  N N   . GLU A 1 71  ? -1.992  -9.906  -4.836  1.00 6.85  ? 94  GLU A N   1 
ATOM   472  C CA  . GLU A 1 71  ? -3.372  -9.974  -5.382  1.00 12.85 ? 94  GLU A CA  1 
ATOM   473  C C   . GLU A 1 71  ? -3.693  -8.722  -6.188  1.00 10.42 ? 94  GLU A C   1 
ATOM   474  O O   . GLU A 1 71  ? -4.235  -8.803  -7.275  1.00 7.42  ? 94  GLU A O   1 
ATOM   475  C CB  . GLU A 1 71  ? -4.435  -10.146 -4.264  1.00 9.68  ? 94  GLU A CB  1 
ATOM   476  C CG  . GLU A 1 71  ? -4.322  -11.468 -3.518  1.00 12.45 ? 94  GLU A CG  1 
ATOM   477  C CD  . GLU A 1 71  ? -5.341  -11.597 -2.347  1.00 28.71 ? 94  GLU A CD  1 
ATOM   478  O OE1 . GLU A 1 71  ? -5.978  -10.592 -1.954  1.00 29.41 ? 94  GLU A OE1 1 
ATOM   479  O OE2 . GLU A 1 71  ? -5.472  -12.704 -1.781  1.00 30.45 ? 94  GLU A OE2 1 
ATOM   480  N N   . GLU A 1 72  ? -3.369  -7.554  -5.642  1.00 5.93  ? 95  GLU A N   1 
ATOM   481  C CA  . GLU A 1 72  ? -3.713  -6.305  -6.283  1.00 5.45  ? 95  GLU A CA  1 
ATOM   482  C C   . GLU A 1 72  ? -2.741  -5.755  -7.311  1.00 6.82  ? 95  GLU A C   1 
ATOM   483  O O   . GLU A 1 72  ? -3.156  -5.043  -8.238  1.00 6.02  ? 95  GLU A O   1 
ATOM   484  C CB  . GLU A 1 72  ? -3.999  -5.262  -5.196  1.00 8.12  ? 95  GLU A CB  1 
ATOM   485  C CG  . GLU A 1 72  ? -5.211  -5.664  -4.382  1.00 10.24 ? 95  GLU A CG  1 
ATOM   486  C CD  . GLU A 1 72  ? -5.541  -4.702  -3.290  1.00 22.74 ? 95  GLU A CD  1 
ATOM   487  O OE1 . GLU A 1 72  ? -4.695  -3.902  -2.900  1.00 15.96 ? 95  GLU A OE1 1 
ATOM   488  O OE2 . GLU A 1 72  ? -6.714  -4.717  -2.860  1.00 25.47 ? 95  GLU A OE2 1 
ATOM   489  N N   . ALA A 1 73  ? -1.448  -6.002  -7.129  1.00 6.31  ? 96  ALA A N   1 
ATOM   490  C CA  . ALA A 1 73  ? -0.458  -5.401  -7.990  1.00 6.88  ? 96  ALA A CA  1 
ATOM   491  C C   . ALA A 1 73  ? 0.426   -6.418  -8.728  1.00 6.18  ? 96  ALA A C   1 
ATOM   492  O O   . ALA A 1 73  ? 1.163   -6.045  -9.608  1.00 8.20  ? 96  ALA A O   1 
ATOM   493  C CB  . ALA A 1 73  ? 0.391   -4.447  -7.238  1.00 6.05  ? 96  ALA A CB  1 
ATOM   494  N N   . GLY A 1 74  ? 0.353   -7.676  -8.340  1.00 8.37  ? 97  GLY A N   1 
ATOM   495  C CA  . GLY A 1 74  ? 1.059   -8.776  -9.018  1.00 7.15  ? 97  GLY A CA  1 
ATOM   496  C C   . GLY A 1 74  ? 2.489   -8.968  -8.555  1.00 7.86  ? 97  GLY A C   1 
ATOM   497  O O   . GLY A 1 74  ? 3.161   -9.823  -9.048  1.00 7.24  ? 97  GLY A O   1 
ATOM   498  N N   . LEU A 1 75  ? 2.975   -8.137  -7.658  1.00 5.18  ? 98  LEU A N   1 
ATOM   499  C CA  . LEU A 1 75  ? 4.398   -8.085  -7.354  1.00 7.75  ? 98  LEU A CA  1 
ATOM   500  C C   . LEU A 1 75  ? 4.711   -8.896  -6.110  1.00 10.32 ? 98  LEU A C   1 
ATOM   501  O O   . LEU A 1 75  ? 3.833   -9.097  -5.289  1.00 7.31  ? 98  LEU A O   1 
ATOM   502  C CB  . LEU A 1 75  ? 4.883   -6.630  -7.128  1.00 4.35  ? 98  LEU A CB  1 
ATOM   503  C CG  . LEU A 1 75  ? 4.819   -5.616  -8.294  1.00 10.80 ? 98  LEU A CG  1 
ATOM   504  C CD1 . LEU A 1 75  ? 5.428   -4.276  -7.920  1.00 9.41  ? 98  LEU A CD1 1 
ATOM   505  C CD2 . LEU A 1 75  ? 5.531   -6.189  -9.542  1.00 9.00  ? 98  LEU A CD2 1 
ATOM   506  N N   . HIS A 1 76  ? 5.969   -9.313  -5.982  1.00 7.71  ? 99  HIS A N   1 
ATOM   507  C CA  . HIS A 1 76  ? 6.531   -9.844  -4.738  1.00 12.70 ? 99  HIS A CA  1 
ATOM   508  C C   . HIS A 1 76  ? 7.122   -8.606  -4.034  1.00 6.93  ? 99  HIS A C   1 
ATOM   509  O O   . HIS A 1 76  ? 7.573   -7.664  -4.685  1.00 6.57  ? 99  HIS A O   1 
ATOM   510  C CB  . HIS A 1 76  ? 7.664   -10.876 -4.998  1.00 11.32 ? 99  HIS A CB  1 
ATOM   511  C CG  . HIS A 1 76  ? 7.255   -12.100 -5.785  1.00 11.27 ? 99  HIS A CG  1 
ATOM   512  N ND1 . HIS A 1 76  ? 8.177   -13.041 -6.211  1.00 9.43  ? 99  HIS A ND1 1 
ATOM   513  C CD2 . HIS A 1 76  ? 6.049   -12.542 -6.218  1.00 12.81 ? 99  HIS A CD2 1 
ATOM   514  C CE1 . HIS A 1 76  ? 7.549   -14.021 -6.837  1.00 14.46 ? 99  HIS A CE1 1 
ATOM   515  N NE2 . HIS A 1 76  ? 6.266   -13.723 -6.890  1.00 12.83 ? 99  HIS A NE2 1 
ATOM   516  N N   . CYS A 1 77  ? 7.095   -8.586  -2.716  1.00 7.11  ? 100 CYS A N   1 
ATOM   517  C CA  . CYS A 1 77  ? 7.717   -7.535  -1.956  1.00 4.60  ? 100 CYS A CA  1 
ATOM   518  C C   . CYS A 1 77  ? 8.278   -7.925  -0.598  1.00 8.00  ? 100 CYS A C   1 
ATOM   519  O O   . CYS A 1 77  ? 7.985   -8.971  -0.053  1.00 9.09  ? 100 CYS A O   1 
ATOM   520  C CB  . CYS A 1 77  ? 6.768   -6.373  -1.766  1.00 3.49  ? 100 CYS A CB  1 
ATOM   521  S SG  . CYS A 1 77  ? 5.380   -6.654  -0.740  1.00 7.07  ? 100 CYS A SG  1 
ATOM   522  N N   . GLU A 1 78  ? 9.025   -6.996  -0.028  1.00 5.63  ? 101 GLU A N   1 
ATOM   523  C CA  . GLU A 1 78  ? 9.498   -7.105  1.350   1.00 10.97 ? 101 GLU A CA  1 
ATOM   524  C C   . GLU A 1 78  ? 9.272   -5.757  2.032   1.00 8.81  ? 101 GLU A C   1 
ATOM   525  O O   . GLU A 1 78  ? 9.374   -4.712  1.381   1.00 10.03 ? 101 GLU A O   1 
ATOM   526  C CB  . GLU A 1 78  ? 10.975  -7.436  1.381   1.00 9.99  ? 101 GLU A CB  1 
ATOM   527  C CG  . GLU A 1 78  ? 11.256  -8.824  0.878   1.00 11.09 ? 101 GLU A CG  1 
ATOM   528  C CD  . GLU A 1 78  ? 10.686  -9.909  1.779   1.00 12.32 ? 101 GLU A CD  1 
ATOM   529  O OE1 . GLU A 1 78  ? 10.397  -9.678  2.968   1.00 15.39 ? 101 GLU A OE1 1 
ATOM   530  O OE2 . GLU A 1 78  ? 10.515  -11.025 1.286   1.00 23.28 ? 101 GLU A OE2 1 
ATOM   531  N N   . PRO A 1 79  ? 8.951   -5.780  3.322   1.00 8.27  ? 102 PRO A N   1 
ATOM   532  C CA  . PRO A 1 79  ? 8.806   -4.519  4.055   1.00 11.10 ? 102 PRO A CA  1 
ATOM   533  C C   . PRO A 1 79  ? 10.171  -3.875  4.347   1.00 11.49 ? 102 PRO A C   1 
ATOM   534  O O   . PRO A 1 79  ? 11.115  -4.596  4.631   1.00 11.84 ? 102 PRO A O   1 
ATOM   535  C CB  . PRO A 1 79  ? 8.088   -4.947  5.338   1.00 7.47  ? 102 PRO A CB  1 
ATOM   536  C CG  . PRO A 1 79  ? 8.529   -6.423  5.572   1.00 7.98  ? 102 PRO A CG  1 
ATOM   537  C CD  . PRO A 1 79  ? 8.791   -6.978  4.180   1.00 4.77  ? 102 PRO A CD  1 
ATOM   538  N N   . GLU A 1 80  ? 10.275  -2.558  4.276   1.00 13.42 ? 103 GLU A N   1 
ATOM   539  C CA  . GLU A 1 80  ? 11.507  -1.847  4.677   1.00 11.02 ? 103 GLU A CA  1 
ATOM   540  C C   . GLU A 1 80  ? 11.388  -1.187  6.029   1.00 15.23 ? 103 GLU A C   1 
ATOM   541  O O   . GLU A 1 80  ? 12.361  -1.073  6.773   1.00 12.38 ? 103 GLU A O   1 
ATOM   542  C CB  . GLU A 1 80  ? 11.837  -0.772  3.660   1.00 8.60  ? 103 GLU A CB  1 
ATOM   543  C CG  . GLU A 1 80  ? 12.696  -1.256  2.560   1.00 13.45 ? 103 GLU A CG  1 
ATOM   544  C CD  . GLU A 1 80  ? 13.137  -0.157  1.620   1.00 16.43 ? 103 GLU A CD  1 
ATOM   545  O OE1 . GLU A 1 80  ? 13.974  0.696   2.029   1.00 17.61 ? 103 GLU A OE1 1 
ATOM   546  O OE2 . GLU A 1 80  ? 12.647  -0.180  0.480   1.00 19.30 ? 103 GLU A OE2 1 
ATOM   547  N N   . THR A 1 81  ? 10.175  -0.756  6.361   1.00 12.48 ? 104 THR A N   1 
ATOM   548  C CA  . THR A 1 81  ? 9.900   -0.167  7.648   1.00 11.90 ? 104 THR A CA  1 
ATOM   549  C C   . THR A 1 81  ? 8.399   -0.033  7.791   1.00 14.24 ? 104 THR A C   1 
ATOM   550  O O   . THR A 1 81  ? 7.652   -0.058  6.815   1.00 12.57 ? 104 THR A O   1 
ATOM   551  C CB  . THR A 1 81  ? 10.600  1.241   7.881   1.00 14.40 ? 104 THR A CB  1 
ATOM   552  O OG1 . THR A 1 81  ? 10.719  1.477   9.280   1.00 13.51 ? 104 THR A OG1 1 
ATOM   553  C CG2 . THR A 1 81  ? 9.821   2.466   7.282   1.00 12.88 ? 104 THR A CG2 1 
ATOM   554  N N   . LEU A 1 82  ? 7.979   0.099   9.039   1.00 13.33 ? 105 LEU A N   1 
ATOM   555  C CA  . LEU A 1 82  ? 6.656   0.484   9.397   1.00 14.03 ? 105 LEU A CA  1 
ATOM   556  C C   . LEU A 1 82  ? 6.573   1.977   9.559   1.00 19.03 ? 105 LEU A C   1 
ATOM   557  O O   . LEU A 1 82  ? 7.107   2.549   10.510  1.00 15.17 ? 105 LEU A O   1 
ATOM   558  C CB  . LEU A 1 82  ? 6.305   -0.174  10.683  1.00 17.88 ? 105 LEU A CB  1 
ATOM   559  C CG  . LEU A 1 82  ? 4.878   -0.258  11.142  1.00 22.13 ? 105 LEU A CG  1 
ATOM   560  C CD1 . LEU A 1 82  ? 3.934   -0.894  10.117  1.00 14.53 ? 105 LEU A CD1 1 
ATOM   561  C CD2 . LEU A 1 82  ? 5.002   -1.106  12.403  1.00 18.16 ? 105 LEU A CD2 1 
ATOM   562  N N   . LEU A 1 83  ? 5.890   2.613   8.614   1.00 10.40 ? 106 LEU A N   1 
ATOM   563  C CA  . LEU A 1 83  ? 5.855   4.028   8.531   1.00 8.97  ? 106 LEU A CA  1 
ATOM   564  C C   . LEU A 1 83  ? 4.832   4.665   9.404   1.00 13.24 ? 106 LEU A C   1 
ATOM   565  O O   . LEU A 1 83  ? 4.968   5.809   9.736   1.00 21.94 ? 106 LEU A O   1 
ATOM   566  C CB  . LEU A 1 83  ? 5.518   4.433   7.109   1.00 9.82  ? 106 LEU A CB  1 
ATOM   567  C CG  . LEU A 1 83  ? 6.400   4.162   5.898   1.00 10.82 ? 106 LEU A CG  1 
ATOM   568  C CD1 . LEU A 1 83  ? 5.611   4.545   4.640   1.00 6.93  ? 106 LEU A CD1 1 
ATOM   569  C CD2 . LEU A 1 83  ? 7.662   5.041   6.037   1.00 9.69  ? 106 LEU A CD2 1 
ATOM   570  N N   . SER A 1 84  ? 3.747   3.984   9.673   1.00 16.15 ? 107 SER A N   1 
ATOM   571  C CA  . SER A 1 84  ? 2.646   4.513   10.481  1.00 18.05 ? 107 SER A CA  1 
ATOM   572  C C   . SER A 1 84  ? 1.751   3.346   10.980  1.00 12.51 ? 107 SER A C   1 
ATOM   573  O O   . SER A 1 84  ? 1.615   2.296   10.302  1.00 9.16  ? 107 SER A O   1 
ATOM   574  C CB  . SER A 1 84  ? 1.820   5.463   9.642   1.00 17.43 ? 107 SER A CB  1 
ATOM   575  O OG  . SER A 1 84  ? 0.706   5.958   10.314  1.00 23.67 ? 107 SER A OG  1 
ATOM   576  N N   . VAL A 1 85  ? 1.191   3.522   12.174  1.00 9.14  ? 108 VAL A N   1 
ATOM   577  C CA  . VAL A 1 85  ? 0.208   2.589   12.710  1.00 8.90  ? 108 VAL A CA  1 
ATOM   578  C C   . VAL A 1 85  ? -0.959  3.431   13.130  1.00 13.63 ? 108 VAL A C   1 
ATOM   579  O O   . VAL A 1 85  ? -0.769  4.407   13.822  1.00 16.75 ? 108 VAL A O   1 
ATOM   580  C CB  . VAL A 1 85  ? 0.781   1.825   13.914  1.00 14.38 ? 108 VAL A CB  1 
ATOM   581  C CG1 . VAL A 1 85  ? -0.210  0.890   14.482  1.00 14.61 ? 108 VAL A CG1 1 
ATOM   582  C CG2 . VAL A 1 85  ? 2.065   1.058   13.527  1.00 12.90 ? 108 VAL A CG2 1 
ATOM   583  N N   . GLU A 1 86  ? -2.159  3.152   12.638  1.00 10.69 ? 109 GLU A N   1 
ATOM   584  C CA  . GLU A 1 86  ? -3.296  4.049   12.874  1.00 12.85 ? 109 GLU A CA  1 
ATOM   585  C C   . GLU A 1 86  ? -4.440  3.266   13.457  1.00 14.08 ? 109 GLU A C   1 
ATOM   586  O O   . GLU A 1 86  ? -4.660  2.150   13.084  1.00 12.90 ? 109 GLU A O   1 
ATOM   587  C CB  . GLU A 1 86  ? -3.742  4.693   11.522  1.00 18.03 ? 109 GLU A CB  1 
ATOM   588  C CG  . GLU A 1 86  ? -2.566  5.273   10.776  1.00 28.15 ? 109 GLU A CG  1 
ATOM   589  C CD  . GLU A 1 86  ? -2.709  5.477   9.266   1.00 34.12 ? 109 GLU A CD  1 
ATOM   590  O OE1 . GLU A 1 86  ? -3.431  4.754   8.532   1.00 22.85 ? 109 GLU A OE1 1 
ATOM   591  O OE2 . GLU A 1 86  ? -1.997  6.410   8.822   1.00 36.26 ? 109 GLU A OE2 1 
ATOM   592  N N   . GLU A 1 87  ? -5.175  3.833   14.392  1.00 14.70 ? 110 GLU A N   1 
ATOM   593  C CA  . GLU A 1 87  ? -6.460  3.243   14.763  1.00 11.78 ? 110 GLU A CA  1 
ATOM   594  C C   . GLU A 1 87  ? -7.613  4.171   14.451  1.00 12.43 ? 110 GLU A C   1 
ATOM   595  O O   . GLU A 1 87  ? -7.451  5.381   14.423  1.00 13.51 ? 110 GLU A O   1 
ATOM   596  C CB  . GLU A 1 87  ? -6.459  2.853   16.237  1.00 9.54  ? 110 GLU A CB  1 
ATOM   597  C CG  . GLU A 1 87  ? -5.418  1.822   16.532  1.00 14.92 ? 110 GLU A CG  1 
ATOM   598  C CD  . GLU A 1 87  ? -5.332  1.475   17.973  1.00 24.46 ? 110 GLU A CD  1 
ATOM   599  O OE1 . GLU A 1 87  ? -5.365  2.393   18.841  1.00 23.20 ? 110 GLU A OE1 1 
ATOM   600  O OE2 . GLU A 1 87  ? -5.265  0.265   18.232  1.00 23.83 ? 110 GLU A OE2 1 
ATOM   601  N N   . ARG A 1 88  ? -8.772  3.589   14.173  1.00 14.39 ? 111 ARG A N   1 
ATOM   602  C CA  . ARG A 1 88  ? -10.016 4.344   14.033  1.00 12.17 ? 111 ARG A CA  1 
ATOM   603  C C   . ARG A 1 88  ? -11.026 3.757   15.043  1.00 17.41 ? 111 ARG A C   1 
ATOM   604  O O   . ARG A 1 88  ? -11.873 2.931   14.709  1.00 13.66 ? 111 ARG A O   1 
ATOM   605  C CB  . ARG A 1 88  ? -10.520 4.286   12.570  1.00 13.81 ? 111 ARG A CB  1 
ATOM   606  C CG  . ARG A 1 88  ? -9.693  5.121   11.652  1.00 12.25 ? 111 ARG A CG  1 
ATOM   607  C CD  . ARG A 1 88  ? -10.066 5.008   10.184  1.00 24.35 ? 111 ARG A CD  1 
ATOM   608  N NE  . ARG A 1 88  ? -9.016  5.634   9.355   1.00 16.96 ? 111 ARG A NE  1 
ATOM   609  C CZ  . ARG A 1 88  ? -8.939  5.530   8.041   1.00 17.20 ? 111 ARG A CZ  1 
ATOM   610  N NH1 . ARG A 1 88  ? -9.802  4.820   7.398   1.00 16.98 ? 111 ARG A NH1 1 
ATOM   611  N NH2 . ARG A 1 88  ? -7.959  6.090   7.376   1.00 22.58 ? 111 ARG A NH2 1 
ATOM   612  N N   . GLY A 1 89  ? -10.910 4.147   16.316  1.00 13.36 ? 112 GLY A N   1 
ATOM   613  C CA  . GLY A 1 89  ? -11.593 3.406   17.336  1.00 9.83  ? 112 GLY A CA  1 
ATOM   614  C C   . GLY A 1 89  ? -10.878 2.090   17.602  1.00 13.61 ? 112 GLY A C   1 
ATOM   615  O O   . GLY A 1 89  ? -9.960  1.689   16.853  1.00 15.87 ? 112 GLY A O   1 
ATOM   616  N N   . PRO A 1 90  ? -11.261 1.398   18.697  1.00 13.37 ? 113 PRO A N   1 
ATOM   617  C CA  . PRO A 1 90  ? -10.580 0.194   19.102  1.00 17.76 ? 113 PRO A CA  1 
ATOM   618  C C   . PRO A 1 90  ? -10.825 -1.003  18.147  1.00 19.19 ? 113 PRO A C   1 
ATOM   619  O O   . PRO A 1 90  ? -10.142 -1.983  18.242  1.00 17.92 ? 113 PRO A O   1 
ATOM   620  C CB  . PRO A 1 90  ? -11.187 -0.076  20.509  1.00 17.52 ? 113 PRO A CB  1 
ATOM   621  C CG  . PRO A 1 90  ? -12.578 0.464   20.397  1.00 15.71 ? 113 PRO A CG  1 
ATOM   622  C CD  . PRO A 1 90  ? -12.419 1.695   19.556  1.00 14.53 ? 113 PRO A CD  1 
ATOM   623  N N   . SER A 1 91  ? -11.780 -0.914  17.228  1.00 15.71 ? 114 SER A N   1 
ATOM   624  C CA  A SER A 1 91  ? -12.083 -2.048  16.365  0.36 19.50 ? 114 SER A CA  1 
ATOM   625  C CA  B SER A 1 91  ? -12.101 -2.039  16.362  0.64 19.53 ? 114 SER A CA  1 
ATOM   626  C C   . SER A 1 91  ? -11.540 -1.931  14.936  1.00 16.66 ? 114 SER A C   1 
ATOM   627  O O   . SER A 1 91  ? -11.883 -2.702  14.107  1.00 18.75 ? 114 SER A O   1 
ATOM   628  C CB  A SER A 1 91  ? -13.595 -2.274  16.309  0.36 15.54 ? 114 SER A CB  1 
ATOM   629  C CB  B SER A 1 91  ? -13.628 -2.241  16.315  0.64 15.41 ? 114 SER A CB  1 
ATOM   630  O OG  A SER A 1 91  ? -14.208 -1.273  15.533  0.36 19.63 ? 114 SER A OG  1 
ATOM   631  O OG  B SER A 1 91  ? -14.111 -2.795  17.534  0.64 21.70 ? 114 SER A OG  1 
ATOM   632  N N   . TRP A 1 92  ? -10.687 -0.949  14.656  1.00 19.20 ? 115 TRP A N   1 
ATOM   633  C CA  . TRP A 1 92  ? -10.048 -0.846  13.334  1.00 11.08 ? 115 TRP A CA  1 
ATOM   634  C C   . TRP A 1 92  ? -8.609  -0.424  13.520  1.00 15.75 ? 115 TRP A C   1 
ATOM   635  O O   . TRP A 1 92  ? -8.335  0.634   14.143  1.00 13.88 ? 115 TRP A O   1 
ATOM   636  C CB  . TRP A 1 92  ? -10.789 0.170   12.491  1.00 14.68 ? 115 TRP A CB  1 
ATOM   637  C CG  . TRP A 1 92  ? -10.431 0.225   11.027  1.00 19.71 ? 115 TRP A CG  1 
ATOM   638  C CD1 . TRP A 1 92  ? -11.106 -0.364  9.990   1.00 12.53 ? 115 TRP A CD1 1 
ATOM   639  C CD2 . TRP A 1 92  ? -9.348  0.961   10.437  1.00 10.55 ? 115 TRP A CD2 1 
ATOM   640  N NE1 . TRP A 1 92  ? -10.497 -0.049  8.803   1.00 13.42 ? 115 TRP A NE1 1 
ATOM   641  C CE2 . TRP A 1 92  ? -9.435  0.779   9.042   1.00 13.73 ? 115 TRP A CE2 1 
ATOM   642  C CE3 . TRP A 1 92  ? -8.347  1.787   10.950  1.00 13.24 ? 115 TRP A CE3 1 
ATOM   643  C CZ2 . TRP A 1 92  ? -8.544  1.387   8.154   1.00 14.71 ? 115 TRP A CZ2 1 
ATOM   644  C CZ3 . TRP A 1 92  ? -7.468  2.404   10.063  1.00 13.07 ? 115 TRP A CZ3 1 
ATOM   645  C CH2 . TRP A 1 92  ? -7.575  2.210   8.697   1.00 13.94 ? 115 TRP A CH2 1 
ATOM   646  N N   . VAL A 1 93  ? -7.682  -1.230  12.986  1.00 10.79 ? 116 VAL A N   1 
ATOM   647  C CA  . VAL A 1 93  ? -6.284  -0.880  12.980  1.00 11.26 ? 116 VAL A CA  1 
ATOM   648  C C   . VAL A 1 93  ? -5.608  -1.084  11.621  1.00 12.33 ? 116 VAL A C   1 
ATOM   649  O O   . VAL A 1 93  ? -5.875  -2.061  10.923  1.00 9.77  ? 116 VAL A O   1 
ATOM   650  C CB  . VAL A 1 93  ? -5.487  -1.654  14.115  1.00 18.49 ? 116 VAL A CB  1 
ATOM   651  C CG1 . VAL A 1 93  ? -5.616  -3.094  13.970  1.00 10.36 ? 116 VAL A CG1 1 
ATOM   652  C CG2 . VAL A 1 93  ? -4.017  -1.272  14.097  1.00 8.90  ? 116 VAL A CG2 1 
ATOM   653  N N   . ARG A 1 94  ? -4.735  -0.155  11.269  1.00 5.31  ? 117 ARG A N   1 
ATOM   654  C CA  . ARG A 1 94  ? -3.966  -0.220  10.006  1.00 8.17  ? 117 ARG A CA  1 
ATOM   655  C C   . ARG A 1 94  ? -2.461  -0.081  10.192  1.00 9.96  ? 117 ARG A C   1 
ATOM   656  O O   . ARG A 1 94  ? -1.923  0.846   10.797  1.00 7.00  ? 117 ARG A O   1 
ATOM   657  C CB  . ARG A 1 94  ? -4.479  0.810   8.976   1.00 8.94  ? 117 ARG A CB  1 
ATOM   658  C CG  . ARG A 1 94  ? -3.935  0.608   7.541   1.00 9.26  ? 117 ARG A CG  1 
ATOM   659  C CD  . ARG A 1 94  ? -4.703  1.412   6.499   1.00 7.97  ? 117 ARG A CD  1 
ATOM   660  N NE  . ARG A 1 94  ? -4.481  2.831   6.645   1.00 7.72  ? 117 ARG A NE  1 
ATOM   661  C CZ  . ARG A 1 94  ? -4.996  3.749   5.840   1.00 12.52 ? 117 ARG A CZ  1 
ATOM   662  N NH1 . ARG A 1 94  ? -5.799  3.403   4.855   1.00 9.23  ? 117 ARG A NH1 1 
ATOM   663  N NH2 . ARG A 1 94  ? -4.771  5.021   6.063   1.00 11.03 ? 117 ARG A NH2 1 
ATOM   664  N N   . PHE A 1 95  ? -1.776  -1.040  9.641   1.00 8.00  ? 118 PHE A N   1 
ATOM   665  C CA  . PHE A 1 95  ? -0.318  -1.047  9.626   1.00 8.26  ? 118 PHE A CA  1 
ATOM   666  C C   . PHE A 1 95  ? 0.150   -0.616  8.243   1.00 11.66 ? 118 PHE A C   1 
ATOM   667  O O   . PHE A 1 95  ? -0.099  -1.318  7.233   1.00 8.87  ? 118 PHE A O   1 
ATOM   668  C CB  . PHE A 1 95  ? 0.161   -2.463  9.916   1.00 5.90  ? 118 PHE A CB  1 
ATOM   669  C CG  . PHE A 1 95  ? -0.399  -3.038  11.199  1.00 8.63  ? 118 PHE A CG  1 
ATOM   670  C CD1 . PHE A 1 95  ? 0.124   -2.664  12.413  1.00 10.34 ? 118 PHE A CD1 1 
ATOM   671  C CD2 . PHE A 1 95  ? -1.448  -3.956  11.182  1.00 7.29  ? 118 PHE A CD2 1 
ATOM   672  C CE1 . PHE A 1 95  ? -0.405  -3.179  13.610  1.00 11.73 ? 118 PHE A CE1 1 
ATOM   673  C CE2 . PHE A 1 95  ? -1.957  -4.483  12.351  1.00 9.39  ? 118 PHE A CE2 1 
ATOM   674  C CZ  . PHE A 1 95  ? -1.428  -4.097  13.580  1.00 9.57  ? 118 PHE A CZ  1 
ATOM   675  N N   . VAL A 1 96  ? 0.790   0.553   8.185   1.00 8.61  ? 119 VAL A N   1 
ATOM   676  C CA  . VAL A 1 96  ? 1.267   1.098   6.931   1.00 5.34  ? 119 VAL A CA  1 
ATOM   677  C C   . VAL A 1 96  ? 2.765   0.883   6.815   1.00 8.53  ? 119 VAL A C   1 
ATOM   678  O O   . VAL A 1 96  ? 3.563   1.532   7.525   1.00 7.73  ? 119 VAL A O   1 
ATOM   679  C CB  . VAL A 1 96  ? 1.011   2.571   6.835   1.00 8.10  ? 119 VAL A CB  1 
ATOM   680  C CG1 . VAL A 1 96  ? 1.513   3.076   5.530   1.00 5.95  ? 119 VAL A CG1 1 
ATOM   681  C CG2 . VAL A 1 96  ? -0.455  2.868   7.019   1.00 3.90  ? 119 VAL A CG2 1 
ATOM   682  N N   . PHE A 1 97  ? 3.137   -0.034  5.928   1.00 6.65  ? 120 PHE A N   1 
ATOM   683  C CA  . PHE A 1 97  ? 4.532   -0.341  5.653   1.00 9.02  ? 120 PHE A CA  1 
ATOM   684  C C   . PHE A 1 97  ? 5.044   0.387   4.409   1.00 8.47  ? 120 PHE A C   1 
ATOM   685  O O   . PHE A 1 97  ? 4.329   0.510   3.399   1.00 7.76  ? 120 PHE A O   1 
ATOM   686  C CB  . PHE A 1 97  ? 4.674   -1.823  5.318   1.00 7.23  ? 120 PHE A CB  1 
ATOM   687  C CG  . PHE A 1 97  ? 4.472   -2.742  6.462   1.00 9.51  ? 120 PHE A CG  1 
ATOM   688  C CD1 . PHE A 1 97  ? 5.551   -3.184  7.217   1.00 7.87  ? 120 PHE A CD1 1 
ATOM   689  C CD2 . PHE A 1 97  ? 3.170   -3.145  6.827   1.00 8.46  ? 120 PHE A CD2 1 
ATOM   690  C CE1 . PHE A 1 97  ? 5.370   -4.065  8.245   1.00 10.40 ? 120 PHE A CE1 1 
ATOM   691  C CE2 . PHE A 1 97  ? 2.990   -4.004  7.858   1.00 7.68  ? 120 PHE A CE2 1 
ATOM   692  C CZ  . PHE A 1 97  ? 4.105   -4.487  8.566   1.00 9.55  ? 120 PHE A CZ  1 
ATOM   693  N N   . LEU A 1 98  ? 6.320   0.733   4.455   1.00 7.90  ? 121 LEU A N   1 
ATOM   694  C CA  . LEU A 1 98  ? 7.082   1.022   3.246   1.00 9.52  ? 121 LEU A CA  1 
ATOM   695  C C   . LEU A 1 98  ? 7.541   -0.302  2.756   1.00 7.40  ? 121 LEU A C   1 
ATOM   696  O O   . LEU A 1 98  ? 8.052   -1.094  3.527   1.00 10.66 ? 121 LEU A O   1 
ATOM   697  C CB  . LEU A 1 98  ? 8.274   1.947   3.537   1.00 10.81 ? 121 LEU A CB  1 
ATOM   698  C CG  . LEU A 1 98  ? 9.244   2.340   2.383   1.00 8.93  ? 121 LEU A CG  1 
ATOM   699  C CD1 . LEU A 1 98  ? 8.571   3.208   1.388   1.00 6.02  ? 121 LEU A CD1 1 
ATOM   700  C CD2 . LEU A 1 98  ? 10.516  3.037   2.883   1.00 7.40  ? 121 LEU A CD2 1 
ATOM   701  N N   . ALA A 1 99  ? 7.315   -0.576  1.482   1.00 9.36  ? 122 ALA A N   1 
ATOM   702  C CA  . ALA A 1 99  ? 7.725   -1.842  0.873   1.00 8.37  ? 122 ALA A CA  1 
ATOM   703  C C   . ALA A 1 99  ? 8.536   -1.638  -0.407  1.00 8.59  ? 122 ALA A C   1 
ATOM   704  O O   . ALA A 1 99  ? 8.509   -0.569  -1.008  1.00 8.20  ? 122 ALA A O   1 
ATOM   705  C CB  . ALA A 1 99  ? 6.486   -2.717  0.584   1.00 8.45  ? 122 ALA A CB  1 
ATOM   706  N N   . ARG A 1 100 ? 9.249   -2.677  -0.801  1.00 4.78  ? 123 ARG A N   1 
ATOM   707  C CA  . ARG A 1 100 ? 10.001  -2.616  -1.997  1.00 8.45  ? 123 ARG A CA  1 
ATOM   708  C C   . ARG A 1 100 ? 9.739   -3.868  -2.832  1.00 5.00  ? 123 ARG A C   1 
ATOM   709  O O   . ARG A 1 100 ? 9.524   -4.939  -2.290  1.00 6.81  ? 123 ARG A O   1 
ATOM   710  C CB  . ARG A 1 100 ? 11.516  -2.453  -1.694  1.00 9.55  ? 123 ARG A CB  1 
ATOM   711  C CG  . ARG A 1 100 ? 12.078  -3.645  -0.990  1.00 9.45  ? 123 ARG A CG  1 
ATOM   712  C CD  . ARG A 1 100 ? 13.566  -3.431  -0.548  1.00 21.04 ? 123 ARG A CD  1 
ATOM   713  N NE  . ARG A 1 100 ? 14.103  -4.630  0.143   1.00 15.78 ? 123 ARG A NE  1 
ATOM   714  C CZ  . ARG A 1 100 ? 14.934  -5.464  -0.440  1.00 14.92 ? 123 ARG A CZ  1 
ATOM   715  N NH1 . ARG A 1 100 ? 15.319  -5.194  -1.660  1.00 17.56 ? 123 ARG A NH1 1 
ATOM   716  N NH2 . ARG A 1 100 ? 15.409  -6.529  0.175   1.00 14.77 ? 123 ARG A NH2 1 
ATOM   717  N N   . PRO A 1 101 ? 9.868   -3.739  -4.162  1.00 7.78  ? 124 PRO A N   1 
ATOM   718  C CA  . PRO A 1 101 ? 9.623   -4.872  -5.053  1.00 7.35  ? 124 PRO A CA  1 
ATOM   719  C C   . PRO A 1 101 ? 10.763  -5.895  -5.057  1.00 12.04 ? 124 PRO A C   1 
ATOM   720  O O   . PRO A 1 101 ? 11.897  -5.524  -5.039  1.00 9.25  ? 124 PRO A O   1 
ATOM   721  C CB  . PRO A 1 101 ? 9.406   -4.217  -6.447  1.00 10.02 ? 124 PRO A CB  1 
ATOM   722  C CG  . PRO A 1 101 ? 9.674   -2.809  -6.319  1.00 11.87 ? 124 PRO A CG  1 
ATOM   723  C CD  . PRO A 1 101 ? 10.079  -2.471  -4.894  1.00 8.33  ? 124 PRO A CD  1 
ATOM   724  N N   . THR A 1 102 ? 10.427  -7.179  -5.037  1.00 9.52  ? 125 THR A N   1 
ATOM   725  C CA  . THR A 1 102 ? 11.402  -8.230  -5.068  1.00 12.47 ? 125 THR A CA  1 
ATOM   726  C C   . THR A 1 102 ? 11.103  -9.334  -6.102  1.00 15.42 ? 125 THR A C   1 
ATOM   727  O O   . THR A 1 102 ? 11.715  -10.377 -6.061  1.00 10.22 ? 125 THR A O   1 
ATOM   728  C CB  . THR A 1 102 ? 11.511  -8.888  -3.666  1.00 13.45 ? 125 THR A CB  1 
ATOM   729  O OG1 . THR A 1 102 ? 10.229  -9.345  -3.248  1.00 9.06  ? 125 THR A OG1 1 
ATOM   730  C CG2 . THR A 1 102 ? 12.035  -7.905  -2.662  1.00 10.69 ? 125 THR A CG2 1 
ATOM   731  N N   . GLY A 1 103 ? 10.119  -9.116  -6.986  1.00 16.07 ? 126 GLY A N   1 
ATOM   732  C CA  . GLY A 1 103 ? 9.858   -10.008 -8.108  1.00 9.17  ? 126 GLY A CA  1 
ATOM   733  C C   . GLY A 1 103 ? 8.399   -9.879  -8.510  1.00 9.18  ? 126 GLY A C   1 
ATOM   734  O O   . GLY A 1 103 ? 7.727   -8.868  -8.188  1.00 8.10  ? 126 GLY A O   1 
ATOM   735  N N   . GLY A 1 104 ? 7.890   -10.903 -9.159  1.00 6.74  ? 127 GLY A N   1 
ATOM   736  C CA  . GLY A 1 104 ? 6.501   -10.897 -9.656  1.00 8.54  ? 127 GLY A CA  1 
ATOM   737  C C   . GLY A 1 104 ? 6.393   -10.117 -10.945 1.00 7.96  ? 127 GLY A C   1 
ATOM   738  O O   . GLY A 1 104 ? 7.385   -9.821  -11.555 1.00 7.11  ? 127 GLY A O   1 
ATOM   739  N N   . ILE A 1 105 ? 5.164   -9.797  -11.359 1.00 10.52 ? 128 ILE A N   1 
ATOM   740  C CA  . ILE A 1 105 ? 4.891   -9.225  -12.689 1.00 8.41  ? 128 ILE A CA  1 
ATOM   741  C C   . ILE A 1 105 ? 3.824   -8.188  -12.452 1.00 9.12  ? 128 ILE A C   1 
ATOM   742  O O   . ILE A 1 105 ? 2.796   -8.476  -11.820 1.00 11.73 ? 128 ILE A O   1 
ATOM   743  C CB  . ILE A 1 105 ? 4.306   -10.270 -13.622 1.00 7.87  ? 128 ILE A CB  1 
ATOM   744  C CG1 . ILE A 1 105 ? 5.315   -11.387 -13.832 1.00 13.87 ? 128 ILE A CG1 1 
ATOM   745  C CG2 . ILE A 1 105 ? 3.974   -9.616  -14.951 1.00 11.63 ? 128 ILE A CG2 1 
ATOM   746  C CD1 . ILE A 1 105 ? 4.747   -12.569 -14.549 1.00 9.31  ? 128 ILE A CD1 1 
ATOM   747  N N   . LEU A 1 106 ? 4.085   -6.970  -12.861 1.00 8.81  ? 129 LEU A N   1 
ATOM   748  C CA  . LEU A 1 106 ? 3.170   -5.895  -12.542 1.00 15.05 ? 129 LEU A CA  1 
ATOM   749  C C   . LEU A 1 106 ? 1.846   -6.236  -13.238 1.00 8.22  ? 129 LEU A C   1 
ATOM   750  O O   . LEU A 1 106 ? 1.819   -6.556  -14.424 1.00 5.50  ? 129 LEU A O   1 
ATOM   751  C CB  . LEU A 1 106 ? 3.711   -4.576  -13.071 1.00 8.70  ? 129 LEU A CB  1 
ATOM   752  C CG  . LEU A 1 106 ? 2.764   -3.383  -12.857 1.00 6.14  ? 129 LEU A CG  1 
ATOM   753  C CD1 . LEU A 1 106 ? 2.697   -3.037  -11.405 1.00 5.94  ? 129 LEU A CD1 1 
ATOM   754  C CD2 . LEU A 1 106 ? 3.231   -2.156  -13.716 1.00 5.45  ? 129 LEU A CD2 1 
ATOM   755  N N   . LYS A 1 107 ? 0.778   -6.182  -12.471 1.00 7.39  ? 130 LYS A N   1 
ATOM   756  C CA  . LYS A 1 107 ? -0.589  -6.462  -12.918 1.00 7.14  ? 130 LYS A CA  1 
ATOM   757  C C   . LYS A 1 107 ? -1.238  -5.268  -13.625 1.00 8.24  ? 130 LYS A C   1 
ATOM   758  O O   . LYS A 1 107 ? -1.822  -4.370  -12.983 1.00 7.90  ? 130 LYS A O   1 
ATOM   759  C CB  . LYS A 1 107 ? -1.424  -6.810  -11.695 1.00 6.77  ? 130 LYS A CB  1 
ATOM   760  C CG  . LYS A 1 107 ? -2.839  -7.257  -11.997 1.00 8.94  ? 130 LYS A CG  1 
ATOM   761  C CD  . LYS A 1 107 ? -3.513  -7.671  -10.726 1.00 10.81 ? 130 LYS A CD  1 
ATOM   762  C CE  . LYS A 1 107 ? -4.895  -8.270  -10.990 1.00 15.35 ? 130 LYS A CE  1 
ATOM   763  N NZ  . LYS A 1 107 ? -5.919  -7.259  -11.258 1.00 12.61 ? 130 LYS A NZ  1 
ATOM   764  N N   . THR A 1 108 ? -1.197  -5.302  -14.952 1.00 11.04 ? 131 THR A N   1 
ATOM   765  C CA  . THR A 1 108 ? -1.700  -4.223  -15.789 1.00 11.31 ? 131 THR A CA  1 
ATOM   766  C C   . THR A 1 108 ? -3.131  -4.440  -16.217 1.00 15.68 ? 131 THR A C   1 
ATOM   767  O O   . THR A 1 108 ? -3.771  -5.414  -15.793 1.00 9.38  ? 131 THR A O   1 
ATOM   768  C CB  . THR A 1 108 ? -0.857  -4.064  -17.024 1.00 16.36 ? 131 THR A CB  1 
ATOM   769  O OG1 . THR A 1 108 ? -0.999  -5.218  -17.843 1.00 12.15 ? 131 THR A OG1 1 
ATOM   770  C CG2 . THR A 1 108 ? 0.576   -3.910  -16.677 1.00 10.59 ? 131 THR A CG2 1 
ATOM   771  N N   . SER A 1 109 ? -3.631  -3.513  -17.062 1.00 10.61 ? 132 SER A N   1 
ATOM   772  C CA  . SER A 1 109 ? -5.028  -3.504  -17.468 1.00 11.32 ? 132 SER A CA  1 
ATOM   773  C C   . SER A 1 109 ? -5.367  -4.773  -18.232 1.00 18.09 ? 132 SER A C   1 
ATOM   774  O O   . SER A 1 109 ? -6.550  -5.190  -18.355 1.00 14.53 ? 132 SER A O   1 
ATOM   775  C CB  . SER A 1 109 ? -5.318  -2.219  -18.329 1.00 11.03 ? 132 SER A CB  1 
ATOM   776  O OG  . SER A 1 109 ? -4.684  -2.317  -19.577 1.00 10.46 ? 132 SER A OG  1 
ATOM   777  N N   . LYS A 1 110 ? -4.323  -5.397  -18.754 1.00 15.51 ? 133 LYS A N   1 
ATOM   778  C CA  . LYS A 1 110 ? -4.427  -6.723  -19.323 1.00 16.42 ? 133 LYS A CA  1 
ATOM   779  C C   . LYS A 1 110 ? -5.032  -7.772  -18.352 1.00 16.48 ? 133 LYS A C   1 
ATOM   780  O O   . LYS A 1 110 ? -5.699  -8.631  -18.768 1.00 15.48 ? 133 LYS A O   1 
ATOM   781  C CB  . LYS A 1 110 ? -3.078  -7.200  -19.917 1.00 15.71 ? 133 LYS A CB  1 
ATOM   782  C CG  . LYS A 1 110 ? -3.131  -8.113  -21.108 1.00 29.00 ? 133 LYS A CG  1 
ATOM   783  C CD  . LYS A 1 110 ? -1.686  -8.319  -21.667 1.00 30.84 ? 133 LYS A CD  1 
ATOM   784  C CE  . LYS A 1 110 ? -1.610  -8.833  -23.038 1.00 37.10 ? 133 LYS A CE  1 
ATOM   785  N NZ  . LYS A 1 110 ? -0.352  -9.513  -23.250 1.00 38.91 ? 133 LYS A NZ  1 
ATOM   786  N N   . GLU A 1 111 ? -4.794  -7.624  -17.071 1.00 8.79  ? 134 GLU A N   1 
ATOM   787  C CA  . GLU A 1 111 ? -5.341  -8.498  -16.087 1.00 12.62 ? 134 GLU A CA  1 
ATOM   788  C C   . GLU A 1 111 ? -6.477  -7.962  -15.283 1.00 18.85 ? 134 GLU A C   1 
ATOM   789  O O   . GLU A 1 111 ? -6.717  -8.442  -14.203 1.00 14.90 ? 134 GLU A O   1 
ATOM   790  C CB  . GLU A 1 111 ? -4.303  -8.912  -15.089 1.00 12.55 ? 134 GLU A CB  1 
ATOM   791  C CG  . GLU A 1 111 ? -3.015  -8.628  -15.427 1.00 20.45 ? 134 GLU A CG  1 
ATOM   792  C CD  . GLU A 1 111 ? -2.568  -9.618  -16.359 1.00 32.10 ? 134 GLU A CD  1 
ATOM   793  O OE1 . GLU A 1 111 ? -2.601  -10.738 -15.952 1.00 40.83 ? 134 GLU A OE1 1 
ATOM   794  O OE2 . GLU A 1 111 ? -2.234  -9.293  -17.489 1.00 38.86 ? 134 GLU A OE2 1 
ATOM   795  N N   . ALA A 1 112 ? -7.132  -6.946  -15.797 1.00 12.00 ? 135 ALA A N   1 
ATOM   796  C CA  . ALA A 1 112 ? -8.194  -6.314  -15.084 1.00 8.52  ? 135 ALA A CA  1 
ATOM   797  C C   . ALA A 1 112 ? -9.218  -7.343  -14.510 1.00 16.84 ? 135 ALA A C   1 
ATOM   798  O O   . ALA A 1 112 ? -9.662  -8.182  -15.204 1.00 15.61 ? 135 ALA A O   1 
ATOM   799  C CB  . ALA A 1 112 ? -8.823  -5.306  -15.907 1.00 12.04 ? 135 ALA A CB  1 
ATOM   800  N N   . ASP A 1 113 ? -9.524  -7.253  -13.230 1.00 11.42 ? 136 ASP A N   1 
ATOM   801  C CA  . ASP A 1 113 ? -10.473 -8.216  -12.633 1.00 17.14 ? 136 ASP A CA  1 
ATOM   802  C C   . ASP A 1 113 ? -10.945 -7.686  -11.301 1.00 13.44 ? 136 ASP A C   1 
ATOM   803  O O   . ASP A 1 113 ? -10.764 -6.512  -11.016 1.00 9.48  ? 136 ASP A O   1 
ATOM   804  C CB  . ASP A 1 113 ? -9.852  -9.623  -12.472 1.00 13.85 ? 136 ASP A CB  1 
ATOM   805  C CG  . ASP A 1 113 ? -8.666  -9.643  -11.504 1.00 18.23 ? 136 ASP A CG  1 
ATOM   806  O OD1 . ASP A 1 113 ? -8.468  -8.705  -10.662 1.00 15.88 ? 136 ASP A OD1 1 
ATOM   807  O OD2 . ASP A 1 113 ? -7.946  -10.656 -11.586 1.00 20.66 ? 136 ASP A OD2 1 
ATOM   808  N N   . ALA A 1 114 ? -11.595 -8.543  -10.514 1.00 13.92 ? 137 ALA A N   1 
ATOM   809  C CA  . ALA A 1 114 ? -12.267 -8.123  -9.290  1.00 10.47 ? 137 ALA A CA  1 
ATOM   810  C C   . ALA A 1 114 ? -11.317 -7.775  -8.189  1.00 17.07 ? 137 ALA A C   1 
ATOM   811  O O   . ALA A 1 114 ? -11.709 -7.159  -7.220  1.00 15.11 ? 137 ALA A O   1 
ATOM   812  C CB  . ALA A 1 114 ? -13.194 -9.189  -8.813  1.00 17.17 ? 137 ALA A CB  1 
ATOM   813  N N   . GLU A 1 115 ? -10.062 -8.220  -8.291  1.00 13.73 ? 138 GLU A N   1 
ATOM   814  C CA  . GLU A 1 115 ? -9.070  -7.878  -7.277  1.00 16.72 ? 138 GLU A CA  1 
ATOM   815  C C   . GLU A 1 115 ? -8.548  -6.470  -7.460  1.00 9.16  ? 138 GLU A C   1 
ATOM   816  O O   . GLU A 1 115 ? -8.366  -5.739  -6.483  1.00 10.62 ? 138 GLU A O   1 
ATOM   817  C CB  . GLU A 1 115 ? -7.892  -8.821  -7.373  1.00 17.37 ? 138 GLU A CB  1 
ATOM   818  C CG  . GLU A 1 115 ? -8.190  -10.177 -6.955  1.00 20.02 ? 138 GLU A CG  1 
ATOM   819  C CD  . GLU A 1 115 ? -8.119  -10.324 -5.481  1.00 29.89 ? 138 GLU A CD  1 
ATOM   820  O OE1 . GLU A 1 115 ? -8.305  -9.309  -4.742  1.00 24.59 ? 138 GLU A OE1 1 
ATOM   821  O OE2 . GLU A 1 115 ? -7.876  -11.482 -5.072  1.00 44.49 ? 138 GLU A OE2 1 
ATOM   822  N N   . SER A 1 116 ? -8.293  -6.125  -8.732  1.00 11.53 ? 139 SER A N   1 
ATOM   823  C CA  . SER A 1 116 ? -7.950  -4.774  -9.157  1.00 8.52  ? 139 SER A CA  1 
ATOM   824  C C   . SER A 1 116 ? -8.080  -4.613  -10.686 1.00 7.21  ? 139 SER A C   1 
ATOM   825  O O   . SER A 1 116 ? -7.906  -5.565  -11.416 1.00 8.39  ? 139 SER A O   1 
ATOM   826  C CB  . SER A 1 116 ? -6.530  -4.379  -8.714  1.00 6.10  ? 139 SER A CB  1 
ATOM   827  O OG  . SER A 1 116 ? -5.584  -5.257  -9.304  1.00 12.33 ? 139 SER A OG  1 
ATOM   828  N N   . LEU A 1 117 ? -8.327  -3.383  -11.162 1.00 5.41  ? 140 LEU A N   1 
ATOM   829  C CA  . LEU A 1 117 ? -8.497  -3.118  -12.601 1.00 6.88  ? 140 LEU A CA  1 
ATOM   830  C C   . LEU A 1 117 ? -7.126  -2.986  -13.263 1.00 9.71  ? 140 LEU A C   1 
ATOM   831  O O   . LEU A 1 117 ? -6.935  -3.387  -14.381 1.00 10.21 ? 140 LEU A O   1 
ATOM   832  C CB  . LEU A 1 117 ? -9.332  -1.832  -12.810 1.00 7.75  ? 140 LEU A CB  1 
ATOM   833  C CG  . LEU A 1 117 ? -10.756 -1.937  -12.226 1.00 10.71 ? 140 LEU A CG  1 
ATOM   834  C CD1 . LEU A 1 117 ? -11.529 -0.737  -12.537 1.00 6.97  ? 140 LEU A CD1 1 
ATOM   835  C CD2 . LEU A 1 117 ? -11.504 -3.147  -12.759 1.00 6.65  ? 140 LEU A CD2 1 
ATOM   836  N N   . GLN A 1 118 ? -6.169  -2.376  -12.541 1.00 9.41  ? 141 GLN A N   1 
ATOM   837  C CA  . GLN A 1 118 ? -4.778  -2.317  -12.922 1.00 9.81  ? 141 GLN A CA  1 
ATOM   838  C C   . GLN A 1 118 ? -3.942  -1.798  -11.759 1.00 8.52  ? 141 GLN A C   1 
ATOM   839  O O   . GLN A 1 118 ? -4.452  -1.127  -10.861 1.00 11.26 ? 141 GLN A O   1 
ATOM   840  C CB  . GLN A 1 118 ? -4.595  -1.353  -14.116 1.00 8.64  ? 141 GLN A CB  1 
ATOM   841  C CG  . GLN A 1 118 ? -5.037  0.090   -13.812 1.00 8.48  ? 141 GLN A CG  1 
ATOM   842  C CD  . GLN A 1 118 ? -4.978  1.064   -15.030 1.00 14.89 ? 141 GLN A CD  1 
ATOM   843  O OE1 . GLN A 1 118 ? -4.205  0.871   -15.920 1.00 17.33 ? 141 GLN A OE1 1 
ATOM   844  N NE2 . GLN A 1 118 ? -5.846  2.069   -15.051 1.00 10.91 ? 141 GLN A NE2 1 
ATOM   845  N N   . ALA A 1 119 ? -2.651  -2.072  -11.822 1.00 6.82  ? 142 ALA A N   1 
ATOM   846  C CA  . ALA A 1 119 ? -1.607  -1.423  -10.992 1.00 10.24 ? 142 ALA A CA  1 
ATOM   847  C C   . ALA A 1 119 ? -0.680  -0.604  -11.877 1.00 10.68 ? 142 ALA A C   1 
ATOM   848  O O   . ALA A 1 119 ? -0.322  -1.061  -12.981 1.00 7.80  ? 142 ALA A O   1 
ATOM   849  C CB  . ALA A 1 119 ? -0.823  -2.498  -10.227 1.00 5.22  ? 142 ALA A CB  1 
ATOM   850  N N   . ALA A 1 120 ? -0.282  0.594   -11.406 1.00 7.89  ? 143 ALA A N   1 
ATOM   851  C CA  . ALA A 1 120 ? 0.577   1.499   -12.168 1.00 5.60  ? 143 ALA A CA  1 
ATOM   852  C C   . ALA A 1 120 ? 1.434   2.397   -11.272 1.00 10.89 ? 143 ALA A C   1 
ATOM   853  O O   . ALA A 1 120 ? 1.005   2.820   -10.185 1.00 7.28  ? 143 ALA A O   1 
ATOM   854  C CB  . ALA A 1 120 ? -0.257  2.360   -13.108 1.00 5.88  ? 143 ALA A CB  1 
ATOM   855  N N   . TRP A 1 121 ? 2.645   2.688   -11.780 1.00 7.03  ? 144 TRP A N   1 
ATOM   856  C CA  . TRP A 1 121 ? 3.610   3.540   -11.113 1.00 9.18  ? 144 TRP A CA  1 
ATOM   857  C C   . TRP A 1 121 ? 3.379   4.968   -11.604 1.00 11.08 ? 144 TRP A C   1 
ATOM   858  O O   . TRP A 1 121 ? 3.386   5.199   -12.789 1.00 10.14 ? 144 TRP A O   1 
ATOM   859  C CB  . TRP A 1 121 ? 5.039   3.091   -11.425 1.00 6.90  ? 144 TRP A CB  1 
ATOM   860  C CG  . TRP A 1 121 ? 5.462   1.773   -10.797 1.00 8.83  ? 144 TRP A CG  1 
ATOM   861  C CD1 . TRP A 1 121 ? 5.393   0.530   -11.360 1.00 7.99  ? 144 TRP A CD1 1 
ATOM   862  C CD2 . TRP A 1 121 ? 6.022   1.584   -9.513  1.00 7.31  ? 144 TRP A CD2 1 
ATOM   863  N NE1 . TRP A 1 121 ? 5.854   -0.422  -10.487 1.00 7.27  ? 144 TRP A NE1 1 
ATOM   864  C CE2 . TRP A 1 121 ? 6.300   0.203   -9.371  1.00 10.01 ? 144 TRP A CE2 1 
ATOM   865  C CE3 . TRP A 1 121 ? 6.351   2.447   -8.465  1.00 7.81  ? 144 TRP A CE3 1 
ATOM   866  C CZ2 . TRP A 1 121 ? 6.872   -0.325  -8.219  1.00 7.79  ? 144 TRP A CZ2 1 
ATOM   867  C CZ3 . TRP A 1 121 ? 6.913   1.913   -7.326  1.00 5.17  ? 144 TRP A CZ3 1 
ATOM   868  C CH2 . TRP A 1 121 ? 7.168   0.554   -7.214  1.00 10.57 ? 144 TRP A CH2 1 
ATOM   869  N N   . TYR A 1 122 ? 3.149   5.896   -10.677 1.00 9.50  ? 145 TYR A N   1 
ATOM   870  C CA  . TYR A 1 122 ? 2.952   7.314   -10.978 1.00 10.03 ? 145 TYR A CA  1 
ATOM   871  C C   . TYR A 1 122 ? 3.927   8.156   -10.195 1.00 12.42 ? 145 TYR A C   1 
ATOM   872  O O   . TYR A 1 122 ? 4.291   7.802   -9.048  1.00 6.94  ? 145 TYR A O   1 
ATOM   873  C CB  . TYR A 1 122 ? 1.559   7.749   -10.532 1.00 9.56  ? 145 TYR A CB  1 
ATOM   874  C CG  . TYR A 1 122 ? 0.489   7.460   -11.586 1.00 12.61 ? 145 TYR A CG  1 
ATOM   875  C CD1 . TYR A 1 122 ? -0.180  6.251   -11.597 1.00 7.47  ? 145 TYR A CD1 1 
ATOM   876  C CD2 . TYR A 1 122 ? 0.166   8.426   -12.577 1.00 11.06 ? 145 TYR A CD2 1 
ATOM   877  C CE1 . TYR A 1 122 ? -1.128  5.974   -12.558 1.00 7.37  ? 145 TYR A CE1 1 
ATOM   878  C CE2 . TYR A 1 122 ? -0.799  8.170   -13.526 1.00 13.36 ? 145 TYR A CE2 1 
ATOM   879  C CZ  . TYR A 1 122 ? -1.428  6.930   -13.509 1.00 14.80 ? 145 TYR A CZ  1 
ATOM   880  O OH  . TYR A 1 122 ? -2.373  6.647   -14.415 1.00 10.79 ? 145 TYR A OH  1 
ATOM   881  N N   . PRO A 1 123 ? 4.322   9.302   -10.776 1.00 11.62 ? 146 PRO A N   1 
ATOM   882  C CA  . PRO A 1 123 ? 5.179   10.253  -10.053 1.00 8.91  ? 146 PRO A CA  1 
ATOM   883  C C   . PRO A 1 123 ? 4.510   10.680  -8.748  1.00 11.20 ? 146 PRO A C   1 
ATOM   884  O O   . PRO A 1 123 ? 3.289   10.999  -8.735  1.00 9.46  ? 146 PRO A O   1 
ATOM   885  C CB  . PRO A 1 123 ? 5.335   11.420  -11.072 1.00 13.34 ? 146 PRO A CB  1 
ATOM   886  C CG  . PRO A 1 123 ? 5.106   10.764  -12.452 1.00 20.59 ? 146 PRO A CG  1 
ATOM   887  C CD  . PRO A 1 123 ? 3.968   9.784   -12.136 1.00 14.60 ? 146 PRO A CD  1 
ATOM   888  N N   . ARG A 1 124 ? 5.245   10.600  -7.642  1.00 8.58  ? 147 ARG A N   1 
ATOM   889  C CA  . ARG A 1 124 ? 4.757   11.073  -6.372  1.00 11.73 ? 147 ARG A CA  1 
ATOM   890  C C   . ARG A 1 124 ? 4.177   12.477  -6.563  1.00 17.72 ? 147 ARG A C   1 
ATOM   891  O O   . ARG A 1 124 ? 3.184   12.817  -5.933  1.00 14.02 ? 147 ARG A O   1 
ATOM   892  C CB  . ARG A 1 124 ? 5.850   11.105  -5.310  1.00 10.94 ? 147 ARG A CB  1 
ATOM   893  C CG  . ARG A 1 124 ? 5.393   11.720  -3.961  1.00 12.51 ? 147 ARG A CG  1 
ATOM   894  C CD  . ARG A 1 124 ? 6.514   11.706  -2.878  1.00 14.19 ? 147 ARG A CD  1 
ATOM   895  N NE  . ARG A 1 124 ? 7.689   12.352  -3.430  1.00 20.01 ? 147 ARG A NE  1 
ATOM   896  C CZ  . ARG A 1 124 ? 7.871   13.655  -3.403  1.00 27.43 ? 147 ARG A CZ  1 
ATOM   897  N NH1 . ARG A 1 124 ? 7.013   14.413  -2.740  1.00 17.22 ? 147 ARG A NH1 1 
ATOM   898  N NH2 . ARG A 1 124 ? 8.884   14.192  -4.044  1.00 17.93 ? 147 ARG A NH2 1 
ATOM   899  N N   . THR A 1 125 ? 4.814   13.283  -7.414  1.00 12.09 ? 148 THR A N   1 
ATOM   900  C CA  . THR A 1 125 ? 4.390   14.672  -7.651  1.00 20.89 ? 148 THR A CA  1 
ATOM   901  C C   . THR A 1 125 ? 3.352   14.830  -8.749  1.00 23.76 ? 148 THR A C   1 
ATOM   902  O O   . THR A 1 125 ? 3.066   15.931  -9.191  1.00 18.66 ? 148 THR A O   1 
ATOM   903  C CB  . THR A 1 125 ? 5.552   15.575  -8.057  1.00 17.77 ? 148 THR A CB  1 
ATOM   904  O OG1 . THR A 1 125 ? 6.156   15.042  -9.249  1.00 18.27 ? 148 THR A OG1 1 
ATOM   905  C CG2 . THR A 1 125 ? 6.595   15.641  -6.946  1.00 15.33 ? 148 THR A CG2 1 
ATOM   906  N N   . SER A 1 126 ? 2.762   13.747  -9.202  1.00 16.47 ? 149 SER A N   1 
ATOM   907  C CA  . SER A 1 126 ? 1.718   13.878  -10.193 1.00 13.90 ? 149 SER A CA  1 
ATOM   908  C C   . SER A 1 126 ? 0.822   12.637  -10.107 1.00 19.10 ? 149 SER A C   1 
ATOM   909  O O   . SER A 1 126 ? 0.802   11.799  -11.012 1.00 13.64 ? 149 SER A O   1 
ATOM   910  C CB  . SER A 1 126 ? 2.380   14.001  -11.532 1.00 15.56 ? 149 SER A CB  1 
ATOM   911  O OG  . SER A 1 126 ? 1.475   14.456  -12.457 1.00 32.93 ? 149 SER A OG  1 
ATOM   912  N N   . LEU A 1 127 ? 0.118   12.503  -8.982  1.00 12.93 ? 150 LEU A N   1 
ATOM   913  C CA  . LEU A 1 127 ? -0.631  11.309  -8.700  1.00 15.41 ? 150 LEU A CA  1 
ATOM   914  C C   . LEU A 1 127 ? -1.895  11.225  -9.586  1.00 17.33 ? 150 LEU A C   1 
ATOM   915  O O   . LEU A 1 127 ? -2.346  12.218  -10.106 1.00 15.78 ? 150 LEU A O   1 
ATOM   916  C CB  . LEU A 1 127 ? -0.980  11.254  -7.216  1.00 15.24 ? 150 LEU A CB  1 
ATOM   917  C CG  . LEU A 1 127 ? 0.177   10.980  -6.248  1.00 15.27 ? 150 LEU A CG  1 
ATOM   918  C CD1 . LEU A 1 127 ? -0.279  11.195  -4.829  1.00 15.29 ? 150 LEU A CD1 1 
ATOM   919  C CD2 . LEU A 1 127 ? 0.780   9.610   -6.394  1.00 8.38  ? 150 LEU A CD2 1 
ATOM   920  N N   . PRO A 1 128 ? -2.428  10.032  -9.810  1.00 10.05 ? 151 PRO A N   1 
ATOM   921  C CA  . PRO A 1 128 ? -3.633  9.990   -10.633 1.00 15.54 ? 151 PRO A CA  1 
ATOM   922  C C   . PRO A 1 128 ? -4.895  10.452  -9.882  1.00 18.60 ? 151 PRO A C   1 
ATOM   923  O O   . PRO A 1 128 ? -4.864  10.573  -8.650  1.00 15.53 ? 151 PRO A O   1 
ATOM   924  C CB  . PRO A 1 128 ? -3.758  8.512   -10.956 1.00 13.14 ? 151 PRO A CB  1 
ATOM   925  C CG  . PRO A 1 128 ? -3.148  7.878   -9.738  1.00 12.25 ? 151 PRO A CG  1 
ATOM   926  C CD  . PRO A 1 128 ? -2.009  8.694   -9.388  1.00 10.28 ? 151 PRO A CD  1 
ATOM   927  N N   . THR A 1 129 ? -5.980  10.667  -10.644 1.00 14.66 ? 152 THR A N   1 
ATOM   928  C CA  A THR A 1 129 ? -7.268  11.036  -10.098 0.68 10.91 ? 152 THR A CA  1 
ATOM   929  C CA  B THR A 1 129 ? -7.286  11.100  -10.165 0.32 11.04 ? 152 THR A CA  1 
ATOM   930  C C   . THR A 1 129 ? -8.373  10.147  -10.710 1.00 18.46 ? 152 THR A C   1 
ATOM   931  O O   . THR A 1 129 ? -8.238  9.604   -11.803 1.00 13.35 ? 152 THR A O   1 
ATOM   932  C CB  A THR A 1 129 ? -7.540  12.542  -10.331 0.68 17.40 ? 152 THR A CB  1 
ATOM   933  C CB  B THR A 1 129 ? -7.592  12.526  -10.701 0.32 17.23 ? 152 THR A CB  1 
ATOM   934  O OG1 A THR A 1 129 ? -7.532  12.827  -11.725 0.68 17.27 ? 152 THR A OG1 1 
ATOM   935  O OG1 B THR A 1 129 ? -7.495  12.533  -12.123 0.32 19.24 ? 152 THR A OG1 1 
ATOM   936  C CG2 A THR A 1 129 ? -6.462  13.385  -9.674  0.68 18.68 ? 152 THR A CG2 1 
ATOM   937  C CG2 B THR A 1 129 ? -6.613  13.520  -10.196 0.32 17.87 ? 152 THR A CG2 1 
ATOM   938  N N   . PRO A 1 130 ? -9.455  9.909   -9.951  1.00 12.24 ? 153 PRO A N   1 
ATOM   939  C CA  . PRO A 1 130 ? -9.711  10.322  -8.583  1.00 15.75 ? 153 PRO A CA  1 
ATOM   940  C C   . PRO A 1 130 ? -9.085  9.357   -7.562  1.00 12.91 ? 153 PRO A C   1 
ATOM   941  O O   . PRO A 1 130 ? -9.144  8.126   -7.724  1.00 12.69 ? 153 PRO A O   1 
ATOM   942  C CB  . PRO A 1 130 ? -11.236 10.218  -8.484  1.00 14.49 ? 153 PRO A CB  1 
ATOM   943  C CG  . PRO A 1 130 ? -11.559 9.024   -9.300  1.00 12.35 ? 153 PRO A CG  1 
ATOM   944  C CD  . PRO A 1 130 ? -10.503 8.995   -10.432 1.00 12.74 ? 153 PRO A CD  1 
ATOM   945  N N   . LEU A 1 131 ? -8.504  9.912   -6.521  1.00 9.85  ? 154 LEU A N   1 
ATOM   946  C CA  . LEU A 1 131 ? -8.066  9.117   -5.381  1.00 15.14 ? 154 LEU A CA  1 
ATOM   947  C C   . LEU A 1 131 ? -9.249  8.655   -4.480  1.00 10.94 ? 154 LEU A C   1 
ATOM   948  O O   . LEU A 1 131 ? -10.206 9.394   -4.229  1.00 11.78 ? 154 LEU A O   1 
ATOM   949  C CB  . LEU A 1 131 ? -7.077  9.932   -4.542  1.00 14.03 ? 154 LEU A CB  1 
ATOM   950  C CG  . LEU A 1 131 ? -5.813  10.342  -5.248  1.00 16.90 ? 154 LEU A CG  1 
ATOM   951  C CD1 . LEU A 1 131 ? -4.983  11.203  -4.257  1.00 20.82 ? 154 LEU A CD1 1 
ATOM   952  C CD2 . LEU A 1 131 ? -5.102  9.134   -5.714  1.00 9.81  ? 154 LEU A CD2 1 
ATOM   953  N N   . ARG A 1 132 ? -9.166  7.427   -4.023  1.00 8.22  ? 155 ARG A N   1 
ATOM   954  C CA  . ARG A 1 132 ? -10.168 6.819   -3.167  1.00 9.94  ? 155 ARG A CA  1 
ATOM   955  C C   . ARG A 1 132 ? -10.377 7.606   -1.862  1.00 10.99 ? 155 ARG A C   1 
ATOM   956  O O   . ARG A 1 132 ? -11.511 7.786   -1.408  1.00 8.05  ? 155 ARG A O   1 
ATOM   957  C CB  . ARG A 1 132 ? -9.764  5.396   -2.859  1.00 9.27  ? 155 ARG A CB  1 
ATOM   958  C CG  . ARG A 1 132 ? -10.700 4.656   -1.974  1.00 9.27  ? 155 ARG A CG  1 
ATOM   959  C CD  . ARG A 1 132 ? -10.132 3.289   -1.632  1.00 19.24 ? 155 ARG A CD  1 
ATOM   960  N NE  . ARG A 1 132 ? -10.977 2.658   -0.638  1.00 18.30 ? 155 ARG A NE  1 
ATOM   961  C CZ  . ARG A 1 132 ? -10.820 1.431   -0.186  1.00 29.94 ? 155 ARG A CZ  1 
ATOM   962  N NH1 . ARG A 1 132 ? -9.833  0.665   -0.611  1.00 13.32 ? 155 ARG A NH1 1 
ATOM   963  N NH2 . ARG A 1 132 ? -11.683 0.962   0.693   1.00 25.59 ? 155 ARG A NH2 1 
ATOM   964  N N   . ALA A 1 133 ? -9.264  8.077   -1.292  1.00 8.44  ? 156 ALA A N   1 
ATOM   965  C CA  . ALA A 1 133 ? -9.275  8.894   -0.104  1.00 9.30  ? 156 ALA A CA  1 
ATOM   966  C C   . ALA A 1 133 ? -7.940  9.657   -0.100  1.00 15.09 ? 156 ALA A C   1 
ATOM   967  O O   . ALA A 1 133 ? -6.952  9.216   -0.760  1.00 8.51  ? 156 ALA A O   1 
ATOM   968  C CB  . ALA A 1 133 ? -9.438  8.043   1.126   1.00 5.41  ? 156 ALA A CB  1 
ATOM   969  N N   . HIS A 1 134 ? -7.938  10.779  0.634   1.00 9.77  ? 157 HIS A N   1 
ATOM   970  C CA  A HIS A 1 134 ? -6.884  11.802  0.768   0.47 16.45 ? 157 HIS A CA  1 
ATOM   971  C CA  B HIS A 1 134 ? -6.752  11.621  0.583   0.53 16.00 ? 157 HIS A CA  1 
ATOM   972  C C   . HIS A 1 134 ? -5.769  11.403  1.737   1.00 10.30 ? 157 HIS A C   1 
ATOM   973  O O   . HIS A 1 134 ? -4.686  12.007  1.733   1.00 15.33 ? 157 HIS A O   1 
ATOM   974  C CB  A HIS A 1 134 ? -7.605  13.093  1.295   0.47 16.29 ? 157 HIS A CB  1 
ATOM   975  C CB  B HIS A 1 134 ? -7.096  13.110  0.411   0.53 17.69 ? 157 HIS A CB  1 
ATOM   976  C CG  A HIS A 1 134 ? -6.739  14.321  1.470   0.47 22.42 ? 157 HIS A CG  1 
ATOM   977  C CG  B HIS A 1 134 ? -7.450  13.502  -0.993  0.53 22.73 ? 157 HIS A CG  1 
ATOM   978  N ND1 A HIS A 1 134 ? -6.114  14.823  2.567   0.47 19.30 ? 157 HIS A ND1 1 
ATOM   979  N ND1 B HIS A 1 134 ? -8.481  13.131  -1.789  0.53 26.34 ? 157 HIS A ND1 1 
ATOM   980  C CD2 A HIS A 1 134 ? -6.596  15.286  0.484   0.47 19.03 ? 157 HIS A CD2 1 
ATOM   981  C CD2 B HIS A 1 134 ? -6.724  14.432  -1.716  0.53 21.07 ? 157 HIS A CD2 1 
ATOM   982  C CE1 A HIS A 1 134 ? -5.551  16.027  2.201   0.47 11.77 ? 157 HIS A CE1 1 
ATOM   983  C CE1 B HIS A 1 134 ? -8.349  13.817  -2.970  0.53 18.10 ? 157 HIS A CE1 1 
ATOM   984  N NE2 A HIS A 1 134 ? -5.853  16.281  0.941   0.47 13.17 ? 157 HIS A NE2 1 
ATOM   985  N NE2 B HIS A 1 134 ? -7.287  14.602  -2.898  0.53 20.63 ? 157 HIS A NE2 1 
ATOM   986  N N   . ASP A 1 135 ? -6.055  10.454  2.611   1.00 12.08 ? 158 ASP A N   1 
ATOM   987  C CA  . ASP A 1 135 ? -5.096  10.042  3.634   1.00 19.22 ? 158 ASP A CA  1 
ATOM   988  C C   . ASP A 1 135 ? -3.766  9.456   3.094   1.00 17.20 ? 158 ASP A C   1 
ATOM   989  O O   . ASP A 1 135 ? -2.736  9.509   3.762   1.00 17.32 ? 158 ASP A O   1 
ATOM   990  C CB  . ASP A 1 135 ? -5.706  9.062   4.646   1.00 11.63 ? 158 ASP A CB  1 
ATOM   991  C CG  . ASP A 1 135 ? -6.224  7.752   4.032   1.00 14.65 ? 158 ASP A CG  1 
ATOM   992  O OD1 . ASP A 1 135 ? -6.364  7.572   2.805   1.00 6.93  ? 158 ASP A OD1 1 
ATOM   993  O OD2 . ASP A 1 135 ? -6.526  6.867   4.838   1.00 6.86  ? 158 ASP A OD2 1 
ATOM   994  N N   . ILE A 1 136 ? -3.779  8.893   1.904   1.00 18.58 ? 159 ILE A N   1 
ATOM   995  C CA  . ILE A 1 136 ? -2.528  8.347   1.393   1.00 23.47 ? 159 ILE A CA  1 
ATOM   996  C C   . ILE A 1 136 ? -1.533  9.442   1.003   1.00 16.16 ? 159 ILE A C   1 
ATOM   997  O O   . ILE A 1 136 ? -0.379  9.136   0.821   1.00 17.61 ? 159 ILE A O   1 
ATOM   998  C CB  . ILE A 1 136 ? -2.687  7.344   0.264   1.00 19.63 ? 159 ILE A CB  1 
ATOM   999  C CG1 . ILE A 1 136 ? -3.441  7.948   -0.923  1.00 15.18 ? 159 ILE A CG1 1 
ATOM   1000 C CG2 . ILE A 1 136 ? -3.361  6.030   0.821   1.00 13.70 ? 159 ILE A CG2 1 
ATOM   1001 C CD1 . ILE A 1 136 ? -3.400  7.049   -2.197  1.00 10.98 ? 159 ILE A CD1 1 
ATOM   1002 N N   . LEU A 1 137 ? -1.961  10.713  0.953   1.00 17.15 ? 160 LEU A N   1 
ATOM   1003 C CA  . LEU A 1 137 ? -1.021  11.780  0.565   1.00 20.66 ? 160 LEU A CA  1 
ATOM   1004 C C   . LEU A 1 137 ? 0.024   11.976  1.680   1.00 17.17 ? 160 LEU A C   1 
ATOM   1005 O O   . LEU A 1 137 ? 1.218   12.100  1.408   1.00 11.35 ? 160 LEU A O   1 
ATOM   1006 C CB  . LEU A 1 137 ? -1.722  13.086  0.267   1.00 15.95 ? 160 LEU A CB  1 
ATOM   1007 C CG  . LEU A 1 137 ? -2.671  13.183  -0.940  1.00 22.24 ? 160 LEU A CG  1 
ATOM   1008 C CD1 . LEU A 1 137 ? -3.253  14.593  -1.032  1.00 15.05 ? 160 LEU A CD1 1 
ATOM   1009 C CD2 . LEU A 1 137 ? -1.989  12.843  -2.200  1.00 17.78 ? 160 LEU A CD2 1 
ATOM   1010 N N   . HIS A 1 138 ? -0.455  11.965  2.931   1.00 14.50 ? 161 HIS A N   1 
ATOM   1011 C CA  . HIS A 1 138 ? 0.400   11.993  4.081   1.00 15.51 ? 161 HIS A CA  1 
ATOM   1012 C C   . HIS A 1 138 ? 1.330   10.741  4.217   1.00 17.52 ? 161 HIS A C   1 
ATOM   1013 O O   . HIS A 1 138 ? 2.477   10.828  4.641   1.00 14.29 ? 161 HIS A O   1 
ATOM   1014 C CB  . HIS A 1 138 ? -0.476  12.147  5.354   1.00 24.15 ? 161 HIS A CB  1 
ATOM   1015 C CG  . HIS A 1 138 ? 0.312   12.082  6.611   1.00 17.48 ? 161 HIS A CG  1 
ATOM   1016 N ND1 . HIS A 1 138 ? 1.312   12.988  6.902   1.00 26.13 ? 161 HIS A ND1 1 
ATOM   1017 C CD2 . HIS A 1 138 ? 0.297   11.191  7.629   1.00 25.21 ? 161 HIS A CD2 1 
ATOM   1018 C CE1 . HIS A 1 138 ? 1.854   12.676  8.069   1.00 25.24 ? 161 HIS A CE1 1 
ATOM   1019 N NE2 . HIS A 1 138 ? 1.258   11.592  8.530   1.00 30.63 ? 161 HIS A NE2 1 
ATOM   1020 N N   . LEU A 1 139 ? 0.801   9.578   3.900   1.00 18.98 ? 162 LEU A N   1 
ATOM   1021 C CA  . LEU A 1 139 ? 1.542   8.302   3.981   1.00 12.88 ? 162 LEU A CA  1 
ATOM   1022 C C   . LEU A 1 139 ? 2.654   8.304   2.967   1.00 15.29 ? 162 LEU A C   1 
ATOM   1023 O O   . LEU A 1 139 ? 3.798   7.956   3.295   1.00 13.92 ? 162 LEU A O   1 
ATOM   1024 C CB  . LEU A 1 139 ? 0.594   7.157   3.696   1.00 15.62 ? 162 LEU A CB  1 
ATOM   1025 C CG  . LEU A 1 139 ? -0.560  6.963   4.702   1.00 16.66 ? 162 LEU A CG  1 
ATOM   1026 C CD1 . LEU A 1 139 ? -1.321  5.692   4.326   1.00 11.61 ? 162 LEU A CD1 1 
ATOM   1027 C CD2 . LEU A 1 139 ? -0.082  6.874   6.157   1.00 11.40 ? 162 LEU A CD2 1 
ATOM   1028 N N   . VAL A 1 140 ? 2.346   8.788   1.751   1.00 11.31 ? 163 VAL A N   1 
ATOM   1029 C CA  . VAL A 1 140 ? 3.380   9.007   0.758   1.00 10.72 ? 163 VAL A CA  1 
ATOM   1030 C C   . VAL A 1 140 ? 4.477   10.004  1.192   1.00 12.69 ? 163 VAL A C   1 
ATOM   1031 O O   . VAL A 1 140 ? 5.646   9.788   0.879   1.00 13.27 ? 163 VAL A O   1 
ATOM   1032 C CB  . VAL A 1 140 ? 2.784   9.419   -0.595  1.00 9.68  ? 163 VAL A CB  1 
ATOM   1033 C CG1 . VAL A 1 140 ? 3.809   9.857   -1.450  1.00 10.29 ? 163 VAL A CG1 1 
ATOM   1034 C CG2 . VAL A 1 140 ? 1.974   8.210   -1.257  1.00 7.66  ? 163 VAL A CG2 1 
ATOM   1035 N N   . GLU A 1 141 ? 4.121   11.064  1.940   1.00 11.80 ? 164 GLU A N   1 
ATOM   1036 C CA  . GLU A 1 141 ? 5.078   12.049  2.370   1.00 9.38  ? 164 GLU A CA  1 
ATOM   1037 C C   . GLU A 1 141 ? 5.992   11.408  3.387   1.00 15.45 ? 164 GLU A C   1 
ATOM   1038 O O   . GLU A 1 141 ? 7.202   11.670  3.391   1.00 14.59 ? 164 GLU A O   1 
ATOM   1039 C CB  . GLU A 1 141 ? 4.356   13.255  2.936   1.00 10.41 ? 164 GLU A CB  1 
ATOM   1040 C CG  . GLU A 1 141 ? 5.214   14.284  3.666   1.00 15.62 ? 164 GLU A CG  1 
ATOM   1041 C CD  . GLU A 1 141 ? 6.254   14.986  2.784   1.00 27.45 ? 164 GLU A CD  1 
ATOM   1042 O OE1 . GLU A 1 141 ? 6.192   14.924  1.543   1.00 28.22 ? 164 GLU A OE1 1 
ATOM   1043 O OE2 . GLU A 1 141 ? 7.181   15.592  3.374   1.00 32.71 ? 164 GLU A OE2 1 
ATOM   1044 N N   . LEU A 1 142 ? 5.438   10.545  4.228   1.00 13.64 ? 165 LEU A N   1 
ATOM   1045 C CA  . LEU A 1 142 ? 6.257   9.798   5.196   1.00 16.68 ? 165 LEU A CA  1 
ATOM   1046 C C   . LEU A 1 142 ? 7.323   8.974   4.503   1.00 12.17 ? 165 LEU A C   1 
ATOM   1047 O O   . LEU A 1 142 ? 8.461   8.905   4.975   1.00 9.40  ? 165 LEU A O   1 
ATOM   1048 C CB  . LEU A 1 142 ? 5.413   8.902   6.110   1.00 13.20 ? 165 LEU A CB  1 
ATOM   1049 C CG  . LEU A 1 142 ? 4.466   9.662   7.057   1.00 19.79 ? 165 LEU A CG  1 
ATOM   1050 C CD1 . LEU A 1 142 ? 3.489   8.740   7.793   1.00 18.97 ? 165 LEU A CD1 1 
ATOM   1051 C CD2 . LEU A 1 142 ? 5.198   10.493  8.099   1.00 24.15 ? 165 LEU A CD2 1 
ATOM   1052 N N   . ALA A 1 143 ? 6.940   8.364   3.390   1.00 11.53 ? 166 ALA A N   1 
ATOM   1053 C CA  . ALA A 1 143 ? 7.857   7.576   2.580   1.00 8.48  ? 166 ALA A CA  1 
ATOM   1054 C C   . ALA A 1 143 ? 8.908   8.478   1.951   1.00 14.61 ? 166 ALA A C   1 
ATOM   1055 O O   . ALA A 1 143 ? 10.111  8.110   1.968   1.00 14.74 ? 166 ALA A O   1 
ATOM   1056 C CB  . ALA A 1 143 ? 7.133   6.817   1.500   1.00 7.57  ? 166 ALA A CB  1 
ATOM   1057 N N   . ALA A 1 144 ? 8.481   9.636   1.419   1.00 10.29 ? 167 ALA A N   1 
ATOM   1058 C CA  . ALA A 1 144 ? 9.422   10.592  0.827   1.00 14.43 ? 167 ALA A CA  1 
ATOM   1059 C C   . ALA A 1 144 ? 10.428  11.051  1.874   1.00 15.11 ? 167 ALA A C   1 
ATOM   1060 O O   . ALA A 1 144 ? 11.610  11.137  1.594   1.00 16.01 ? 167 ALA A O   1 
ATOM   1061 C CB  . ALA A 1 144 ? 8.712   11.767  0.223   1.00 10.52 ? 167 ALA A CB  1 
ATOM   1062 N N   . GLN A 1 145 ? 9.969   11.319  3.078   1.00 11.46 ? 168 GLN A N   1 
ATOM   1063 C CA  . GLN A 1 145 ? 10.893  11.732  4.121   1.00 21.19 ? 168 GLN A CA  1 
ATOM   1064 C C   . GLN A 1 145 ? 11.889  10.624  4.511   1.00 22.38 ? 168 GLN A C   1 
ATOM   1065 O O   . GLN A 1 145 ? 13.071  10.893  4.762   1.00 22.40 ? 168 GLN A O   1 
ATOM   1066 C CB  . GLN A 1 145 ? 10.124  12.195  5.352   1.00 17.95 ? 168 GLN A CB  1 
ATOM   1067 C CG  . GLN A 1 145 ? 9.373   13.519  5.119   1.00 19.57 ? 168 GLN A CG  1 
ATOM   1068 C CD  . GLN A 1 145 ? 8.429   13.845  6.250   1.00 26.05 ? 168 GLN A CD  1 
ATOM   1069 O OE1 . GLN A 1 145 ? 8.414   13.160  7.276   1.00 25.82 ? 168 GLN A OE1 1 
ATOM   1070 N NE2 . GLN A 1 145 ? 7.608   14.879  6.060   1.00 24.80 ? 168 GLN A NE2 1 
ATOM   1071 N N   . TYR A 1 146 ? 11.431  9.382   4.576   1.00 19.60 ? 169 TYR A N   1 
ATOM   1072 C CA  . TYR A 1 146 ? 12.321  8.278   4.936   1.00 17.20 ? 169 TYR A CA  1 
ATOM   1073 C C   . TYR A 1 146 ? 13.377  8.080   3.862   1.00 19.47 ? 169 TYR A C   1 
ATOM   1074 O O   . TYR A 1 146 ? 14.534  7.882   4.188   1.00 23.80 ? 169 TYR A O   1 
ATOM   1075 C CB  . TYR A 1 146 ? 11.532  7.005   5.181   1.00 17.43 ? 169 TYR A CB  1 
ATOM   1076 C CG  . TYR A 1 146 ? 12.343  5.751   5.449   1.00 14.01 ? 169 TYR A CG  1 
ATOM   1077 C CD1 . TYR A 1 146 ? 12.457  5.212   6.737   1.00 20.18 ? 169 TYR A CD1 1 
ATOM   1078 C CD2 . TYR A 1 146 ? 12.952  5.074   4.398   1.00 12.35 ? 169 TYR A CD2 1 
ATOM   1079 C CE1 . TYR A 1 146 ? 13.225  4.025   6.964   1.00 13.05 ? 169 TYR A CE1 1 
ATOM   1080 C CE2 . TYR A 1 146 ? 13.662  3.945   4.606   1.00 11.83 ? 169 TYR A CE2 1 
ATOM   1081 C CZ  . TYR A 1 146 ? 13.780  3.405   5.879   1.00 16.73 ? 169 TYR A CZ  1 
ATOM   1082 O OH  . TYR A 1 146 ? 14.509  2.255   5.998   1.00 17.75 ? 169 TYR A OH  1 
ATOM   1083 N N   . ARG A 1 147 ? 12.971  8.162   2.592   1.00 18.73 ? 170 ARG A N   1 
ATOM   1084 C CA  . ARG A 1 147 ? 13.886  8.097   1.463   1.00 19.40 ? 170 ARG A CA  1 
ATOM   1085 C C   . ARG A 1 147 ? 14.909  9.270   1.405   1.00 27.31 ? 170 ARG A C   1 
ATOM   1086 O O   . ARG A 1 147 ? 16.066  9.071   0.990   1.00 20.63 ? 170 ARG A O   1 
ATOM   1087 C CB  . ARG A 1 147 ? 13.101  8.045   0.146   1.00 22.50 ? 170 ARG A CB  1 
ATOM   1088 C CG  . ARG A 1 147 ? 12.267  6.757   -0.037  1.00 16.93 ? 170 ARG A CG  1 
ATOM   1089 C CD  . ARG A 1 147 ? 13.067  5.679   -0.622  1.00 22.23 ? 170 ARG A CD  1 
ATOM   1090 N NE  . ARG A 1 147 ? 12.285  4.494   -0.924  1.00 20.38 ? 170 ARG A NE  1 
ATOM   1091 C CZ  . ARG A 1 147 ? 12.503  3.327   -0.335  1.00 19.32 ? 170 ARG A CZ  1 
ATOM   1092 N NH1 . ARG A 1 147 ? 13.465  3.226   0.567   1.00 13.82 ? 170 ARG A NH1 1 
ATOM   1093 N NH2 . ARG A 1 147 ? 11.779  2.278   -0.644  1.00 12.98 ? 170 ARG A NH2 1 
ATOM   1094 N N   . GLN A 1 148 ? 14.452  10.480  1.731   1.00 19.80 ? 171 GLN A N   1 
ATOM   1095 C CA  . GLN A 1 148 ? 15.320  11.659  1.769   1.00 32.91 ? 171 GLN A CA  1 
ATOM   1096 C C   . GLN A 1 148 ? 16.430  11.441  2.806   1.00 30.02 ? 171 GLN A C   1 
ATOM   1097 O O   . GLN A 1 148 ? 17.616  11.519  2.499   1.00 35.16 ? 171 GLN A O   1 
ATOM   1098 C CB  . GLN A 1 148 ? 14.499  12.941  2.138   1.00 27.94 ? 171 GLN A CB  1 
ATOM   1099 C CG  . GLN A 1 148 ? 15.253  14.272  2.100   1.00 61.08 ? 171 GLN A CG  1 
ATOM   1100 C CD  . GLN A 1 148 ? 15.788  14.698  0.639   1.00 75.76 ? 171 GLN A CD  1 
ATOM   1101 O OE1 . GLN A 1 148 ? 14.999  14.869  -0.316  1.00 86.89 ? 171 GLN A OE1 1 
ATOM   1102 N NE2 . GLN A 1 148 ? 17.120  14.886  0.512   1.00 71.82 ? 171 GLN A NE2 1 
ATOM   1103 N N   . GLN A 1 149 ? 16.033  11.150  4.036   1.00 26.27 ? 172 GLN A N   1 
ATOM   1104 C CA  . GLN A 1 149 ? 16.967  10.847  5.123   1.00 29.10 ? 172 GLN A CA  1 
ATOM   1105 C C   . GLN A 1 149 ? 17.946  9.722   4.793   1.00 38.66 ? 172 GLN A C   1 
ATOM   1106 O O   . GLN A 1 149 ? 19.119  9.776   5.200   1.00 36.01 ? 172 GLN A O   1 
ATOM   1107 C CB  . GLN A 1 149 ? 16.180  10.519  6.393   1.00 32.33 ? 172 GLN A CB  1 
ATOM   1108 C CG  . GLN A 1 149 ? 15.548  11.766  7.066   1.00 52.15 ? 172 GLN A CG  1 
ATOM   1109 C CD  . GLN A 1 149 ? 14.223  11.493  7.798   1.00 58.26 ? 172 GLN A CD  1 
ATOM   1110 O OE1 . GLN A 1 149 ? 14.131  10.608  8.646   1.00 64.15 ? 172 GLN A OE1 1 
ATOM   1111 N NE2 . GLN A 1 149 ? 13.199  12.263  7.464   1.00 55.54 ? 172 GLN A NE2 1 
ATOM   1112 N N   . ALA A 1 150 ? 17.483  8.701   4.072   1.00 28.83 ? 173 ALA A N   1 
ATOM   1113 C CA  . ALA A 1 150 ? 18.341  7.558   3.727   1.00 28.66 ? 173 ALA A CA  1 
ATOM   1114 C C   . ALA A 1 150 ? 19.417  7.944   2.711   1.00 42.98 ? 173 ALA A C   1 
ATOM   1115 O O   . ALA A 1 150 ? 20.527  7.382   2.702   1.00 43.79 ? 173 ALA A O   1 
ATOM   1116 C CB  . ALA A 1 150 ? 17.524  6.428   3.200   1.00 26.57 ? 173 ALA A CB  1 
ATOM   1117 N N   . ARG A 1 151 ? 19.108  8.901   1.849   1.00 34.52 ? 174 ARG A N   1 
ATOM   1118 C CA  . ARG A 1 151 ? 20.080  9.336   0.855   1.00 38.26 ? 174 ARG A CA  1 
ATOM   1119 C C   . ARG A 1 151 ? 20.958  10.501  1.362   1.00 48.52 ? 174 ARG A C   1 
ATOM   1120 O O   . ARG A 1 151 ? 21.999  10.791  0.771   1.00 44.98 ? 174 ARG A O   1 
ATOM   1121 C CB  . ARG A 1 151 ? 19.382  9.699   -0.457  1.00 48.94 ? 174 ARG A CB  1 
ATOM   1122 C CG  . ARG A 1 151 ? 18.796  11.081  -0.507  1.00 43.58 ? 174 ARG A CG  1 
ATOM   1123 C CD  . ARG A 1 151 ? 18.371  11.431  -1.936  1.00 49.72 ? 174 ARG A CD  1 
ATOM   1124 N NE  . ARG A 1 151 ? 17.479  10.463  -2.568  1.00 43.93 ? 174 ARG A NE  1 
ATOM   1125 C CZ  . ARG A 1 151 ? 17.482  10.214  -3.876  1.00 66.28 ? 174 ARG A CZ  1 
ATOM   1126 N NH1 . ARG A 1 151 ? 18.342  10.860  -4.663  1.00 54.46 ? 174 ARG A NH1 1 
ATOM   1127 N NH2 . ARG A 1 151 ? 16.647  9.321   -4.412  1.00 50.05 ? 174 ARG A NH2 1 
ATOM   1128 N N   . HIS A 1 152 ? 20.552  11.141  2.462   1.00 37.30 ? 175 HIS A N   1 
ATOM   1129 C CA  . HIS A 1 152 ? 21.350  12.171  3.110   1.00 29.76 ? 175 HIS A CA  1 
ATOM   1130 C C   . HIS A 1 152 ? 21.744  11.752  4.552   1.00 32.99 ? 175 HIS A C   1 
ATOM   1131 O O   . HIS A 1 152 ? 21.261  12.343  5.513   1.00 36.07 ? 175 HIS A O   1 
ATOM   1132 C CB  . HIS A 1 152 ? 20.553  13.485  3.137   1.00 35.62 ? 175 HIS A CB  1 
ATOM   1133 C CG  . HIS A 1 152 ? 20.494  14.199  1.808   1.00 59.85 ? 175 HIS A CG  1 
ATOM   1134 N ND1 . HIS A 1 152 ? 19.825  13.908  0.662   1.00 63.39 ? 175 HIS A ND1 1 
ATOM   1135 C CD2 . HIS A 1 152 ? 21.182  15.374  1.556   1.00 60.72 ? 175 HIS A CD2 1 
ATOM   1136 C CE1 . HIS A 1 152 ? 20.136  14.892  -0.253  1.00 56.04 ? 175 HIS A CE1 1 
ATOM   1137 N NE2 . HIS A 1 152 ? 20.950  15.767  0.315   1.00 62.23 ? 175 HIS A NE2 1 
ATOM   1138 N N   . PRO A 1 153 ? 22.609  10.716  4.716   1.00 30.66 ? 176 PRO A N   1 
ATOM   1139 C CA  . PRO A 1 153 ? 22.907  10.262  6.106   1.00 45.80 ? 176 PRO A CA  1 
ATOM   1140 C C   . PRO A 1 153 ? 23.616  11.336  6.970   1.00 48.29 ? 176 PRO A C   1 
ATOM   1141 O O   . PRO A 1 153 ? 23.413  11.397  8.190   1.00 46.46 ? 176 PRO A O   1 
ATOM   1142 C CB  . PRO A 1 153 ? 23.807  9.014   5.916   1.00 38.29 ? 176 PRO A CB  1 
ATOM   1143 C CG  . PRO A 1 153 ? 24.332  9.086   4.485   1.00 35.57 ? 176 PRO A CG  1 
ATOM   1144 C CD  . PRO A 1 153 ? 23.298  9.892   3.694   1.00 40.03 ? 176 PRO A CD  1 
ATOM   1145 N N   . LEU A 1 154 ? 24.418  12.184  6.333   1.00 48.71 ? 177 LEU A N   1 
ATOM   1146 C CA  . LEU A 1 154 ? 25.103  13.258  7.055   1.00 45.63 ? 177 LEU A CA  1 
ATOM   1147 C C   . LEU A 1 154 ? 26.113  12.727  8.051   1.00 27.02 ? 177 LEU A C   1 
ATOM   1148 O O   . LEU A 1 154 ? 26.054  13.013  9.237   1.00 28.46 ? 177 LEU A O   1 
ATOM   1149 C CB  . LEU A 1 154 ? 24.113  14.159  7.755   1.00 29.52 ? 177 LEU A CB  1 
ATOM   1150 C CG  . LEU A 1 154 ? 23.078  14.739  6.793   1.00 52.09 ? 177 LEU A CG  1 
ATOM   1151 C CD1 . LEU A 1 154 ? 22.246  15.803  7.509   1.00 29.13 ? 177 LEU A CD1 1 
ATOM   1152 C CD2 . LEU A 1 154 ? 23.767  15.268  5.503   1.00 37.55 ? 177 LEU A CD2 1 
ATOM   1153 N N   . ILE A 1 155 ? 27.067  11.982  7.525   1.00 27.99 ? 178 ILE A N   1 
ATOM   1154 C CA  . ILE A 1 155 ? 28.164  11.457  8.315   1.00 32.49 ? 178 ILE A CA  1 
ATOM   1155 C C   . ILE A 1 155 ? 29.295  12.450  8.139   1.00 33.20 ? 178 ILE A C   1 
ATOM   1156 O O   . ILE A 1 155 ? 29.653  12.805  7.015   1.00 32.20 ? 178 ILE A O   1 
ATOM   1157 C CB  . ILE A 1 155 ? 28.602  10.037  7.832   1.00 42.87 ? 178 ILE A CB  1 
ATOM   1158 C CG1 . ILE A 1 155 ? 27.377  9.115   7.690   1.00 38.16 ? 178 ILE A CG1 1 
ATOM   1159 C CG2 . ILE A 1 155 ? 29.633  9.386   8.792   1.00 23.46 ? 178 ILE A CG2 1 
ATOM   1160 C CD1 . ILE A 1 155 ? 27.731  7.771   7.081   1.00 42.14 ? 178 ILE A CD1 1 
ATOM   1161 N N   . LEU A 1 156 ? 29.827  12.931  9.247   1.00 21.73 ? 179 LEU A N   1 
ATOM   1162 C CA  . LEU A 1 156 ? 30.877  13.920  9.211   1.00 25.08 ? 179 LEU A CA  1 
ATOM   1163 C C   . LEU A 1 156 ? 32.229  13.261  8.948   1.00 22.71 ? 179 LEU A C   1 
ATOM   1164 O O   . LEU A 1 156 ? 32.466  12.110  9.378   1.00 22.84 ? 179 LEU A O   1 
ATOM   1165 C CB  . LEU A 1 156 ? 30.884  14.647  10.542  1.00 25.80 ? 179 LEU A CB  1 
ATOM   1166 C CG  . LEU A 1 156 ? 31.725  15.881  10.615  1.00 23.78 ? 179 LEU A CG  1 
ATOM   1167 C CD1 . LEU A 1 156 ? 31.260  16.893  9.542   1.00 21.11 ? 179 LEU A CD1 1 
ATOM   1168 C CD2 . LEU A 1 156 ? 31.629  16.433  12.046  1.00 17.54 ? 179 LEU A CD2 1 
HETATM 1169 O O   . HOH B 2 .   ? -7.746  6.992   -14.194 1.00 28.50 ? 1   HOH A O   1 
HETATM 1170 O O   . HOH B 2 .   ? 6.772   -13.234 4.840   1.00 26.23 ? 2   HOH A O   1 
HETATM 1171 O O   . HOH B 2 .   ? 15.454  1.118   4.146   1.00 26.78 ? 3   HOH A O   1 
HETATM 1172 O O   . HOH B 2 .   ? -16.583 -5.025  -3.336  1.00 38.58 ? 4   HOH A O   1 
HETATM 1173 O O   . HOH B 2 .   ? -0.264  14.744  -7.054  1.00 30.04 ? 5   HOH A O   1 
HETATM 1174 O O   . HOH B 2 .   ? 1.574   -17.795 8.931   1.00 22.19 ? 6   HOH A O   1 
HETATM 1175 O O   . HOH B 2 .   ? 1.212   5.506   16.107  1.00 26.16 ? 7   HOH A O   1 
HETATM 1176 O O   . HOH B 2 .   ? 1.148   18.143  -10.899 1.00 35.88 ? 8   HOH A O   1 
HETATM 1177 O O   . HOH B 2 .   ? 13.776  -3.607  -4.377  1.00 36.81 ? 9   HOH A O   1 
HETATM 1178 O O   . HOH B 2 .   ? -2.312  -0.997  -17.545 1.00 24.94 ? 10  HOH A O   1 
HETATM 1179 O O   . HOH B 2 .   ? 10.156  -11.398 -1.416  1.00 21.44 ? 11  HOH A O   1 
HETATM 1180 O O   . HOH B 2 .   ? 5.101   7.267   -14.545 1.00 34.49 ? 12  HOH A O   1 
HETATM 1181 O O   . HOH B 2 .   ? 9.025   8.801   7.319   1.00 27.00 ? 13  HOH A O   1 
HETATM 1182 O O   . HOH B 2 .   ? -13.708 2.324   12.383  1.00 40.46 ? 14  HOH A O   1 
HETATM 1183 O O   . HOH B 2 .   ? -21.336 -0.700  -11.471 1.00 42.13 ? 15  HOH A O   1 
HETATM 1184 O O   . HOH B 2 .   ? 12.824  7.638   -3.600  1.00 21.18 ? 16  HOH A O   1 
HETATM 1185 O O   . HOH B 2 .   ? 9.408   -13.782 2.277   1.00 25.59 ? 17  HOH A O   1 
HETATM 1186 O O   . HOH B 2 .   ? 2.459   13.577  -0.770  1.00 22.57 ? 18  HOH A O   1 
HETATM 1187 O O   . HOH B 2 .   ? 1.475   -7.382  -18.246 1.00 33.32 ? 19  HOH A O   1 
HETATM 1188 O O   . HOH B 2 .   ? 10.193  16.804  -5.083  1.00 46.79 ? 20  HOH A O   1 
HETATM 1189 O O   . HOH B 2 .   ? -1.429  12.058  -13.025 1.00 34.03 ? 21  HOH A O   1 
HETATM 1190 O O   . HOH B 2 .   ? -4.296  -14.674 -2.294  1.00 33.23 ? 22  HOH A O   1 
HETATM 1191 O O   . HOH B 2 .   ? -10.505 -11.279 7.642   1.00 40.12 ? 23  HOH A O   1 
HETATM 1192 O O   . HOH B 2 .   ? 15.208  -2.011  5.675   1.00 23.51 ? 180 HOH A O   1 
HETATM 1193 O O   . HOH B 2 .   ? 14.207  16.664  -2.547  1.00 37.92 ? 181 HOH A O   1 
HETATM 1194 O O   . HOH B 2 .   ? -2.485  8.732   -15.816 1.00 46.79 ? 182 HOH A O   1 
HETATM 1195 O O   . HOH B 2 .   ? -9.110  -14.728 19.236  1.00 39.58 ? 183 HOH A O   1 
HETATM 1196 O O   . HOH B 2 .   ? 15.759  -2.481  -3.298  1.00 29.15 ? 184 HOH A O   1 
HETATM 1197 O O   . HOH B 2 .   ? 13.676  1.912   -6.938  1.00 20.53 ? 185 HOH A O   1 
HETATM 1198 O O   . HOH B 2 .   ? -8.431  12.990  -6.338  1.00 19.94 ? 186 HOH A O   1 
HETATM 1199 O O   . HOH B 2 .   ? -6.746  13.038  4.930   1.00 33.16 ? 187 HOH A O   1 
HETATM 1200 O O   . HOH B 2 .   ? 12.207  13.559  -2.506  1.00 53.80 ? 188 HOH A O   1 
HETATM 1201 O O   . HOH B 2 .   ? -22.220 -1.535  -8.299  1.00 30.85 ? 189 HOH A O   1 
HETATM 1202 O O   . HOH B 2 .   ? -14.854 -7.694  12.067  1.00 39.84 ? 190 HOH A O   1 
HETATM 1203 O O   . HOH B 2 .   ? -3.131  9.012   6.786   1.00 40.73 ? 191 HOH A O   1 
HETATM 1204 O O   . HOH B 2 .   ? 7.174   7.159   9.577   1.00 34.28 ? 192 HOH A O   1 
HETATM 1205 O O   . HOH B 2 .   ? -9.226  14.598  5.412   1.00 48.37 ? 193 HOH A O   1 
HETATM 1206 O O   . HOH B 2 .   ? -17.024 -5.227  -5.143  1.00 39.94 ? 194 HOH A O   1 
HETATM 1207 O O   . HOH B 2 .   ? -3.420  11.716  -14.662 1.00 36.26 ? 195 HOH A O   1 
HETATM 1208 O O   . HOH B 2 .   ? 12.524  -12.941 2.676   1.00 48.14 ? 197 HOH A O   1 
HETATM 1209 O O   . HOH B 2 .   ? -14.208 -2.508  12.006  1.00 34.02 ? 198 HOH A O   1 
HETATM 1210 O O   . HOH B 2 .   ? -11.201 -11.528 -9.803  1.00 42.99 ? 199 HOH A O   1 
HETATM 1211 O O   . HOH B 2 .   ? 1.079   -17.625 12.188  1.00 36.30 ? 200 HOH A O   1 
HETATM 1212 O O   . HOH B 2 .   ? -10.802 -14.118 -11.929 1.00 59.80 ? 201 HOH A O   1 
HETATM 1213 O O   . HOH B 2 .   ? -3.458  -12.861 -19.429 1.00 42.30 ? 202 HOH A O   1 
HETATM 1214 O O   . HOH B 2 .   ? 15.346  12.436  -1.752  1.00 39.54 ? 203 HOH A O   1 
HETATM 1215 O O   . HOH B 2 .   ? -9.627  11.407  -14.279 1.00 42.08 ? 204 HOH A O   1 
HETATM 1216 O O   . HOH B 2 .   ? -18.233 2.961   -6.945  1.00 23.45 ? 205 HOH A O   1 
HETATM 1217 O O   . HOH B 2 .   ? 9.394   15.794  0.387   1.00 38.72 ? 206 HOH A O   1 
HETATM 1218 O O   . HOH B 2 .   ? 9.556   -11.715 4.885   1.00 41.25 ? 207 HOH A O   1 
HETATM 1219 O O   . HOH B 2 .   ? 2.489   0.052   -16.293 1.00 37.94 ? 208 HOH A O   1 
HETATM 1220 O O   . HOH B 2 .   ? 17.183  4.426   6.322   1.00 44.01 ? 209 HOH A O   1 
HETATM 1221 O O   . HOH B 2 .   ? 22.692  16.849  -2.297  1.00 23.68 ? 210 HOH A O   1 
HETATM 1222 O O   . HOH B 2 .   ? -10.051 -3.258  -6.141  1.00 20.37 ? 211 HOH A O   1 
HETATM 1223 O O   . HOH B 2 .   ? 21.198  15.337  -3.196  1.00 26.62 ? 212 HOH A O   1 
HETATM 1224 O O   . HOH B 2 .   ? -4.710  5.046   18.617  1.00 23.93 ? 213 HOH A O   1 
HETATM 1225 O O   . HOH B 2 .   ? -8.868  -5.984  -3.835  1.00 28.14 ? 214 HOH A O   1 
HETATM 1226 O O   . HOH B 2 .   ? -6.923  -15.632 15.016  1.00 31.56 ? 215 HOH A O   1 
HETATM 1227 O O   . HOH B 2 .   ? -13.921 -7.882  18.723  1.00 44.30 ? 216 HOH A O   1 
HETATM 1228 O O   . HOH B 2 .   ? -12.766 4.946   1.013   1.00 32.88 ? 217 HOH A O   1 
HETATM 1229 O O   . HOH B 2 .   ? 9.686   0.522   -10.861 1.00 28.07 ? 218 HOH A O   1 
HETATM 1230 O O   . HOH B 2 .   ? -4.678  13.224  -7.172  1.00 28.23 ? 219 HOH A O   1 
HETATM 1231 O O   . HOH B 2 .   ? -7.389  1.000   4.024   1.00 11.94 ? 220 HOH A O   1 
HETATM 1232 O O   . HOH B 2 .   ? -8.403  -1.676  2.746   1.00 30.19 ? 221 HOH A O   1 
HETATM 1233 O O   . HOH B 2 .   ? 6.839   -13.023 -1.460  1.00 31.06 ? 222 HOH A O   1 
HETATM 1234 O O   . HOH B 2 .   ? 6.078   -11.282 -1.743  1.00 12.26 ? 223 HOH A O   1 
HETATM 1235 O O   . HOH B 2 .   ? 4.407   -13.115 -2.330  1.00 30.35 ? 224 HOH A O   1 
HETATM 1236 O O   . HOH B 2 .   ? -9.757  -6.403  2.528   1.00 24.92 ? 225 HOH A O   1 
HETATM 1237 O O   . HOH B 2 .   ? -10.978 13.684  -0.614  1.00 31.00 ? 226 HOH A O   1 
HETATM 1238 O O   . HOH B 2 .   ? -8.173  -13.879 -14.731 1.00 64.16 ? 227 HOH A O   1 
HETATM 1239 O O   . HOH B 2 .   ? -7.705  -11.708 -16.200 1.00 35.64 ? 228 HOH A O   1 
HETATM 1240 O O   . HOH B 2 .   ? -5.841  -12.854 -15.378 1.00 39.19 ? 229 HOH A O   1 
HETATM 1241 O O   . HOH B 2 .   ? -8.939  -1.933  0.506   1.00 26.61 ? 230 HOH A O   1 
HETATM 1242 O O   . HOH B 2 .   ? -10.938 -2.819  4.793   1.00 39.87 ? 231 HOH A O   1 
HETATM 1243 O O   . HOH B 2 .   ? -6.438  -0.686  -1.913  1.00 13.52 ? 232 HOH A O   1 
HETATM 1244 O O   . HOH B 2 .   ? -11.661 -1.897  0.901   1.00 49.91 ? 233 HOH A O   1 
HETATM 1245 O O   . HOH B 2 .   ? -9.033  4.966   4.298   1.00 18.84 ? 234 HOH A O   1 
HETATM 1246 O O   . HOH B 2 .   ? -10.919 3.818   3.835   1.00 36.04 ? 235 HOH A O   1 
HETATM 1247 O O   . HOH B 2 .   ? -0.841  -10.948 -10.535 1.00 34.50 ? 236 HOH A O   1 
HETATM 1248 O O   . HOH B 2 .   ? 16.822  1.563   -0.660  1.00 32.36 ? 237 HOH A O   1 
HETATM 1249 O O   . HOH B 2 .   ? -6.103  7.787   -15.091 1.00 37.72 ? 238 HOH A O   1 
HETATM 1250 O O   . HOH B 2 .   ? -3.549  13.134  6.671   1.00 40.96 ? 239 HOH A O   1 
HETATM 1251 O O   . HOH B 2 .   ? -10.539 -12.194 12.477  1.00 43.72 ? 240 HOH A O   1 
HETATM 1252 O O   . HOH B 2 .   ? -12.503 4.734   8.385   1.00 33.07 ? 241 HOH A O   1 
HETATM 1253 O O   . HOH B 2 .   ? -12.984 2.566   9.442   1.00 32.49 ? 242 HOH A O   1 
HETATM 1254 O O   . HOH B 2 .   ? 12.235  14.891  -4.247  1.00 44.99 ? 243 HOH A O   1 
HETATM 1255 O O   . HOH B 2 .   ? -11.164 -12.751 -14.331 1.00 49.49 ? 245 HOH A O   1 
HETATM 1256 O O   . HOH B 2 .   ? 0.359   -10.666 -21.737 1.00 54.41 ? 246 HOH A O   1 
HETATM 1257 O O   . HOH B 2 .   ? 2.733   -11.151 12.793  1.00 31.18 ? 247 HOH A O   1 
HETATM 1258 O O   . HOH B 2 .   ? 5.119   -10.120 10.368  1.00 26.23 ? 250 HOH A O   1 
HETATM 1259 O O   . HOH B 2 .   ? 0.555   -5.154  -20.418 1.00 28.86 ? 251 HOH A O   1 
HETATM 1260 O O   . HOH B 2 .   ? -11.823 -0.571  6.103   1.00 36.43 ? 252 HOH A O   1 
HETATM 1261 O O   . HOH B 2 .   ? -6.057  6.782   10.628  1.00 31.11 ? 253 HOH A O   1 
HETATM 1262 O O   . HOH B 2 .   ? 0.129   -6.811  -25.121 1.00 2.11  ? 254 HOH A O   1 
HETATM 1263 O O   . HOH B 2 .   ? 15.832  4.874   0.993   1.00 15.20 ? 255 HOH A O   1 
HETATM 1264 O O   . HOH B 2 .   ? 3.871   -9.615  -2.430  1.00 5.42  ? 257 HOH A O   1 
HETATM 1265 O O   . HOH B 2 .   ? 7.740   12.468  -8.544  1.00 13.16 ? 258 HOH A O   1 
HETATM 1266 O O   . HOH B 2 .   ? 13.415  -4.871  2.864   1.00 12.81 ? 259 HOH A O   1 
HETATM 1267 O O   . HOH B 2 .   ? 6.331   -13.403 7.821   1.00 12.67 ? 260 HOH A O   1 
HETATM 1268 O O   . HOH B 2 .   ? 9.489   1.353   -2.267  1.00 9.03  ? 261 HOH A O   1 
HETATM 1269 O O   . HOH B 2 .   ? 2.297   2.219   -2.854  1.00 8.83  ? 262 HOH A O   1 
HETATM 1270 O O   . HOH B 2 .   ? -10.723 11.479  2.061   1.00 10.19 ? 263 HOH A O   1 
HETATM 1271 O O   . HOH B 2 .   ? 6.474   -6.397  -13.915 1.00 14.93 ? 264 HOH A O   1 
HETATM 1272 O O   . HOH B 2 .   ? 5.578   3.376   12.602  1.00 18.95 ? 265 HOH A O   1 
HETATM 1273 O O   . HOH B 2 .   ? 14.641  -0.174  -1.477  1.00 19.76 ? 266 HOH A O   1 
HETATM 1274 O O   . HOH B 2 .   ? -4.659  -10.965 -8.710  1.00 17.56 ? 267 HOH A O   1 
HETATM 1275 O O   . HOH B 2 .   ? 3.218   1.686   -14.338 1.00 9.37  ? 268 HOH A O   1 
HETATM 1276 O O   . HOH B 2 .   ? 6.742   -2.808  -11.494 1.00 13.62 ? 269 HOH A O   1 
HETATM 1277 O O   . HOH B 2 .   ? -3.138  12.907  3.747   1.00 22.70 ? 270 HOH A O   1 
HETATM 1278 O O   . HOH B 2 .   ? 11.567  10.485  -3.437  1.00 20.84 ? 272 HOH A O   1 
HETATM 1279 O O   . HOH B 2 .   ? -8.986  -8.279  9.936   1.00 18.22 ? 273 HOH A O   1 
HETATM 1280 O O   . HOH B 2 .   ? 16.461  6.715   -0.567  1.00 28.45 ? 274 HOH A O   1 
HETATM 1281 O O   . HOH B 2 .   ? -5.190  -5.531  -13.466 1.00 24.65 ? 275 HOH A O   1 
HETATM 1282 O O   . HOH B 2 .   ? -17.244 3.901   -0.374  1.00 21.77 ? 276 HOH A O   1 
HETATM 1283 O O   . HOH B 2 .   ? 1.453   -13.938 1.899   1.00 16.20 ? 277 HOH A O   1 
HETATM 1284 O O   . HOH B 2 .   ? 3.375   -6.418  -16.508 1.00 12.42 ? 278 HOH A O   1 
HETATM 1285 O O   . HOH B 2 .   ? 0.626   -10.098 -12.659 1.00 19.46 ? 279 HOH A O   1 
HETATM 1286 O O   . HOH B 2 .   ? 10.488  0.739   -4.874  1.00 15.17 ? 280 HOH A O   1 
HETATM 1287 O O   . HOH B 2 .   ? 9.824   4.135   -10.873 1.00 21.50 ? 281 HOH A O   1 
HETATM 1288 O O   . HOH B 2 .   ? -5.283  9.955   -13.640 1.00 29.01 ? 283 HOH A O   1 
HETATM 1289 O O   . HOH B 2 .   ? -13.224 0.964   15.967  1.00 23.19 ? 284 HOH A O   1 
HETATM 1290 O O   . HOH B 2 .   ? 10.820  -13.049 -5.662  1.00 12.11 ? 285 HOH A O   1 
HETATM 1291 O O   . HOH B 2 .   ? 4.356   -14.368 1.808   1.00 31.44 ? 286 HOH A O   1 
HETATM 1292 O O   . HOH B 2 .   ? 1.645   15.302  4.965   1.00 28.39 ? 287 HOH A O   1 
HETATM 1293 O O   . HOH B 2 .   ? 5.249   13.751  -0.491  1.00 22.36 ? 288 HOH A O   1 
HETATM 1294 O O   . HOH B 2 .   ? 4.770   -14.849 -9.112  1.00 16.47 ? 289 HOH A O   1 
HETATM 1295 O O   . HOH B 2 .   ? 11.251  0.199   -7.443  1.00 16.72 ? 290 HOH A O   1 
HETATM 1296 O O   . HOH B 2 .   ? -20.888 0.664   -7.543  1.00 19.49 ? 291 HOH A O   1 
HETATM 1297 O O   . HOH B 2 .   ? -0.270  -0.878  -15.542 1.00 23.54 ? 292 HOH A O   1 
HETATM 1298 O O   . HOH B 2 .   ? -1.181  -15.418 3.415   1.00 29.59 ? 294 HOH A O   1 
HETATM 1299 O O   . HOH B 2 .   ? 2.466   5.603   13.870  1.00 22.23 ? 295 HOH A O   1 
HETATM 1300 O O   . HOH B 2 .   ? -10.388 -9.724  11.611  1.00 24.83 ? 296 HOH A O   1 
HETATM 1301 O O   . HOH B 2 .   ? 8.803   10.854  -10.398 1.00 28.11 ? 297 HOH A O   1 
# 
loop_
_pdbx_poly_seq_scheme.asym_id 
_pdbx_poly_seq_scheme.entity_id 
_pdbx_poly_seq_scheme.seq_id 
_pdbx_poly_seq_scheme.mon_id 
_pdbx_poly_seq_scheme.ndb_seq_num 
_pdbx_poly_seq_scheme.pdb_seq_num 
_pdbx_poly_seq_scheme.auth_seq_num 
_pdbx_poly_seq_scheme.pdb_mon_id 
_pdbx_poly_seq_scheme.auth_mon_id 
_pdbx_poly_seq_scheme.pdb_strand_id 
_pdbx_poly_seq_scheme.pdb_ins_code 
_pdbx_poly_seq_scheme.hetero 
A 1 1   SER 1   24  ?   ?   ?   A . n 
A 1 2   MET 2   25  ?   ?   ?   A . n 
A 1 3   SER 3   26  ?   ?   ?   A . n 
A 1 4   ALA 4   27  ?   ?   ?   A . n 
A 1 5   PRO 5   28  ?   ?   ?   A . n 
A 1 6   ALA 6   29  ?   ?   ?   A . n 
A 1 7   GLY 7   30  ?   ?   ?   A . n 
A 1 8   GLU 8   31  ?   ?   ?   A . n 
A 1 9   PRO 9   32  ?   ?   ?   A . n 
A 1 10  PRO 10  33  ?   ?   ?   A . n 
A 1 11  ALA 11  34  ?   ?   ?   A . n 
A 1 12  PRO 12  35  ?   ?   ?   A . n 
A 1 13  VAL 13  36  36  VAL VAL A . n 
A 1 14  ARG 14  37  37  ARG ARG A . n 
A 1 15  LEU 15  38  38  LEU LEU A . n 
A 1 16  ARG 16  39  39  ARG ARG A . n 
A 1 17  LYS 17  40  40  LYS LYS A . n 
A 1 18  ASN 18  41  41  ASN ASN A . n 
A 1 19  VAL 19  42  42  VAL VAL A . n 
A 1 20  CYS 20  43  43  CYS CYS A . n 
A 1 21  TYR 21  44  44  TYR TYR A . n 
A 1 22  VAL 22  45  45  VAL VAL A . n 
A 1 23  VAL 23  46  46  VAL VAL A . n 
A 1 24  LEU 24  47  47  LEU LEU A . n 
A 1 25  ALA 25  48  48  ALA ALA A . n 
A 1 26  VAL 26  49  49  VAL VAL A . n 
A 1 27  PHE 27  50  50  PHE PHE A . n 
A 1 28  LEU 28  51  51  LEU LEU A . n 
A 1 29  SER 29  52  52  SER SER A . n 
A 1 30  GLU 30  53  53  GLU GLU A . n 
A 1 31  GLN 31  54  54  GLN GLN A . n 
A 1 32  ASP 32  55  55  ASP ASP A . n 
A 1 33  GLU 33  56  56  GLU GLU A . n 
A 1 34  VAL 34  57  57  VAL VAL A . n 
A 1 35  LEU 35  58  58  LEU LEU A . n 
A 1 36  LEU 36  59  59  LEU LEU A . n 
A 1 37  ILE 37  60  60  ILE ILE A . n 
A 1 38  GLN 38  61  61  GLN GLN A . n 
A 1 39  GLU 39  62  62  GLU GLU A . n 
A 1 40  ALA 40  63  63  ALA ALA A . n 
A 1 41  LYS 41  64  64  LYS LYS A . n 
A 1 42  ARG 42  65  65  ARG ARG A . n 
A 1 43  GLU 43  66  66  GLU GLU A . n 
A 1 44  CYS 44  67  67  CYS CYS A . n 
A 1 45  ARG 45  68  68  ARG ARG A . n 
A 1 46  GLY 46  69  69  GLY GLY A . n 
A 1 47  SER 47  70  70  SER SER A . n 
A 1 48  TRP 48  71  71  TRP TRP A . n 
A 1 49  TYR 49  72  72  TYR TYR A . n 
A 1 50  LEU 50  73  73  LEU LEU A . n 
A 1 51  PRO 51  74  74  PRO PRO A . n 
A 1 52  ALA 52  75  75  ALA ALA A . n 
A 1 53  GLY 53  76  76  GLY GLY A . n 
A 1 54  ARG 54  77  77  ARG ARG A . n 
A 1 55  MET 55  78  78  MET MET A . n 
A 1 56  GLU 56  79  79  GLU GLU A . n 
A 1 57  PRO 57  80  80  PRO PRO A . n 
A 1 58  GLY 58  81  81  GLY GLY A . n 
A 1 59  GLU 59  82  82  GLU GLU A . n 
A 1 60  THR 60  83  83  THR THR A . n 
A 1 61  ILE 61  84  84  ILE ILE A . n 
A 1 62  VAL 62  85  85  VAL VAL A . n 
A 1 63  GLU 63  86  86  GLU GLU A . n 
A 1 64  ALA 64  87  87  ALA ALA A . n 
A 1 65  LEU 65  88  88  LEU LEU A . n 
A 1 66  GLN 66  89  89  GLN GLN A . n 
A 1 67  ARG 67  90  90  ARG ARG A . n 
A 1 68  GLU 68  91  91  GLU GLU A . n 
A 1 69  VAL 69  92  92  VAL VAL A . n 
A 1 70  LYS 70  93  93  LYS LYS A . n 
A 1 71  GLU 71  94  94  GLU GLU A . n 
A 1 72  GLU 72  95  95  GLU GLU A . n 
A 1 73  ALA 73  96  96  ALA ALA A . n 
A 1 74  GLY 74  97  97  GLY GLY A . n 
A 1 75  LEU 75  98  98  LEU LEU A . n 
A 1 76  HIS 76  99  99  HIS HIS A . n 
A 1 77  CYS 77  100 100 CYS CYS A . n 
A 1 78  GLU 78  101 101 GLU GLU A . n 
A 1 79  PRO 79  102 102 PRO PRO A . n 
A 1 80  GLU 80  103 103 GLU GLU A . n 
A 1 81  THR 81  104 104 THR THR A . n 
A 1 82  LEU 82  105 105 LEU LEU A . n 
A 1 83  LEU 83  106 106 LEU LEU A . n 
A 1 84  SER 84  107 107 SER SER A . n 
A 1 85  VAL 85  108 108 VAL VAL A . n 
A 1 86  GLU 86  109 109 GLU GLU A . n 
A 1 87  GLU 87  110 110 GLU GLU A . n 
A 1 88  ARG 88  111 111 ARG ARG A . n 
A 1 89  GLY 89  112 112 GLY GLY A . n 
A 1 90  PRO 90  113 113 PRO PRO A . n 
A 1 91  SER 91  114 114 SER SER A . n 
A 1 92  TRP 92  115 115 TRP TRP A . n 
A 1 93  VAL 93  116 116 VAL VAL A . n 
A 1 94  ARG 94  117 117 ARG ARG A . n 
A 1 95  PHE 95  118 118 PHE PHE A . n 
A 1 96  VAL 96  119 119 VAL VAL A . n 
A 1 97  PHE 97  120 120 PHE PHE A . n 
A 1 98  LEU 98  121 121 LEU LEU A . n 
A 1 99  ALA 99  122 122 ALA ALA A . n 
A 1 100 ARG 100 123 123 ARG ARG A . n 
A 1 101 PRO 101 124 124 PRO PRO A . n 
A 1 102 THR 102 125 125 THR THR A . n 
A 1 103 GLY 103 126 126 GLY GLY A . n 
A 1 104 GLY 104 127 127 GLY GLY A . n 
A 1 105 ILE 105 128 128 ILE ILE A . n 
A 1 106 LEU 106 129 129 LEU LEU A . n 
A 1 107 LYS 107 130 130 LYS LYS A . n 
A 1 108 THR 108 131 131 THR THR A . n 
A 1 109 SER 109 132 132 SER SER A . n 
A 1 110 LYS 110 133 133 LYS LYS A . n 
A 1 111 GLU 111 134 134 GLU GLU A . n 
A 1 112 ALA 112 135 135 ALA ALA A . n 
A 1 113 ASP 113 136 136 ASP ASP A . n 
A 1 114 ALA 114 137 137 ALA ALA A . n 
A 1 115 GLU 115 138 138 GLU GLU A . n 
A 1 116 SER 116 139 139 SER SER A . n 
A 1 117 LEU 117 140 140 LEU LEU A . n 
A 1 118 GLN 118 141 141 GLN GLN A . n 
A 1 119 ALA 119 142 142 ALA ALA A . n 
A 1 120 ALA 120 143 143 ALA ALA A . n 
A 1 121 TRP 121 144 144 TRP TRP A . n 
A 1 122 TYR 122 145 145 TYR TYR A . n 
A 1 123 PRO 123 146 146 PRO PRO A . n 
A 1 124 ARG 124 147 147 ARG ARG A . n 
A 1 125 THR 125 148 148 THR THR A . n 
A 1 126 SER 126 149 149 SER SER A . n 
A 1 127 LEU 127 150 150 LEU LEU A . n 
A 1 128 PRO 128 151 151 PRO PRO A . n 
A 1 129 THR 129 152 152 THR THR A . n 
A 1 130 PRO 130 153 153 PRO PRO A . n 
A 1 131 LEU 131 154 154 LEU LEU A . n 
A 1 132 ARG 132 155 155 ARG ARG A . n 
A 1 133 ALA 133 156 156 ALA ALA A . n 
A 1 134 HIS 134 157 157 HIS HIS A . n 
A 1 135 ASP 135 158 158 ASP ASP A . n 
A 1 136 ILE 136 159 159 ILE ILE A . n 
A 1 137 LEU 137 160 160 LEU LEU A . n 
A 1 138 HIS 138 161 161 HIS HIS A . n 
A 1 139 LEU 139 162 162 LEU LEU A . n 
A 1 140 VAL 140 163 163 VAL VAL A . n 
A 1 141 GLU 141 164 164 GLU GLU A . n 
A 1 142 LEU 142 165 165 LEU LEU A . n 
A 1 143 ALA 143 166 166 ALA ALA A . n 
A 1 144 ALA 144 167 167 ALA ALA A . n 
A 1 145 GLN 145 168 168 GLN GLN A . n 
A 1 146 TYR 146 169 169 TYR TYR A . n 
A 1 147 ARG 147 170 170 ARG ARG A . n 
A 1 148 GLN 148 171 171 GLN GLN A . n 
A 1 149 GLN 149 172 172 GLN GLN A . n 
A 1 150 ALA 150 173 173 ALA ALA A . n 
A 1 151 ARG 151 174 174 ARG ARG A . n 
A 1 152 HIS 152 175 175 HIS HIS A . n 
A 1 153 PRO 153 176 176 PRO PRO A . n 
A 1 154 LEU 154 177 177 LEU LEU A . n 
A 1 155 ILE 155 178 178 ILE ILE A . n 
A 1 156 LEU 156 179 179 LEU LEU A . n 
# 
_pdbx_SG_project.id                    1 
_pdbx_SG_project.project_name          ? 
_pdbx_SG_project.full_name_of_center   'Structural Genomics Consortium' 
_pdbx_SG_project.initial_of_center     SGC 
# 
loop_
_pdbx_nonpoly_scheme.asym_id 
_pdbx_nonpoly_scheme.entity_id 
_pdbx_nonpoly_scheme.mon_id 
_pdbx_nonpoly_scheme.ndb_seq_num 
_pdbx_nonpoly_scheme.pdb_seq_num 
_pdbx_nonpoly_scheme.auth_seq_num 
_pdbx_nonpoly_scheme.pdb_mon_id 
_pdbx_nonpoly_scheme.auth_mon_id 
_pdbx_nonpoly_scheme.pdb_strand_id 
_pdbx_nonpoly_scheme.pdb_ins_code 
B 2 HOH 1   1   1   HOH HOH A . 
B 2 HOH 2   2   2   HOH HOH A . 
B 2 HOH 3   3   3   HOH HOH A . 
B 2 HOH 4   4   4   HOH HOH A . 
B 2 HOH 5   5   5   HOH HOH A . 
B 2 HOH 6   6   6   HOH HOH A . 
B 2 HOH 7   7   7   HOH HOH A . 
B 2 HOH 8   8   8   HOH HOH A . 
B 2 HOH 9   9   9   HOH HOH A . 
B 2 HOH 10  10  10  HOH HOH A . 
B 2 HOH 11  11  11  HOH HOH A . 
B 2 HOH 12  12  12  HOH HOH A . 
B 2 HOH 13  13  13  HOH HOH A . 
B 2 HOH 14  14  14  HOH HOH A . 
B 2 HOH 15  15  15  HOH HOH A . 
B 2 HOH 16  16  16  HOH HOH A . 
B 2 HOH 17  17  17  HOH HOH A . 
B 2 HOH 18  18  18  HOH HOH A . 
B 2 HOH 19  19  19  HOH HOH A . 
B 2 HOH 20  20  20  HOH HOH A . 
B 2 HOH 21  21  21  HOH HOH A . 
B 2 HOH 22  22  22  HOH HOH A . 
B 2 HOH 23  23  23  HOH HOH A . 
B 2 HOH 24  180 180 HOH HOH A . 
B 2 HOH 25  181 181 HOH HOH A . 
B 2 HOH 26  182 182 HOH HOH A . 
B 2 HOH 27  183 183 HOH HOH A . 
B 2 HOH 28  184 184 HOH HOH A . 
B 2 HOH 29  185 185 HOH HOH A . 
B 2 HOH 30  186 186 HOH HOH A . 
B 2 HOH 31  187 187 HOH HOH A . 
B 2 HOH 32  188 188 HOH HOH A . 
B 2 HOH 33  189 189 HOH HOH A . 
B 2 HOH 34  190 190 HOH HOH A . 
B 2 HOH 35  191 191 HOH HOH A . 
B 2 HOH 36  192 192 HOH HOH A . 
B 2 HOH 37  193 193 HOH HOH A . 
B 2 HOH 38  194 194 HOH HOH A . 
B 2 HOH 39  195 195 HOH HOH A . 
B 2 HOH 40  197 197 HOH HOH A . 
B 2 HOH 41  198 198 HOH HOH A . 
B 2 HOH 42  199 199 HOH HOH A . 
B 2 HOH 43  200 200 HOH HOH A . 
B 2 HOH 44  201 201 HOH HOH A . 
B 2 HOH 45  202 202 HOH HOH A . 
B 2 HOH 46  203 203 HOH HOH A . 
B 2 HOH 47  204 204 HOH HOH A . 
B 2 HOH 48  205 205 HOH HOH A . 
B 2 HOH 49  206 206 HOH HOH A . 
B 2 HOH 50  207 207 HOH HOH A . 
B 2 HOH 51  208 208 HOH HOH A . 
B 2 HOH 52  209 209 HOH HOH A . 
B 2 HOH 53  210 210 HOH HOH A . 
B 2 HOH 54  211 211 HOH HOH A . 
B 2 HOH 55  212 212 HOH HOH A . 
B 2 HOH 56  213 213 HOH HOH A . 
B 2 HOH 57  214 214 HOH HOH A . 
B 2 HOH 58  215 215 HOH HOH A . 
B 2 HOH 59  216 216 HOH HOH A . 
B 2 HOH 60  217 217 HOH HOH A . 
B 2 HOH 61  218 218 HOH HOH A . 
B 2 HOH 62  219 219 HOH HOH A . 
B 2 HOH 63  220 220 HOH HOH A . 
B 2 HOH 64  221 221 HOH HOH A . 
B 2 HOH 65  222 222 HOH HOH A . 
B 2 HOH 66  223 223 HOH HOH A . 
B 2 HOH 67  224 224 HOH HOH A . 
B 2 HOH 68  225 225 HOH HOH A . 
B 2 HOH 69  226 226 HOH HOH A . 
B 2 HOH 70  227 227 HOH HOH A . 
B 2 HOH 71  228 228 HOH HOH A . 
B 2 HOH 72  229 229 HOH HOH A . 
B 2 HOH 73  230 230 HOH HOH A . 
B 2 HOH 74  231 231 HOH HOH A . 
B 2 HOH 75  232 232 HOH HOH A . 
B 2 HOH 76  233 233 HOH HOH A . 
B 2 HOH 77  234 234 HOH HOH A . 
B 2 HOH 78  235 235 HOH HOH A . 
B 2 HOH 79  236 236 HOH HOH A . 
B 2 HOH 80  237 237 HOH HOH A . 
B 2 HOH 81  238 238 HOH HOH A . 
B 2 HOH 82  239 239 HOH HOH A . 
B 2 HOH 83  240 240 HOH HOH A . 
B 2 HOH 84  241 241 HOH HOH A . 
B 2 HOH 85  242 242 HOH HOH A . 
B 2 HOH 86  243 243 HOH HOH A . 
B 2 HOH 87  245 245 HOH HOH A . 
B 2 HOH 88  246 246 HOH HOH A . 
B 2 HOH 89  247 247 HOH HOH A . 
B 2 HOH 90  250 250 HOH HOH A . 
B 2 HOH 91  251 251 HOH HOH A . 
B 2 HOH 92  252 252 HOH HOH A . 
B 2 HOH 93  253 253 HOH HOH A . 
B 2 HOH 94  254 254 HOH HOH A . 
B 2 HOH 95  255 255 HOH HOH A . 
B 2 HOH 96  257 257 HOH HOH A . 
B 2 HOH 97  258 258 HOH HOH A . 
B 2 HOH 98  259 259 HOH HOH A . 
B 2 HOH 99  260 260 HOH HOH A . 
B 2 HOH 100 261 261 HOH HOH A . 
B 2 HOH 101 262 262 HOH HOH A . 
B 2 HOH 102 263 263 HOH HOH A . 
B 2 HOH 103 264 264 HOH HOH A . 
B 2 HOH 104 265 265 HOH HOH A . 
B 2 HOH 105 266 266 HOH HOH A . 
B 2 HOH 106 267 267 HOH HOH A . 
B 2 HOH 107 268 268 HOH HOH A . 
B 2 HOH 108 269 269 HOH HOH A . 
B 2 HOH 109 270 270 HOH HOH A . 
B 2 HOH 110 272 272 HOH HOH A . 
B 2 HOH 111 273 273 HOH HOH A . 
B 2 HOH 112 274 274 HOH HOH A . 
B 2 HOH 113 275 275 HOH HOH A . 
B 2 HOH 114 276 276 HOH HOH A . 
B 2 HOH 115 277 277 HOH HOH A . 
B 2 HOH 116 278 278 HOH HOH A . 
B 2 HOH 117 279 279 HOH HOH A . 
B 2 HOH 118 280 280 HOH HOH A . 
B 2 HOH 119 281 281 HOH HOH A . 
B 2 HOH 120 283 283 HOH HOH A . 
B 2 HOH 121 284 284 HOH HOH A . 
B 2 HOH 122 285 285 HOH HOH A . 
B 2 HOH 123 286 286 HOH HOH A . 
B 2 HOH 124 287 287 HOH HOH A . 
B 2 HOH 125 288 288 HOH HOH A . 
B 2 HOH 126 289 289 HOH HOH A . 
B 2 HOH 127 290 290 HOH HOH A . 
B 2 HOH 128 291 291 HOH HOH A . 
B 2 HOH 129 292 292 HOH HOH A . 
B 2 HOH 130 294 294 HOH HOH A . 
B 2 HOH 131 295 295 HOH HOH A . 
B 2 HOH 132 296 296 HOH HOH A . 
B 2 HOH 133 297 297 HOH HOH A . 
# 
_pdbx_struct_assembly.id                   1 
_pdbx_struct_assembly.details              author_and_software_defined_assembly 
_pdbx_struct_assembly.method_details       PISA 
_pdbx_struct_assembly.oligomeric_details   monomeric 
_pdbx_struct_assembly.oligomeric_count     1 
# 
_pdbx_struct_assembly_gen.assembly_id       1 
_pdbx_struct_assembly_gen.oper_expression   1 
_pdbx_struct_assembly_gen.asym_id_list      A,B 
# 
_pdbx_struct_oper_list.id                   1 
_pdbx_struct_oper_list.type                 'identity operation' 
_pdbx_struct_oper_list.name                 1_555 
_pdbx_struct_oper_list.symmetry_operation   x,y,z 
_pdbx_struct_oper_list.matrix[1][1]         1.0000000000 
_pdbx_struct_oper_list.matrix[1][2]         0.0000000000 
_pdbx_struct_oper_list.matrix[1][3]         0.0000000000 
_pdbx_struct_oper_list.vector[1]            0.0000000000 
_pdbx_struct_oper_list.matrix[2][1]         0.0000000000 
_pdbx_struct_oper_list.matrix[2][2]         1.0000000000 
_pdbx_struct_oper_list.matrix[2][3]         0.0000000000 
_pdbx_struct_oper_list.vector[2]            0.0000000000 
_pdbx_struct_oper_list.matrix[3][1]         0.0000000000 
_pdbx_struct_oper_list.matrix[3][2]         0.0000000000 
_pdbx_struct_oper_list.matrix[3][3]         1.0000000000 
_pdbx_struct_oper_list.vector[3]            0.0000000000 
# 
loop_
_pdbx_audit_revision_history.ordinal 
_pdbx_audit_revision_history.data_content_type 
_pdbx_audit_revision_history.major_revision 
_pdbx_audit_revision_history.minor_revision 
_pdbx_audit_revision_history.revision_date 
1 'Structure model' 1 0 2009-03-10 
2 'Structure model' 1 1 2011-07-13 
3 'Structure model' 1 2 2023-09-06 
# 
_pdbx_audit_revision_details.ordinal             1 
_pdbx_audit_revision_details.revision_ordinal    1 
_pdbx_audit_revision_details.data_content_type   'Structure model' 
_pdbx_audit_revision_details.provider            repository 
_pdbx_audit_revision_details.type                'Initial release' 
_pdbx_audit_revision_details.description         ? 
_pdbx_audit_revision_details.details             ? 
# 
loop_
_pdbx_audit_revision_group.ordinal 
_pdbx_audit_revision_group.revision_ordinal 
_pdbx_audit_revision_group.data_content_type 
_pdbx_audit_revision_group.group 
1 2 'Structure model' 'Version format compliance' 
2 3 'Structure model' 'Data collection'           
3 3 'Structure model' 'Database references'       
4 3 'Structure model' 'Refinement description'    
# 
loop_
_pdbx_audit_revision_category.ordinal 
_pdbx_audit_revision_category.revision_ordinal 
_pdbx_audit_revision_category.data_content_type 
_pdbx_audit_revision_category.category 
1 3 'Structure model' chem_comp_atom                
2 3 'Structure model' chem_comp_bond                
3 3 'Structure model' database_2                    
4 3 'Structure model' pdbx_initial_refinement_model 
5 3 'Structure model' struct_ref_seq_dif            
# 
loop_
_pdbx_audit_revision_item.ordinal 
_pdbx_audit_revision_item.revision_ordinal 
_pdbx_audit_revision_item.data_content_type 
_pdbx_audit_revision_item.item 
1 3 'Structure model' '_database_2.pdbx_DOI'                
2 3 'Structure model' '_database_2.pdbx_database_accession' 
3 3 'Structure model' '_struct_ref_seq_dif.details'         
# 
loop_
_software.name 
_software.classification 
_software.version 
_software.citation_id 
_software.pdbx_ordinal 
ADSC   'data collection' Quantum           ? 1 
PHASER phasing           .                 ? 2 
PHENIX refinement        '(phenix.refine)' ? 3 
XDS    'data reduction'  .                 ? 4 
XSCALE 'data scaling'    .                 ? 5 
# 
loop_
_pdbx_validate_close_contact.id 
_pdbx_validate_close_contact.PDB_model_num 
_pdbx_validate_close_contact.auth_atom_id_1 
_pdbx_validate_close_contact.auth_asym_id_1 
_pdbx_validate_close_contact.auth_comp_id_1 
_pdbx_validate_close_contact.auth_seq_id_1 
_pdbx_validate_close_contact.PDB_ins_code_1 
_pdbx_validate_close_contact.label_alt_id_1 
_pdbx_validate_close_contact.auth_atom_id_2 
_pdbx_validate_close_contact.auth_asym_id_2 
_pdbx_validate_close_contact.auth_comp_id_2 
_pdbx_validate_close_contact.auth_seq_id_2 
_pdbx_validate_close_contact.PDB_ins_code_2 
_pdbx_validate_close_contact.label_alt_id_2 
_pdbx_validate_close_contact.dist 
1 1 O  A HOH 4   ? ? O A HOH 194 ? ? 1.87 
2 1 O  A HOH 222 ? ? O A HOH 223 ? ? 1.92 
3 1 NZ A LYS 133 ? ? O A HOH 246 ? ? 2.03 
4 1 O  A HOH 1   ? ? O A HOH 238 ? ? 2.03 
5 1 O  A HOH 188 ? ? O A HOH 243 ? ? 2.19 
# 
loop_
_pdbx_validate_symm_contact.id 
_pdbx_validate_symm_contact.PDB_model_num 
_pdbx_validate_symm_contact.auth_atom_id_1 
_pdbx_validate_symm_contact.auth_asym_id_1 
_pdbx_validate_symm_contact.auth_comp_id_1 
_pdbx_validate_symm_contact.auth_seq_id_1 
_pdbx_validate_symm_contact.PDB_ins_code_1 
_pdbx_validate_symm_contact.label_alt_id_1 
_pdbx_validate_symm_contact.site_symmetry_1 
_pdbx_validate_symm_contact.auth_atom_id_2 
_pdbx_validate_symm_contact.auth_asym_id_2 
_pdbx_validate_symm_contact.auth_comp_id_2 
_pdbx_validate_symm_contact.auth_seq_id_2 
_pdbx_validate_symm_contact.PDB_ins_code_2 
_pdbx_validate_symm_contact.label_alt_id_2 
_pdbx_validate_symm_contact.site_symmetry_2 
_pdbx_validate_symm_contact.dist 
1 1 O A HOH 226 ? ? 1_555 O A HOH 289 ? ? 3_745 1.83 
2 1 O A HOH 263 ? ? 1_555 O A HOH 289 ? ? 3_745 1.88 
# 
_pdbx_validate_rmsd_bond.id                        1 
_pdbx_validate_rmsd_bond.PDB_model_num             1 
_pdbx_validate_rmsd_bond.auth_atom_id_1            CB 
_pdbx_validate_rmsd_bond.auth_asym_id_1            A 
_pdbx_validate_rmsd_bond.auth_comp_id_1            GLU 
_pdbx_validate_rmsd_bond.auth_seq_id_1             134 
_pdbx_validate_rmsd_bond.PDB_ins_code_1            ? 
_pdbx_validate_rmsd_bond.label_alt_id_1            ? 
_pdbx_validate_rmsd_bond.auth_atom_id_2            CG 
_pdbx_validate_rmsd_bond.auth_asym_id_2            A 
_pdbx_validate_rmsd_bond.auth_comp_id_2            GLU 
_pdbx_validate_rmsd_bond.auth_seq_id_2             134 
_pdbx_validate_rmsd_bond.PDB_ins_code_2            ? 
_pdbx_validate_rmsd_bond.label_alt_id_2            ? 
_pdbx_validate_rmsd_bond.bond_value                1.362 
_pdbx_validate_rmsd_bond.bond_target_value         1.517 
_pdbx_validate_rmsd_bond.bond_deviation            -0.155 
_pdbx_validate_rmsd_bond.bond_standard_deviation   0.019 
_pdbx_validate_rmsd_bond.linker_flag               N 
# 
loop_
_pdbx_validate_torsion.id 
_pdbx_validate_torsion.PDB_model_num 
_pdbx_validate_torsion.auth_comp_id 
_pdbx_validate_torsion.auth_asym_id 
_pdbx_validate_torsion.auth_seq_id 
_pdbx_validate_torsion.PDB_ins_code 
_pdbx_validate_torsion.label_alt_id 
_pdbx_validate_torsion.phi 
_pdbx_validate_torsion.psi 
1 1 CYS A 67  ? ? -158.34 47.15   
2 1 ASP A 136 ? ? -164.41 -167.21 
3 1 SER A 149 ? ? -156.09 66.43   
4 1 HIS A 175 ? ? -117.54 67.76   
# 
loop_
_pdbx_unobs_or_zero_occ_residues.id 
_pdbx_unobs_or_zero_occ_residues.PDB_model_num 
_pdbx_unobs_or_zero_occ_residues.polymer_flag 
_pdbx_unobs_or_zero_occ_residues.occupancy_flag 
_pdbx_unobs_or_zero_occ_residues.auth_asym_id 
_pdbx_unobs_or_zero_occ_residues.auth_comp_id 
_pdbx_unobs_or_zero_occ_residues.auth_seq_id 
_pdbx_unobs_or_zero_occ_residues.PDB_ins_code 
_pdbx_unobs_or_zero_occ_residues.label_asym_id 
_pdbx_unobs_or_zero_occ_residues.label_comp_id 
_pdbx_unobs_or_zero_occ_residues.label_seq_id 
1  1 Y 1 A SER 24 ? A SER 1  
2  1 Y 1 A MET 25 ? A MET 2  
3  1 Y 1 A SER 26 ? A SER 3  
4  1 Y 1 A ALA 27 ? A ALA 4  
5  1 Y 1 A PRO 28 ? A PRO 5  
6  1 Y 1 A ALA 29 ? A ALA 6  
7  1 Y 1 A GLY 30 ? A GLY 7  
8  1 Y 1 A GLU 31 ? A GLU 8  
9  1 Y 1 A PRO 32 ? A PRO 9  
10 1 Y 1 A PRO 33 ? A PRO 10 
11 1 Y 1 A ALA 34 ? A ALA 11 
12 1 Y 1 A PRO 35 ? A PRO 12 
# 
loop_
_chem_comp_atom.comp_id 
_chem_comp_atom.atom_id 
_chem_comp_atom.type_symbol 
_chem_comp_atom.pdbx_aromatic_flag 
_chem_comp_atom.pdbx_stereo_config 
_chem_comp_atom.pdbx_ordinal 
ALA N    N N N 1   
ALA CA   C N S 2   
ALA C    C N N 3   
ALA O    O N N 4   
ALA CB   C N N 5   
ALA OXT  O N N 6   
ALA H    H N N 7   
ALA H2   H N N 8   
ALA HA   H N N 9   
ALA HB1  H N N 10  
ALA HB2  H N N 11  
ALA HB3  H N N 12  
ALA HXT  H N N 13  
ARG N    N N N 14  
ARG CA   C N S 15  
ARG C    C N N 16  
ARG O    O N N 17  
ARG CB   C N N 18  
ARG CG   C N N 19  
ARG CD   C N N 20  
ARG NE   N N N 21  
ARG CZ   C N N 22  
ARG NH1  N N N 23  
ARG NH2  N N N 24  
ARG OXT  O N N 25  
ARG H    H N N 26  
ARG H2   H N N 27  
ARG HA   H N N 28  
ARG HB2  H N N 29  
ARG HB3  H N N 30  
ARG HG2  H N N 31  
ARG HG3  H N N 32  
ARG HD2  H N N 33  
ARG HD3  H N N 34  
ARG HE   H N N 35  
ARG HH11 H N N 36  
ARG HH12 H N N 37  
ARG HH21 H N N 38  
ARG HH22 H N N 39  
ARG HXT  H N N 40  
ASN N    N N N 41  
ASN CA   C N S 42  
ASN C    C N N 43  
ASN O    O N N 44  
ASN CB   C N N 45  
ASN CG   C N N 46  
ASN OD1  O N N 47  
ASN ND2  N N N 48  
ASN OXT  O N N 49  
ASN H    H N N 50  
ASN H2   H N N 51  
ASN HA   H N N 52  
ASN HB2  H N N 53  
ASN HB3  H N N 54  
ASN HD21 H N N 55  
ASN HD22 H N N 56  
ASN HXT  H N N 57  
ASP N    N N N 58  
ASP CA   C N S 59  
ASP C    C N N 60  
ASP O    O N N 61  
ASP CB   C N N 62  
ASP CG   C N N 63  
ASP OD1  O N N 64  
ASP OD2  O N N 65  
ASP OXT  O N N 66  
ASP H    H N N 67  
ASP H2   H N N 68  
ASP HA   H N N 69  
ASP HB2  H N N 70  
ASP HB3  H N N 71  
ASP HD2  H N N 72  
ASP HXT  H N N 73  
CYS N    N N N 74  
CYS CA   C N R 75  
CYS C    C N N 76  
CYS O    O N N 77  
CYS CB   C N N 78  
CYS SG   S N N 79  
CYS OXT  O N N 80  
CYS H    H N N 81  
CYS H2   H N N 82  
CYS HA   H N N 83  
CYS HB2  H N N 84  
CYS HB3  H N N 85  
CYS HG   H N N 86  
CYS HXT  H N N 87  
GLN N    N N N 88  
GLN CA   C N S 89  
GLN C    C N N 90  
GLN O    O N N 91  
GLN CB   C N N 92  
GLN CG   C N N 93  
GLN CD   C N N 94  
GLN OE1  O N N 95  
GLN NE2  N N N 96  
GLN OXT  O N N 97  
GLN H    H N N 98  
GLN H2   H N N 99  
GLN HA   H N N 100 
GLN HB2  H N N 101 
GLN HB3  H N N 102 
GLN HG2  H N N 103 
GLN HG3  H N N 104 
GLN HE21 H N N 105 
GLN HE22 H N N 106 
GLN HXT  H N N 107 
GLU N    N N N 108 
GLU CA   C N S 109 
GLU C    C N N 110 
GLU O    O N N 111 
GLU CB   C N N 112 
GLU CG   C N N 113 
GLU CD   C N N 114 
GLU OE1  O N N 115 
GLU OE2  O N N 116 
GLU OXT  O N N 117 
GLU H    H N N 118 
GLU H2   H N N 119 
GLU HA   H N N 120 
GLU HB2  H N N 121 
GLU HB3  H N N 122 
GLU HG2  H N N 123 
GLU HG3  H N N 124 
GLU HE2  H N N 125 
GLU HXT  H N N 126 
GLY N    N N N 127 
GLY CA   C N N 128 
GLY C    C N N 129 
GLY O    O N N 130 
GLY OXT  O N N 131 
GLY H    H N N 132 
GLY H2   H N N 133 
GLY HA2  H N N 134 
GLY HA3  H N N 135 
GLY HXT  H N N 136 
HIS N    N N N 137 
HIS CA   C N S 138 
HIS C    C N N 139 
HIS O    O N N 140 
HIS CB   C N N 141 
HIS CG   C Y N 142 
HIS ND1  N Y N 143 
HIS CD2  C Y N 144 
HIS CE1  C Y N 145 
HIS NE2  N Y N 146 
HIS OXT  O N N 147 
HIS H    H N N 148 
HIS H2   H N N 149 
HIS HA   H N N 150 
HIS HB2  H N N 151 
HIS HB3  H N N 152 
HIS HD1  H N N 153 
HIS HD2  H N N 154 
HIS HE1  H N N 155 
HIS HE2  H N N 156 
HIS HXT  H N N 157 
HOH O    O N N 158 
HOH H1   H N N 159 
HOH H2   H N N 160 
ILE N    N N N 161 
ILE CA   C N S 162 
ILE C    C N N 163 
ILE O    O N N 164 
ILE CB   C N S 165 
ILE CG1  C N N 166 
ILE CG2  C N N 167 
ILE CD1  C N N 168 
ILE OXT  O N N 169 
ILE H    H N N 170 
ILE H2   H N N 171 
ILE HA   H N N 172 
ILE HB   H N N 173 
ILE HG12 H N N 174 
ILE HG13 H N N 175 
ILE HG21 H N N 176 
ILE HG22 H N N 177 
ILE HG23 H N N 178 
ILE HD11 H N N 179 
ILE HD12 H N N 180 
ILE HD13 H N N 181 
ILE HXT  H N N 182 
LEU N    N N N 183 
LEU CA   C N S 184 
LEU C    C N N 185 
LEU O    O N N 186 
LEU CB   C N N 187 
LEU CG   C N N 188 
LEU CD1  C N N 189 
LEU CD2  C N N 190 
LEU OXT  O N N 191 
LEU H    H N N 192 
LEU H2   H N N 193 
LEU HA   H N N 194 
LEU HB2  H N N 195 
LEU HB3  H N N 196 
LEU HG   H N N 197 
LEU HD11 H N N 198 
LEU HD12 H N N 199 
LEU HD13 H N N 200 
LEU HD21 H N N 201 
LEU HD22 H N N 202 
LEU HD23 H N N 203 
LEU HXT  H N N 204 
LYS N    N N N 205 
LYS CA   C N S 206 
LYS C    C N N 207 
LYS O    O N N 208 
LYS CB   C N N 209 
LYS CG   C N N 210 
LYS CD   C N N 211 
LYS CE   C N N 212 
LYS NZ   N N N 213 
LYS OXT  O N N 214 
LYS H    H N N 215 
LYS H2   H N N 216 
LYS HA   H N N 217 
LYS HB2  H N N 218 
LYS HB3  H N N 219 
LYS HG2  H N N 220 
LYS HG3  H N N 221 
LYS HD2  H N N 222 
LYS HD3  H N N 223 
LYS HE2  H N N 224 
LYS HE3  H N N 225 
LYS HZ1  H N N 226 
LYS HZ2  H N N 227 
LYS HZ3  H N N 228 
LYS HXT  H N N 229 
MET N    N N N 230 
MET CA   C N S 231 
MET C    C N N 232 
MET O    O N N 233 
MET CB   C N N 234 
MET CG   C N N 235 
MET SD   S N N 236 
MET CE   C N N 237 
MET OXT  O N N 238 
MET H    H N N 239 
MET H2   H N N 240 
MET HA   H N N 241 
MET HB2  H N N 242 
MET HB3  H N N 243 
MET HG2  H N N 244 
MET HG3  H N N 245 
MET HE1  H N N 246 
MET HE2  H N N 247 
MET HE3  H N N 248 
MET HXT  H N N 249 
PHE N    N N N 250 
PHE CA   C N S 251 
PHE C    C N N 252 
PHE O    O N N 253 
PHE CB   C N N 254 
PHE CG   C Y N 255 
PHE CD1  C Y N 256 
PHE CD2  C Y N 257 
PHE CE1  C Y N 258 
PHE CE2  C Y N 259 
PHE CZ   C Y N 260 
PHE OXT  O N N 261 
PHE H    H N N 262 
PHE H2   H N N 263 
PHE HA   H N N 264 
PHE HB2  H N N 265 
PHE HB3  H N N 266 
PHE HD1  H N N 267 
PHE HD2  H N N 268 
PHE HE1  H N N 269 
PHE HE2  H N N 270 
PHE HZ   H N N 271 
PHE HXT  H N N 272 
PRO N    N N N 273 
PRO CA   C N S 274 
PRO C    C N N 275 
PRO O    O N N 276 
PRO CB   C N N 277 
PRO CG   C N N 278 
PRO CD   C N N 279 
PRO OXT  O N N 280 
PRO H    H N N 281 
PRO HA   H N N 282 
PRO HB2  H N N 283 
PRO HB3  H N N 284 
PRO HG2  H N N 285 
PRO HG3  H N N 286 
PRO HD2  H N N 287 
PRO HD3  H N N 288 
PRO HXT  H N N 289 
SER N    N N N 290 
SER CA   C N S 291 
SER C    C N N 292 
SER O    O N N 293 
SER CB   C N N 294 
SER OG   O N N 295 
SER OXT  O N N 296 
SER H    H N N 297 
SER H2   H N N 298 
SER HA   H N N 299 
SER HB2  H N N 300 
SER HB3  H N N 301 
SER HG   H N N 302 
SER HXT  H N N 303 
THR N    N N N 304 
THR CA   C N S 305 
THR C    C N N 306 
THR O    O N N 307 
THR CB   C N R 308 
THR OG1  O N N 309 
THR CG2  C N N 310 
THR OXT  O N N 311 
THR H    H N N 312 
THR H2   H N N 313 
THR HA   H N N 314 
THR HB   H N N 315 
THR HG1  H N N 316 
THR HG21 H N N 317 
THR HG22 H N N 318 
THR HG23 H N N 319 
THR HXT  H N N 320 
TRP N    N N N 321 
TRP CA   C N S 322 
TRP C    C N N 323 
TRP O    O N N 324 
TRP CB   C N N 325 
TRP CG   C Y N 326 
TRP CD1  C Y N 327 
TRP CD2  C Y N 328 
TRP NE1  N Y N 329 
TRP CE2  C Y N 330 
TRP CE3  C Y N 331 
TRP CZ2  C Y N 332 
TRP CZ3  C Y N 333 
TRP CH2  C Y N 334 
TRP OXT  O N N 335 
TRP H    H N N 336 
TRP H2   H N N 337 
TRP HA   H N N 338 
TRP HB2  H N N 339 
TRP HB3  H N N 340 
TRP HD1  H N N 341 
TRP HE1  H N N 342 
TRP HE3  H N N 343 
TRP HZ2  H N N 344 
TRP HZ3  H N N 345 
TRP HH2  H N N 346 
TRP HXT  H N N 347 
TYR N    N N N 348 
TYR CA   C N S 349 
TYR C    C N N 350 
TYR O    O N N 351 
TYR CB   C N N 352 
TYR CG   C Y N 353 
TYR CD1  C Y N 354 
TYR CD2  C Y N 355 
TYR CE1  C Y N 356 
TYR CE2  C Y N 357 
TYR CZ   C Y N 358 
TYR OH   O N N 359 
TYR OXT  O N N 360 
TYR H    H N N 361 
TYR H2   H N N 362 
TYR HA   H N N 363 
TYR HB2  H N N 364 
TYR HB3  H N N 365 
TYR HD1  H N N 366 
TYR HD2  H N N 367 
TYR HE1  H N N 368 
TYR HE2  H N N 369 
TYR HH   H N N 370 
TYR HXT  H N N 371 
VAL N    N N N 372 
VAL CA   C N S 373 
VAL C    C N N 374 
VAL O    O N N 375 
VAL CB   C N N 376 
VAL CG1  C N N 377 
VAL CG2  C N N 378 
VAL OXT  O N N 379 
VAL H    H N N 380 
VAL H2   H N N 381 
VAL HA   H N N 382 
VAL HB   H N N 383 
VAL HG11 H N N 384 
VAL HG12 H N N 385 
VAL HG13 H N N 386 
VAL HG21 H N N 387 
VAL HG22 H N N 388 
VAL HG23 H N N 389 
VAL HXT  H N N 390 
# 
loop_
_chem_comp_bond.comp_id 
_chem_comp_bond.atom_id_1 
_chem_comp_bond.atom_id_2 
_chem_comp_bond.value_order 
_chem_comp_bond.pdbx_aromatic_flag 
_chem_comp_bond.pdbx_stereo_config 
_chem_comp_bond.pdbx_ordinal 
ALA N   CA   sing N N 1   
ALA N   H    sing N N 2   
ALA N   H2   sing N N 3   
ALA CA  C    sing N N 4   
ALA CA  CB   sing N N 5   
ALA CA  HA   sing N N 6   
ALA C   O    doub N N 7   
ALA C   OXT  sing N N 8   
ALA CB  HB1  sing N N 9   
ALA CB  HB2  sing N N 10  
ALA CB  HB3  sing N N 11  
ALA OXT HXT  sing N N 12  
ARG N   CA   sing N N 13  
ARG N   H    sing N N 14  
ARG N   H2   sing N N 15  
ARG CA  C    sing N N 16  
ARG CA  CB   sing N N 17  
ARG CA  HA   sing N N 18  
ARG C   O    doub N N 19  
ARG C   OXT  sing N N 20  
ARG CB  CG   sing N N 21  
ARG CB  HB2  sing N N 22  
ARG CB  HB3  sing N N 23  
ARG CG  CD   sing N N 24  
ARG CG  HG2  sing N N 25  
ARG CG  HG3  sing N N 26  
ARG CD  NE   sing N N 27  
ARG CD  HD2  sing N N 28  
ARG CD  HD3  sing N N 29  
ARG NE  CZ   sing N N 30  
ARG NE  HE   sing N N 31  
ARG CZ  NH1  sing N N 32  
ARG CZ  NH2  doub N N 33  
ARG NH1 HH11 sing N N 34  
ARG NH1 HH12 sing N N 35  
ARG NH2 HH21 sing N N 36  
ARG NH2 HH22 sing N N 37  
ARG OXT HXT  sing N N 38  
ASN N   CA   sing N N 39  
ASN N   H    sing N N 40  
ASN N   H2   sing N N 41  
ASN CA  C    sing N N 42  
ASN CA  CB   sing N N 43  
ASN CA  HA   sing N N 44  
ASN C   O    doub N N 45  
ASN C   OXT  sing N N 46  
ASN CB  CG   sing N N 47  
ASN CB  HB2  sing N N 48  
ASN CB  HB3  sing N N 49  
ASN CG  OD1  doub N N 50  
ASN CG  ND2  sing N N 51  
ASN ND2 HD21 sing N N 52  
ASN ND2 HD22 sing N N 53  
ASN OXT HXT  sing N N 54  
ASP N   CA   sing N N 55  
ASP N   H    sing N N 56  
ASP N   H2   sing N N 57  
ASP CA  C    sing N N 58  
ASP CA  CB   sing N N 59  
ASP CA  HA   sing N N 60  
ASP C   O    doub N N 61  
ASP C   OXT  sing N N 62  
ASP CB  CG   sing N N 63  
ASP CB  HB2  sing N N 64  
ASP CB  HB3  sing N N 65  
ASP CG  OD1  doub N N 66  
ASP CG  OD2  sing N N 67  
ASP OD2 HD2  sing N N 68  
ASP OXT HXT  sing N N 69  
CYS N   CA   sing N N 70  
CYS N   H    sing N N 71  
CYS N   H2   sing N N 72  
CYS CA  C    sing N N 73  
CYS CA  CB   sing N N 74  
CYS CA  HA   sing N N 75  
CYS C   O    doub N N 76  
CYS C   OXT  sing N N 77  
CYS CB  SG   sing N N 78  
CYS CB  HB2  sing N N 79  
CYS CB  HB3  sing N N 80  
CYS SG  HG   sing N N 81  
CYS OXT HXT  sing N N 82  
GLN N   CA   sing N N 83  
GLN N   H    sing N N 84  
GLN N   H2   sing N N 85  
GLN CA  C    sing N N 86  
GLN CA  CB   sing N N 87  
GLN CA  HA   sing N N 88  
GLN C   O    doub N N 89  
GLN C   OXT  sing N N 90  
GLN CB  CG   sing N N 91  
GLN CB  HB2  sing N N 92  
GLN CB  HB3  sing N N 93  
GLN CG  CD   sing N N 94  
GLN CG  HG2  sing N N 95  
GLN CG  HG3  sing N N 96  
GLN CD  OE1  doub N N 97  
GLN CD  NE2  sing N N 98  
GLN NE2 HE21 sing N N 99  
GLN NE2 HE22 sing N N 100 
GLN OXT HXT  sing N N 101 
GLU N   CA   sing N N 102 
GLU N   H    sing N N 103 
GLU N   H2   sing N N 104 
GLU CA  C    sing N N 105 
GLU CA  CB   sing N N 106 
GLU CA  HA   sing N N 107 
GLU C   O    doub N N 108 
GLU C   OXT  sing N N 109 
GLU CB  CG   sing N N 110 
GLU CB  HB2  sing N N 111 
GLU CB  HB3  sing N N 112 
GLU CG  CD   sing N N 113 
GLU CG  HG2  sing N N 114 
GLU CG  HG3  sing N N 115 
GLU CD  OE1  doub N N 116 
GLU CD  OE2  sing N N 117 
GLU OE2 HE2  sing N N 118 
GLU OXT HXT  sing N N 119 
GLY N   CA   sing N N 120 
GLY N   H    sing N N 121 
GLY N   H2   sing N N 122 
GLY CA  C    sing N N 123 
GLY CA  HA2  sing N N 124 
GLY CA  HA3  sing N N 125 
GLY C   O    doub N N 126 
GLY C   OXT  sing N N 127 
GLY OXT HXT  sing N N 128 
HIS N   CA   sing N N 129 
HIS N   H    sing N N 130 
HIS N   H2   sing N N 131 
HIS CA  C    sing N N 132 
HIS CA  CB   sing N N 133 
HIS CA  HA   sing N N 134 
HIS C   O    doub N N 135 
HIS C   OXT  sing N N 136 
HIS CB  CG   sing N N 137 
HIS CB  HB2  sing N N 138 
HIS CB  HB3  sing N N 139 
HIS CG  ND1  sing Y N 140 
HIS CG  CD2  doub Y N 141 
HIS ND1 CE1  doub Y N 142 
HIS ND1 HD1  sing N N 143 
HIS CD2 NE2  sing Y N 144 
HIS CD2 HD2  sing N N 145 
HIS CE1 NE2  sing Y N 146 
HIS CE1 HE1  sing N N 147 
HIS NE2 HE2  sing N N 148 
HIS OXT HXT  sing N N 149 
HOH O   H1   sing N N 150 
HOH O   H2   sing N N 151 
ILE N   CA   sing N N 152 
ILE N   H    sing N N 153 
ILE N   H2   sing N N 154 
ILE CA  C    sing N N 155 
ILE CA  CB   sing N N 156 
ILE CA  HA   sing N N 157 
ILE C   O    doub N N 158 
ILE C   OXT  sing N N 159 
ILE CB  CG1  sing N N 160 
ILE CB  CG2  sing N N 161 
ILE CB  HB   sing N N 162 
ILE CG1 CD1  sing N N 163 
ILE CG1 HG12 sing N N 164 
ILE CG1 HG13 sing N N 165 
ILE CG2 HG21 sing N N 166 
ILE CG2 HG22 sing N N 167 
ILE CG2 HG23 sing N N 168 
ILE CD1 HD11 sing N N 169 
ILE CD1 HD12 sing N N 170 
ILE CD1 HD13 sing N N 171 
ILE OXT HXT  sing N N 172 
LEU N   CA   sing N N 173 
LEU N   H    sing N N 174 
LEU N   H2   sing N N 175 
LEU CA  C    sing N N 176 
LEU CA  CB   sing N N 177 
LEU CA  HA   sing N N 178 
LEU C   O    doub N N 179 
LEU C   OXT  sing N N 180 
LEU CB  CG   sing N N 181 
LEU CB  HB2  sing N N 182 
LEU CB  HB3  sing N N 183 
LEU CG  CD1  sing N N 184 
LEU CG  CD2  sing N N 185 
LEU CG  HG   sing N N 186 
LEU CD1 HD11 sing N N 187 
LEU CD1 HD12 sing N N 188 
LEU CD1 HD13 sing N N 189 
LEU CD2 HD21 sing N N 190 
LEU CD2 HD22 sing N N 191 
LEU CD2 HD23 sing N N 192 
LEU OXT HXT  sing N N 193 
LYS N   CA   sing N N 194 
LYS N   H    sing N N 195 
LYS N   H2   sing N N 196 
LYS CA  C    sing N N 197 
LYS CA  CB   sing N N 198 
LYS CA  HA   sing N N 199 
LYS C   O    doub N N 200 
LYS C   OXT  sing N N 201 
LYS CB  CG   sing N N 202 
LYS CB  HB2  sing N N 203 
LYS CB  HB3  sing N N 204 
LYS CG  CD   sing N N 205 
LYS CG  HG2  sing N N 206 
LYS CG  HG3  sing N N 207 
LYS CD  CE   sing N N 208 
LYS CD  HD2  sing N N 209 
LYS CD  HD3  sing N N 210 
LYS CE  NZ   sing N N 211 
LYS CE  HE2  sing N N 212 
LYS CE  HE3  sing N N 213 
LYS NZ  HZ1  sing N N 214 
LYS NZ  HZ2  sing N N 215 
LYS NZ  HZ3  sing N N 216 
LYS OXT HXT  sing N N 217 
MET N   CA   sing N N 218 
MET N   H    sing N N 219 
MET N   H2   sing N N 220 
MET CA  C    sing N N 221 
MET CA  CB   sing N N 222 
MET CA  HA   sing N N 223 
MET C   O    doub N N 224 
MET C   OXT  sing N N 225 
MET CB  CG   sing N N 226 
MET CB  HB2  sing N N 227 
MET CB  HB3  sing N N 228 
MET CG  SD   sing N N 229 
MET CG  HG2  sing N N 230 
MET CG  HG3  sing N N 231 
MET SD  CE   sing N N 232 
MET CE  HE1  sing N N 233 
MET CE  HE2  sing N N 234 
MET CE  HE3  sing N N 235 
MET OXT HXT  sing N N 236 
PHE N   CA   sing N N 237 
PHE N   H    sing N N 238 
PHE N   H2   sing N N 239 
PHE CA  C    sing N N 240 
PHE CA  CB   sing N N 241 
PHE CA  HA   sing N N 242 
PHE C   O    doub N N 243 
PHE C   OXT  sing N N 244 
PHE CB  CG   sing N N 245 
PHE CB  HB2  sing N N 246 
PHE CB  HB3  sing N N 247 
PHE CG  CD1  doub Y N 248 
PHE CG  CD2  sing Y N 249 
PHE CD1 CE1  sing Y N 250 
PHE CD1 HD1  sing N N 251 
PHE CD2 CE2  doub Y N 252 
PHE CD2 HD2  sing N N 253 
PHE CE1 CZ   doub Y N 254 
PHE CE1 HE1  sing N N 255 
PHE CE2 CZ   sing Y N 256 
PHE CE2 HE2  sing N N 257 
PHE CZ  HZ   sing N N 258 
PHE OXT HXT  sing N N 259 
PRO N   CA   sing N N 260 
PRO N   CD   sing N N 261 
PRO N   H    sing N N 262 
PRO CA  C    sing N N 263 
PRO CA  CB   sing N N 264 
PRO CA  HA   sing N N 265 
PRO C   O    doub N N 266 
PRO C   OXT  sing N N 267 
PRO CB  CG   sing N N 268 
PRO CB  HB2  sing N N 269 
PRO CB  HB3  sing N N 270 
PRO CG  CD   sing N N 271 
PRO CG  HG2  sing N N 272 
PRO CG  HG3  sing N N 273 
PRO CD  HD2  sing N N 274 
PRO CD  HD3  sing N N 275 
PRO OXT HXT  sing N N 276 
SER N   CA   sing N N 277 
SER N   H    sing N N 278 
SER N   H2   sing N N 279 
SER CA  C    sing N N 280 
SER CA  CB   sing N N 281 
SER CA  HA   sing N N 282 
SER C   O    doub N N 283 
SER C   OXT  sing N N 284 
SER CB  OG   sing N N 285 
SER CB  HB2  sing N N 286 
SER CB  HB3  sing N N 287 
SER OG  HG   sing N N 288 
SER OXT HXT  sing N N 289 
THR N   CA   sing N N 290 
THR N   H    sing N N 291 
THR N   H2   sing N N 292 
THR CA  C    sing N N 293 
THR CA  CB   sing N N 294 
THR CA  HA   sing N N 295 
THR C   O    doub N N 296 
THR C   OXT  sing N N 297 
THR CB  OG1  sing N N 298 
THR CB  CG2  sing N N 299 
THR CB  HB   sing N N 300 
THR OG1 HG1  sing N N 301 
THR CG2 HG21 sing N N 302 
THR CG2 HG22 sing N N 303 
THR CG2 HG23 sing N N 304 
THR OXT HXT  sing N N 305 
TRP N   CA   sing N N 306 
TRP N   H    sing N N 307 
TRP N   H2   sing N N 308 
TRP CA  C    sing N N 309 
TRP CA  CB   sing N N 310 
TRP CA  HA   sing N N 311 
TRP C   O    doub N N 312 
TRP C   OXT  sing N N 313 
TRP CB  CG   sing N N 314 
TRP CB  HB2  sing N N 315 
TRP CB  HB3  sing N N 316 
TRP CG  CD1  doub Y N 317 
TRP CG  CD2  sing Y N 318 
TRP CD1 NE1  sing Y N 319 
TRP CD1 HD1  sing N N 320 
TRP CD2 CE2  doub Y N 321 
TRP CD2 CE3  sing Y N 322 
TRP NE1 CE2  sing Y N 323 
TRP NE1 HE1  sing N N 324 
TRP CE2 CZ2  sing Y N 325 
TRP CE3 CZ3  doub Y N 326 
TRP CE3 HE3  sing N N 327 
TRP CZ2 CH2  doub Y N 328 
TRP CZ2 HZ2  sing N N 329 
TRP CZ3 CH2  sing Y N 330 
TRP CZ3 HZ3  sing N N 331 
TRP CH2 HH2  sing N N 332 
TRP OXT HXT  sing N N 333 
TYR N   CA   sing N N 334 
TYR N   H    sing N N 335 
TYR N   H2   sing N N 336 
TYR CA  C    sing N N 337 
TYR CA  CB   sing N N 338 
TYR CA  HA   sing N N 339 
TYR C   O    doub N N 340 
TYR C   OXT  sing N N 341 
TYR CB  CG   sing N N 342 
TYR CB  HB2  sing N N 343 
TYR CB  HB3  sing N N 344 
TYR CG  CD1  doub Y N 345 
TYR CG  CD2  sing Y N 346 
TYR CD1 CE1  sing Y N 347 
TYR CD1 HD1  sing N N 348 
TYR CD2 CE2  doub Y N 349 
TYR CD2 HD2  sing N N 350 
TYR CE1 CZ   doub Y N 351 
TYR CE1 HE1  sing N N 352 
TYR CE2 CZ   sing Y N 353 
TYR CE2 HE2  sing N N 354 
TYR CZ  OH   sing N N 355 
TYR OH  HH   sing N N 356 
TYR OXT HXT  sing N N 357 
VAL N   CA   sing N N 358 
VAL N   H    sing N N 359 
VAL N   H2   sing N N 360 
VAL CA  C    sing N N 361 
VAL CA  CB   sing N N 362 
VAL CA  HA   sing N N 363 
VAL C   O    doub N N 364 
VAL C   OXT  sing N N 365 
VAL CB  CG1  sing N N 366 
VAL CB  CG2  sing N N 367 
VAL CB  HB   sing N N 368 
VAL CG1 HG11 sing N N 369 
VAL CG1 HG12 sing N N 370 
VAL CG1 HG13 sing N N 371 
VAL CG2 HG21 sing N N 372 
VAL CG2 HG22 sing N N 373 
VAL CG2 HG23 sing N N 374 
VAL OXT HXT  sing N N 375 
# 
_pdbx_entity_nonpoly.entity_id   2 
_pdbx_entity_nonpoly.name        water 
_pdbx_entity_nonpoly.comp_id     HOH 
# 
_pdbx_initial_refinement_model.id               1 
_pdbx_initial_refinement_model.entity_id_list   ? 
_pdbx_initial_refinement_model.type             'experimental model' 
_pdbx_initial_refinement_model.source_name      PDB 
_pdbx_initial_refinement_model.accession_code   2B0V 
_pdbx_initial_refinement_model.details          'PDB ENTRY 2B0V' 
# 
